data_5CVO
#
_entry.id   5CVO
#
_cell.length_a   211.342
_cell.length_b   103.764
_cell.length_c   190.954
_cell.angle_alpha   90.00
_cell.angle_beta   119.03
_cell.angle_gamma   90.00
#
_symmetry.space_group_name_H-M   'C 1 2 1'
#
loop_
_entity.id
_entity.type
_entity.pdbx_description
1 polymer 'WD repeat-containing protein 48'
2 polymer 'Ubiquitin carboxyl-terminal hydrolase 46'
3 polymer Polyubiquitin-B
4 non-polymer 'ZINC ION'
#
loop_
_entity_poly.entity_id
_entity_poly.type
_entity_poly.pdbx_seq_one_letter_code
_entity_poly.pdbx_strand_id
1 'polypeptide(L)'
;MAAHHRQNTAGRRKVQVSYVIRDEVEKYNRNGVNALQLDPALNRLFTAGRDSIIRIWSVNQHKQDPYIASMEHHTDWVND
IVLCCNGKTLISASSDTTVKVWNAHKGFCMSTLRTHKDYVKALAYAKDKELVASAGLDRQIFLWDVNTLTALTASNNTVT
TSSLSGNKDSIYSLAMNQLGTIIVSGSTEKVLRVWDPRTCAKLMKLKGHTDNVKALLLNRDGTQCLSGSSDGTIRLWSLG
QQRCIATYRVHDEGVWALQVNDAFTHVYSGGRDRKIYCTDLRNPDIRVLICEEKAPVLKMELDRSADPPPAIWVATTKST
VNKWTLKGIHNFRASGDYDNDCTNPITPLCTQPDQVIKGGASIIQCHILNDKRHILTKDTNNNVAYWDVLKACKVEDLGK
VDFEDEIKKRFKMVYVPNWFSVDLKTGMLTITLDESDCFAAWVSAKDAGFSSPDGSDPKLNLGGLLLQALLEYWPRTHVN
PMDEEENEVNHVNGEQENRVQKGNGYFQVPPHTPVIFGEAGGRTLFRLLCRDSGGETESMLLNETVPQWVIDITVDKNMP
KF(UNK)(UNK)(UNK)(UNK)(UNK)(UNK)(UNK)(UNK)(UNK)(UNK)(UNK)(UNK)(UNK)(UNK)(UNK)
(UNK)(UNK)(UNK)(UNK)(UNK)(UNK)(UNK)(UNK)(UNK)(UNK)(UNK)(UNK)(UNK)(UNK)(UNK)(UNK)
(UNK)(UNK)(UNK)(UNK)(UNK)(UNK)(UNK)(UNK)(UNK)(UNK)(UNK)(UNK)(UNK)(UNK)(UNK)(UNK)
(UNK)(UNK)(UNK)(UNK)(UNK)(UNK)(UNK)(UNK)(UNK)(UNK)(UNK)(UNK)(UNK)(UNK)(UNK)(UNK)
(UNK)(UNK)(UNK)(UNK)(UNK)(UNK)(UNK)(UNK)(UNK)(UNK)(UNK)(UNK)(UNK)(UNK)(UNK)(UNK)
(UNK)(UNK)(UNK)(UNK)(UNK)(UNK)(UNK)(UNK)(UNK)(UNK)(UNK)(UNK)(UNK)(UNK)(UNK)(UNK)
(UNK)(UNK)(UNK)(UNK)(UNK)(UNK)(UNK)(UNK)(UNK)(UNK)(UNK)(UNK)(UNK)(UNK)(UNK)(UNK)
(UNK)(UNK)(UNK)(UNK)
;
A,D
2 'polypeptide(L)'
;MHHHHHHGENLYFQGSPEQFPINEHYFGLVNFGNTCYCNSVLQALYFCRPFRENVLAYKAQQKKKENLLTCLADLFHSIA
TQKKKVGVIPPKKFISRLRKENDLFDNYMQQDAHEFLNYLLNTIADILQEEKKQEKQNGKLKNGNMNEPAENNKPELTWV
HEIFQGTLTNETRCLNCETVSSKDEDFLDLSVDVEQNTSITHCLRDFSNTETLCSEQKYYCETCCSKQEAQKRMRVKKLP
MILALHLKRFKYMEQLHRYTKLSYRVVFPLELRLFNTSSDAVNLDRMYDLVAVVVHCGSGPNRGHYITIVKSHGFWLLFD
DDIVEKIDAQAIEEFYGLTSDISKNSESGYILFYQSRE
;
B,E
3 'polypeptide(L)'
;MGSSHHHHHHSSGLVPRGSHMQIFVKTLTGKTITLEVEPSDTIENVKAKIQDKEGIPPDQQRLIFAGKQLEDGRTLSDYN
IQKESTLHLVLRLRGG
;
C,F
#
# COMPACT_ATOMS: atom_id res chain seq x y z
N ARG A 13 1.53 -47.39 10.57
CA ARG A 13 0.76 -47.36 11.80
C ARG A 13 1.57 -47.95 12.95
N LYS A 14 1.67 -47.20 14.04
CA LYS A 14 2.35 -47.65 15.25
C LYS A 14 1.57 -48.76 15.95
N VAL A 15 2.29 -49.54 16.77
CA VAL A 15 1.70 -50.69 17.45
C VAL A 15 1.62 -50.49 18.97
N GLN A 16 0.51 -50.95 19.55
CA GLN A 16 0.25 -50.83 20.97
C GLN A 16 0.07 -52.19 21.65
N VAL A 17 0.75 -52.32 22.78
CA VAL A 17 0.67 -53.50 23.64
C VAL A 17 -0.45 -53.29 24.64
N SER A 18 -1.39 -54.21 24.72
CA SER A 18 -2.47 -54.09 25.70
C SER A 18 -2.77 -55.39 26.43
N TYR A 19 -3.40 -55.29 27.59
CA TYR A 19 -3.72 -56.49 28.37
C TYR A 19 -5.03 -56.33 29.11
N VAL A 20 -5.63 -57.46 29.49
CA VAL A 20 -6.91 -57.48 30.15
C VAL A 20 -6.83 -57.97 31.60
N ILE A 21 -7.39 -57.20 32.52
CA ILE A 21 -7.45 -57.62 33.92
C ILE A 21 -8.73 -58.42 34.11
N ARG A 22 -8.58 -59.72 34.22
CA ARG A 22 -9.73 -60.62 34.31
C ARG A 22 -9.40 -61.92 35.01
N ASP A 23 -10.40 -62.79 35.10
CA ASP A 23 -10.24 -64.10 35.72
C ASP A 23 -9.79 -65.11 34.66
N GLU A 24 -9.26 -66.24 35.13
CA GLU A 24 -8.82 -67.33 34.26
C GLU A 24 -9.90 -67.72 33.26
N VAL A 25 -11.13 -67.79 33.76
CA VAL A 25 -12.29 -68.15 32.94
C VAL A 25 -13.42 -67.15 33.24
N GLU A 26 -14.01 -66.61 32.19
CA GLU A 26 -15.17 -65.72 32.30
C GLU A 26 -16.36 -66.48 31.77
N LYS A 27 -16.88 -67.31 32.65
CA LYS A 27 -18.00 -68.21 32.40
C LYS A 27 -19.26 -67.52 31.86
N TYR A 28 -19.58 -66.33 32.36
CA TYR A 28 -20.80 -65.66 31.93
C TYR A 28 -20.46 -64.41 31.10
N ASN A 29 -21.39 -63.95 30.25
CA ASN A 29 -21.11 -62.77 29.42
C ASN A 29 -20.90 -61.54 30.27
N ARG A 30 -19.81 -60.82 30.02
CA ARG A 30 -19.50 -59.65 30.80
C ARG A 30 -19.91 -58.29 30.19
N ASN A 31 -20.62 -58.27 29.06
CA ASN A 31 -21.09 -56.98 28.51
C ASN A 31 -22.30 -56.97 27.57
N GLY A 32 -23.03 -58.07 27.54
CA GLY A 32 -24.23 -58.20 26.72
C GLY A 32 -23.98 -58.86 25.38
N VAL A 33 -25.07 -59.37 24.80
CA VAL A 33 -25.03 -60.07 23.52
C VAL A 33 -25.54 -59.35 22.29
N ASN A 34 -24.70 -59.30 21.26
CA ASN A 34 -25.01 -58.60 20.04
C ASN A 34 -25.81 -59.46 19.04
N ALA A 35 -25.50 -60.76 19.01
CA ALA A 35 -26.07 -61.69 18.02
C ALA A 35 -26.31 -63.11 18.56
N LEU A 36 -27.38 -63.78 18.10
CA LEU A 36 -27.70 -65.16 18.54
C LEU A 36 -27.83 -66.16 17.37
N GLN A 37 -27.46 -67.41 17.65
CA GLN A 37 -27.48 -68.52 16.69
C GLN A 37 -27.74 -69.90 17.32
N LEU A 38 -28.89 -70.46 16.98
CA LEU A 38 -29.36 -71.74 17.52
C LEU A 38 -29.17 -72.95 16.61
N ASP A 39 -28.66 -74.03 17.20
CA ASP A 39 -28.45 -75.30 16.52
C ASP A 39 -29.50 -76.31 16.99
N PRO A 40 -30.50 -76.58 16.14
CA PRO A 40 -31.59 -77.50 16.53
C PRO A 40 -31.17 -78.98 16.58
N ALA A 41 -30.21 -79.38 15.76
CA ALA A 41 -29.71 -80.77 15.77
C ALA A 41 -29.13 -81.22 17.12
N LEU A 42 -28.25 -80.39 17.70
CA LEU A 42 -27.62 -80.70 18.97
C LEU A 42 -28.23 -79.93 20.15
N ASN A 43 -29.28 -79.15 19.89
CA ASN A 43 -29.93 -78.32 20.90
C ASN A 43 -28.96 -77.38 21.63
N ARG A 44 -28.10 -76.72 20.87
CA ARG A 44 -27.08 -75.82 21.40
C ARG A 44 -27.31 -74.37 20.93
N LEU A 45 -27.14 -73.42 21.84
CA LEU A 45 -27.25 -71.99 21.54
C LEU A 45 -25.89 -71.29 21.54
N PHE A 46 -25.72 -70.35 20.61
CA PHE A 46 -24.49 -69.57 20.50
C PHE A 46 -24.71 -68.08 20.75
N THR A 47 -24.04 -67.55 21.77
CA THR A 47 -24.14 -66.12 22.07
C THR A 47 -22.86 -65.39 21.70
N ALA A 48 -23.00 -64.30 20.95
CA ALA A 48 -21.88 -63.44 20.59
C ALA A 48 -21.85 -62.26 21.55
N GLY A 49 -20.74 -62.13 22.27
CA GLY A 49 -20.61 -61.12 23.31
C GLY A 49 -19.89 -59.85 22.94
N ARG A 50 -20.24 -58.77 23.64
CA ARG A 50 -19.56 -57.49 23.49
C ARG A 50 -18.24 -57.55 24.25
N ASP A 51 -18.11 -58.59 25.06
CA ASP A 51 -16.90 -58.88 25.81
C ASP A 51 -15.86 -59.56 24.91
N SER A 52 -16.20 -59.70 23.63
CA SER A 52 -15.33 -60.28 22.57
C SER A 52 -15.24 -61.81 22.62
N ILE A 53 -16.14 -62.43 23.38
CA ILE A 53 -16.12 -63.89 23.52
C ILE A 53 -17.46 -64.50 23.12
N ILE A 54 -17.41 -65.50 22.24
CA ILE A 54 -18.61 -66.27 21.90
C ILE A 54 -18.76 -67.41 22.89
N ARG A 55 -19.98 -67.67 23.34
CA ARG A 55 -20.20 -68.77 24.29
C ARG A 55 -21.25 -69.77 23.82
N ILE A 56 -21.03 -71.03 24.19
CA ILE A 56 -21.95 -72.12 23.87
C ILE A 56 -22.77 -72.59 25.07
N TRP A 57 -24.07 -72.75 24.84
CA TRP A 57 -24.98 -73.17 25.90
C TRP A 57 -25.86 -74.33 25.47
N SER A 58 -26.33 -75.05 26.47
CA SER A 58 -27.23 -76.18 26.32
C SER A 58 -28.62 -75.75 26.74
N VAL A 59 -29.58 -75.82 25.83
CA VAL A 59 -30.92 -75.31 26.12
C VAL A 59 -31.92 -76.45 26.32
N ASN A 60 -31.41 -77.53 26.90
CA ASN A 60 -32.21 -78.70 27.26
C ASN A 60 -33.29 -78.38 28.28
N GLN A 61 -33.06 -77.28 29.01
CA GLN A 61 -33.95 -76.75 30.05
C GLN A 61 -33.63 -77.37 31.41
N HIS A 62 -33.09 -78.58 31.43
CA HIS A 62 -32.82 -79.21 32.72
C HIS A 62 -31.34 -79.48 32.96
N LYS A 63 -30.66 -78.45 33.48
CA LYS A 63 -29.24 -78.49 33.80
C LYS A 63 -28.99 -77.28 34.68
N GLN A 64 -28.25 -77.46 35.78
CA GLN A 64 -27.99 -76.34 36.67
C GLN A 64 -27.11 -75.27 36.05
N ASP A 65 -26.24 -75.71 35.15
CA ASP A 65 -25.33 -74.81 34.45
C ASP A 65 -25.25 -75.20 32.98
N PRO A 66 -25.71 -74.31 32.08
CA PRO A 66 -25.70 -74.65 30.66
C PRO A 66 -24.38 -74.31 29.96
N TYR A 67 -23.45 -73.67 30.68
CA TYR A 67 -22.16 -73.28 30.10
C TYR A 67 -21.40 -74.49 29.60
N ILE A 68 -21.02 -74.43 28.33
CA ILE A 68 -20.27 -75.50 27.70
C ILE A 68 -18.84 -75.06 27.49
N ALA A 69 -18.66 -74.03 26.67
CA ALA A 69 -17.34 -73.51 26.35
C ALA A 69 -17.41 -72.05 25.92
N SER A 70 -16.25 -71.42 25.88
CA SER A 70 -16.12 -70.04 25.45
C SER A 70 -14.93 -69.84 24.49
N MET A 71 -15.23 -69.18 23.37
CA MET A 71 -14.32 -68.92 22.25
C MET A 71 -13.85 -67.47 22.28
N GLU A 72 -12.56 -67.29 22.54
CA GLU A 72 -11.98 -65.97 22.85
C GLU A 72 -11.03 -65.26 21.86
N HIS A 73 -10.81 -65.79 20.66
CA HIS A 73 -9.88 -65.15 19.71
C HIS A 73 -10.09 -63.66 19.39
N HIS A 74 -11.34 -63.18 19.37
CA HIS A 74 -11.61 -61.78 19.05
C HIS A 74 -11.18 -60.80 20.14
N THR A 75 -10.79 -59.61 19.71
CA THR A 75 -10.29 -58.60 20.63
C THR A 75 -11.29 -57.45 20.79
N ASP A 76 -12.38 -57.49 20.03
CA ASP A 76 -13.45 -56.48 20.16
C ASP A 76 -14.85 -57.07 20.04
N TRP A 77 -15.85 -56.19 20.03
CA TRP A 77 -17.25 -56.60 19.93
C TRP A 77 -17.44 -57.64 18.86
N VAL A 78 -18.33 -58.58 19.11
CA VAL A 78 -18.69 -59.55 18.11
C VAL A 78 -20.09 -59.17 17.64
N ASN A 79 -20.17 -58.54 16.49
CA ASN A 79 -21.42 -57.98 15.98
C ASN A 79 -22.39 -59.04 15.43
N ASP A 80 -21.87 -60.03 14.71
CA ASP A 80 -22.72 -61.09 14.18
C ASP A 80 -22.06 -62.47 14.17
N ILE A 81 -22.89 -63.51 14.22
CA ILE A 81 -22.43 -64.91 14.12
C ILE A 81 -23.33 -65.70 13.16
N VAL A 82 -22.72 -66.63 12.42
CA VAL A 82 -23.44 -67.48 11.48
C VAL A 82 -23.08 -68.97 11.61
N LEU A 83 -24.11 -69.78 11.84
CA LEU A 83 -23.95 -71.24 11.95
C LEU A 83 -24.32 -71.93 10.64
N CYS A 84 -23.29 -72.39 9.96
CA CYS A 84 -23.35 -73.07 8.66
C CYS A 84 -22.94 -74.55 8.64
N CYS A 85 -22.97 -75.08 7.42
CA CYS A 85 -22.67 -76.46 7.05
C CYS A 85 -23.44 -77.57 7.76
N ASN A 86 -24.76 -77.44 7.69
CA ASN A 86 -25.71 -78.38 8.27
C ASN A 86 -25.43 -78.86 9.68
N GLY A 87 -25.03 -77.98 10.57
CA GLY A 87 -24.84 -78.43 11.93
C GLY A 87 -23.99 -77.51 12.75
N LYS A 88 -22.69 -77.44 12.45
CA LYS A 88 -21.86 -76.59 13.28
C LYS A 88 -20.52 -76.16 12.66
N THR A 89 -20.44 -74.87 12.37
CA THR A 89 -19.33 -74.19 11.69
C THR A 89 -19.67 -72.71 11.88
N LEU A 90 -19.28 -72.16 13.02
CA LEU A 90 -19.48 -70.73 13.31
C LEU A 90 -18.56 -69.70 12.63
N ILE A 91 -19.20 -68.72 11.97
CA ILE A 91 -18.53 -67.58 11.34
C ILE A 91 -18.82 -66.35 12.17
N SER A 92 -17.82 -65.54 12.47
CA SER A 92 -18.08 -64.35 13.28
C SER A 92 -17.53 -63.07 12.65
N ALA A 93 -18.24 -61.97 12.93
CA ALA A 93 -17.95 -60.62 12.47
C ALA A 93 -17.66 -59.77 13.71
N SER A 94 -16.58 -58.99 13.69
CA SER A 94 -16.17 -58.23 14.88
C SER A 94 -15.73 -56.79 14.64
N SER A 95 -15.81 -55.98 15.70
CA SER A 95 -15.35 -54.60 15.65
C SER A 95 -13.81 -54.51 15.68
N ASP A 96 -13.13 -55.65 15.77
CA ASP A 96 -11.66 -55.68 15.68
C ASP A 96 -11.23 -55.69 14.20
N THR A 97 -12.23 -55.56 13.33
CA THR A 97 -12.11 -55.48 11.86
C THR A 97 -11.84 -56.82 11.17
N THR A 98 -11.98 -57.91 11.91
CA THR A 98 -11.66 -59.21 11.33
C THR A 98 -12.88 -60.13 11.28
N VAL A 99 -12.77 -61.13 10.42
CA VAL A 99 -13.82 -62.16 10.29
C VAL A 99 -13.23 -63.50 10.66
N LYS A 100 -13.83 -64.23 11.58
CA LYS A 100 -13.21 -65.50 11.95
C LYS A 100 -14.06 -66.73 11.72
N VAL A 101 -13.39 -67.75 11.19
CA VAL A 101 -14.00 -69.04 10.90
C VAL A 101 -13.67 -70.02 12.01
N TRP A 102 -14.69 -70.73 12.51
CA TRP A 102 -14.46 -71.62 13.65
C TRP A 102 -15.00 -73.02 13.44
N ASN A 103 -14.26 -74.00 13.97
CA ASN A 103 -14.74 -75.36 14.02
C ASN A 103 -15.66 -75.30 15.22
N ALA A 104 -16.95 -75.31 14.95
CA ALA A 104 -17.98 -75.14 15.97
C ALA A 104 -18.14 -76.31 16.96
N HIS A 105 -17.88 -77.53 16.51
CA HIS A 105 -18.01 -78.70 17.38
C HIS A 105 -16.92 -78.72 18.45
N LYS A 106 -15.68 -78.53 18.02
CA LYS A 106 -14.53 -78.58 18.92
C LYS A 106 -14.20 -77.19 19.48
N GLY A 107 -14.79 -76.15 18.89
CA GLY A 107 -14.65 -74.81 19.40
C GLY A 107 -13.32 -74.07 19.30
N PHE A 108 -12.78 -73.93 18.09
CA PHE A 108 -11.52 -73.21 17.93
C PHE A 108 -11.49 -72.45 16.60
N CYS A 109 -10.65 -71.43 16.54
CA CYS A 109 -10.51 -70.61 15.35
C CYS A 109 -9.72 -71.36 14.29
N MET A 110 -10.13 -71.21 13.03
CA MET A 110 -9.45 -71.88 11.92
C MET A 110 -8.74 -70.84 11.09
N SER A 111 -9.48 -69.88 10.59
CA SER A 111 -8.86 -68.84 9.78
C SER A 111 -9.40 -67.49 10.15
N THR A 112 -8.62 -66.47 9.85
CA THR A 112 -8.98 -65.08 10.11
C THR A 112 -8.84 -64.26 8.83
N LEU A 113 -9.98 -63.79 8.33
CA LEU A 113 -10.03 -62.93 7.16
C LEU A 113 -9.83 -61.48 7.60
N ARG A 114 -8.74 -60.87 7.13
CA ARG A 114 -8.39 -59.53 7.54
C ARG A 114 -8.62 -58.59 6.38
N THR A 115 -9.57 -58.98 5.55
CA THR A 115 -9.94 -58.27 4.33
C THR A 115 -10.66 -56.95 4.66
N HIS A 116 -11.50 -56.97 5.68
CA HIS A 116 -12.23 -55.77 6.11
C HIS A 116 -11.30 -54.75 6.75
N LYS A 117 -11.57 -53.48 6.44
CA LYS A 117 -10.78 -52.36 6.94
C LYS A 117 -11.32 -51.64 8.19
N ASP A 118 -12.63 -51.79 8.45
CA ASP A 118 -13.29 -51.19 9.61
C ASP A 118 -14.10 -52.25 10.36
N TYR A 119 -14.88 -51.82 11.37
CA TYR A 119 -15.71 -52.75 12.14
C TYR A 119 -16.54 -53.62 11.19
N VAL A 120 -16.71 -54.90 11.53
CA VAL A 120 -17.55 -55.76 10.71
C VAL A 120 -18.87 -55.93 11.44
N LYS A 121 -19.91 -55.33 10.89
CA LYS A 121 -21.19 -55.26 11.59
C LYS A 121 -22.19 -56.38 11.29
N ALA A 122 -22.25 -56.87 10.05
CA ALA A 122 -23.22 -57.92 9.78
C ALA A 122 -22.77 -59.05 8.83
N LEU A 123 -23.45 -60.19 8.96
CA LEU A 123 -23.24 -61.38 8.14
C LEU A 123 -24.53 -61.97 7.56
N ALA A 124 -24.51 -62.41 6.31
CA ALA A 124 -25.68 -63.06 5.70
C ALA A 124 -25.31 -64.48 5.25
N TYR A 125 -26.26 -65.41 5.25
CA TYR A 125 -25.91 -66.80 4.90
C TYR A 125 -26.92 -67.53 4.03
N ALA A 126 -26.42 -68.11 2.96
CA ALA A 126 -27.20 -68.90 2.01
C ALA A 126 -27.03 -70.42 2.20
N LYS A 127 -27.79 -70.99 3.15
CA LYS A 127 -27.75 -72.42 3.48
C LYS A 127 -27.59 -73.38 2.33
N ASP A 128 -28.51 -73.28 1.38
CA ASP A 128 -28.50 -74.16 0.21
C ASP A 128 -27.21 -74.06 -0.57
N LYS A 129 -26.93 -72.90 -1.18
CA LYS A 129 -25.72 -72.67 -1.96
C LYS A 129 -24.46 -72.68 -1.05
N GLU A 130 -24.67 -72.90 0.26
CA GLU A 130 -23.61 -72.88 1.28
C GLU A 130 -22.67 -71.70 1.08
N LEU A 131 -23.27 -70.52 1.04
CA LEU A 131 -22.55 -69.25 0.81
C LEU A 131 -22.67 -68.29 1.99
N VAL A 132 -21.74 -67.37 2.17
CA VAL A 132 -21.80 -66.45 3.32
C VAL A 132 -21.15 -65.09 2.97
N ALA A 133 -21.81 -64.00 3.34
CA ALA A 133 -21.28 -62.66 3.08
C ALA A 133 -21.05 -61.84 4.35
N SER A 134 -20.06 -60.96 4.28
CA SER A 134 -19.70 -60.10 5.42
C SER A 134 -19.57 -58.63 5.04
N ALA A 135 -20.24 -57.78 5.80
CA ALA A 135 -20.17 -56.34 5.57
C ALA A 135 -19.98 -55.61 6.89
N GLY A 136 -19.52 -54.36 6.80
CA GLY A 136 -19.31 -53.56 7.97
C GLY A 136 -19.28 -52.08 7.65
N LEU A 137 -18.45 -51.33 8.37
CA LEU A 137 -18.29 -49.90 8.12
C LEU A 137 -17.35 -49.67 6.95
N ASP A 138 -16.91 -50.76 6.35
CA ASP A 138 -16.03 -50.71 5.19
C ASP A 138 -16.70 -50.12 3.97
N ARG A 139 -18.02 -50.26 3.92
CA ARG A 139 -18.84 -49.94 2.75
C ARG A 139 -18.56 -50.96 1.65
N GLN A 140 -17.84 -52.02 2.00
CA GLN A 140 -17.58 -53.09 1.06
C GLN A 140 -18.10 -54.39 1.64
N ILE A 141 -18.75 -55.18 0.78
CA ILE A 141 -19.31 -56.47 1.16
C ILE A 141 -18.49 -57.57 0.51
N PHE A 142 -18.17 -58.62 1.28
CA PHE A 142 -17.37 -59.72 0.77
C PHE A 142 -18.07 -61.07 0.79
N LEU A 143 -18.14 -61.70 -0.38
CA LEU A 143 -18.72 -63.03 -0.49
C LEU A 143 -17.68 -64.12 -0.29
N TRP A 144 -18.10 -65.21 0.38
CA TRP A 144 -17.21 -66.30 0.74
C TRP A 144 -17.96 -67.61 0.62
N ASP A 145 -17.33 -68.62 0.02
CA ASP A 145 -17.93 -69.94 0.02
C ASP A 145 -17.48 -70.65 1.30
N VAL A 146 -18.43 -71.12 2.09
CA VAL A 146 -18.12 -71.77 3.36
C VAL A 146 -17.26 -73.00 3.14
N ASN A 147 -17.59 -73.77 2.11
CA ASN A 147 -16.82 -74.95 1.75
C ASN A 147 -15.35 -74.63 1.43
N THR A 148 -15.13 -73.55 0.70
CA THR A 148 -13.76 -73.12 0.40
C THR A 148 -12.98 -72.71 1.64
N LEU A 149 -13.64 -72.09 2.61
CA LEU A 149 -12.93 -71.69 3.83
C LEU A 149 -12.61 -72.90 4.70
N THR A 150 -13.61 -73.75 4.90
CA THR A 150 -13.48 -74.96 5.71
C THR A 150 -12.44 -75.94 5.18
N ALA A 151 -12.13 -75.82 3.90
CA ALA A 151 -11.14 -76.68 3.23
C ALA A 151 -9.75 -76.65 3.83
N LEU A 152 -9.13 -77.83 3.84
CA LEU A 152 -7.81 -78.01 4.43
C LEU A 152 -6.92 -78.55 3.31
N THR A 153 -7.51 -78.71 2.13
CA THR A 153 -6.84 -79.31 0.98
C THR A 153 -5.91 -78.35 0.24
N ALA A 154 -6.43 -77.18 -0.12
CA ALA A 154 -5.66 -76.16 -0.84
C ALA A 154 -5.02 -76.75 -2.10
N SER A 155 -5.85 -77.28 -2.99
CA SER A 155 -5.40 -77.80 -4.27
C SER A 155 -5.63 -76.72 -5.31
N ASN A 156 -4.64 -75.84 -5.42
CA ASN A 156 -4.69 -74.69 -6.33
C ASN A 156 -5.99 -73.99 -5.97
N ASN A 157 -6.00 -73.36 -4.80
CA ASN A 157 -7.16 -72.59 -4.37
C ASN A 157 -7.14 -71.16 -4.88
N THR A 158 -5.95 -70.57 -4.93
CA THR A 158 -5.75 -69.18 -5.39
C THR A 158 -6.96 -68.34 -5.00
N VAL A 159 -7.17 -68.20 -3.69
CA VAL A 159 -8.33 -67.46 -3.21
C VAL A 159 -8.44 -66.06 -3.82
N THR A 160 -9.56 -65.93 -4.51
CA THR A 160 -10.04 -64.73 -5.17
C THR A 160 -11.06 -64.01 -4.29
N THR A 161 -10.76 -62.78 -3.87
CA THR A 161 -11.65 -62.12 -2.94
C THR A 161 -12.65 -61.41 -3.83
N SER A 162 -13.90 -61.83 -3.66
CA SER A 162 -15.04 -61.29 -4.38
C SER A 162 -15.84 -60.31 -3.54
N SER A 163 -15.75 -59.05 -3.95
CA SER A 163 -16.37 -57.94 -3.25
C SER A 163 -17.62 -57.48 -3.97
N LEU A 164 -18.44 -56.74 -3.23
CA LEU A 164 -19.65 -56.18 -3.78
C LEU A 164 -19.60 -54.67 -3.64
N SER A 165 -19.72 -53.98 -4.76
CA SER A 165 -19.62 -52.53 -4.81
C SER A 165 -20.99 -51.87 -4.92
N GLY A 166 -21.07 -50.63 -4.43
CA GLY A 166 -22.30 -49.87 -4.51
C GLY A 166 -22.56 -49.05 -3.26
N ASN A 167 -22.44 -49.67 -2.10
CA ASN A 167 -22.74 -49.00 -0.83
C ASN A 167 -22.01 -47.68 -0.63
N LYS A 168 -22.77 -46.60 -0.53
CA LYS A 168 -22.21 -45.28 -0.36
C LYS A 168 -21.88 -45.02 1.11
N ASP A 169 -22.76 -45.47 1.99
CA ASP A 169 -22.58 -45.32 3.44
C ASP A 169 -22.21 -46.61 4.14
N SER A 170 -22.00 -46.51 5.45
CA SER A 170 -21.63 -47.65 6.29
C SER A 170 -22.75 -48.66 6.52
N ILE A 171 -22.50 -49.92 6.15
CA ILE A 171 -23.47 -51.00 6.28
C ILE A 171 -23.63 -51.53 7.70
N TYR A 172 -24.88 -51.62 8.15
CA TYR A 172 -25.22 -52.14 9.48
C TYR A 172 -26.01 -53.44 9.45
N SER A 173 -26.59 -53.77 8.30
CA SER A 173 -27.35 -55.00 8.18
C SER A 173 -27.18 -55.70 6.82
N LEU A 174 -27.30 -57.02 6.86
CA LEU A 174 -27.18 -57.89 5.69
C LEU A 174 -28.13 -59.07 5.74
N ALA A 175 -28.71 -59.40 4.59
CA ALA A 175 -29.57 -60.56 4.48
C ALA A 175 -29.44 -61.25 3.12
N MET A 176 -29.45 -62.58 3.16
CA MET A 176 -29.43 -63.41 1.96
C MET A 176 -30.54 -64.45 2.01
N ASN A 177 -31.12 -64.75 0.86
CA ASN A 177 -32.18 -65.76 0.82
C ASN A 177 -31.62 -67.17 0.80
N GLN A 178 -32.46 -68.12 1.22
CA GLN A 178 -32.10 -69.54 1.30
C GLN A 178 -31.36 -70.06 0.07
N LEU A 179 -31.90 -69.80 -1.11
CA LEU A 179 -31.30 -70.27 -2.36
C LEU A 179 -30.05 -69.47 -2.73
N GLY A 180 -29.90 -68.29 -2.14
CA GLY A 180 -28.75 -67.45 -2.40
C GLY A 180 -28.84 -66.83 -3.78
N THR A 181 -30.02 -66.37 -4.14
CA THR A 181 -30.25 -65.74 -5.43
C THR A 181 -30.29 -64.22 -5.28
N ILE A 182 -30.57 -63.76 -4.06
CA ILE A 182 -30.66 -62.33 -3.78
C ILE A 182 -29.91 -61.96 -2.49
N ILE A 183 -29.24 -60.81 -2.50
CA ILE A 183 -28.56 -60.29 -1.32
C ILE A 183 -28.85 -58.80 -1.10
N VAL A 184 -29.37 -58.45 0.06
CA VAL A 184 -29.64 -57.03 0.30
C VAL A 184 -28.89 -56.51 1.52
N SER A 185 -28.42 -55.26 1.40
CA SER A 185 -27.70 -54.56 2.45
C SER A 185 -28.46 -53.34 2.94
N GLY A 186 -28.34 -53.08 4.24
CA GLY A 186 -28.90 -51.93 4.92
C GLY A 186 -27.79 -51.07 5.50
N SER A 187 -27.94 -49.75 5.38
CA SER A 187 -26.91 -48.82 5.86
C SER A 187 -27.49 -47.49 6.34
N THR A 188 -26.60 -46.56 6.67
CA THR A 188 -26.96 -45.22 7.12
C THR A 188 -27.41 -44.41 5.92
N GLU A 189 -27.29 -45.02 4.74
CA GLU A 189 -27.75 -44.44 3.51
C GLU A 189 -29.27 -44.48 3.43
N LYS A 190 -29.88 -45.14 4.42
CA LYS A 190 -31.33 -45.28 4.54
C LYS A 190 -31.90 -46.15 3.41
N VAL A 191 -31.20 -46.21 2.29
CA VAL A 191 -31.63 -46.94 1.11
C VAL A 191 -31.08 -48.36 1.20
N LEU A 192 -31.83 -49.35 0.73
CA LEU A 192 -31.32 -50.71 0.77
C LEU A 192 -30.78 -51.07 -0.61
N ARG A 193 -29.63 -51.73 -0.66
CA ARG A 193 -29.07 -52.11 -1.96
C ARG A 193 -29.16 -53.62 -2.19
N VAL A 194 -29.68 -54.00 -3.35
CA VAL A 194 -29.82 -55.42 -3.67
C VAL A 194 -28.84 -55.85 -4.77
N TRP A 195 -28.40 -57.11 -4.72
CA TRP A 195 -27.52 -57.64 -5.75
C TRP A 195 -27.82 -59.12 -5.96
N ASP A 196 -27.20 -59.67 -7.00
CA ASP A 196 -27.26 -61.11 -7.26
C ASP A 196 -25.90 -61.65 -6.89
N PRO A 197 -25.83 -62.48 -5.83
CA PRO A 197 -24.51 -62.92 -5.38
C PRO A 197 -23.77 -63.77 -6.42
N ARG A 198 -24.51 -64.52 -7.23
CA ARG A 198 -23.88 -65.34 -8.25
C ARG A 198 -23.22 -64.51 -9.34
N THR A 199 -23.81 -63.36 -9.68
CA THR A 199 -23.26 -62.50 -10.72
C THR A 199 -22.52 -61.24 -10.24
N CYS A 200 -22.77 -60.83 -8.99
CA CYS A 200 -22.22 -59.60 -8.40
C CYS A 200 -22.84 -58.36 -9.04
N ALA A 201 -23.86 -58.58 -9.87
CA ALA A 201 -24.56 -57.50 -10.57
C ALA A 201 -25.53 -56.77 -9.66
N LYS A 202 -25.53 -55.45 -9.76
CA LYS A 202 -26.44 -54.59 -9.02
C LYS A 202 -27.88 -54.83 -9.45
N LEU A 203 -28.79 -55.07 -8.50
CA LEU A 203 -30.18 -55.31 -8.85
C LEU A 203 -31.07 -54.06 -8.75
N MET A 204 -31.14 -53.51 -7.55
CA MET A 204 -31.97 -52.34 -7.30
C MET A 204 -31.51 -51.56 -6.07
N LYS A 205 -32.14 -50.39 -5.87
CA LYS A 205 -31.87 -49.51 -4.74
C LYS A 205 -33.20 -49.10 -4.16
N LEU A 206 -33.66 -49.84 -3.16
CA LEU A 206 -34.95 -49.57 -2.56
C LEU A 206 -34.93 -48.36 -1.63
N LYS A 207 -35.63 -47.31 -2.06
CA LYS A 207 -35.74 -46.06 -1.32
C LYS A 207 -37.05 -46.09 -0.54
N GLY A 208 -37.03 -45.61 0.69
CA GLY A 208 -38.26 -45.63 1.47
C GLY A 208 -38.08 -45.27 2.93
N HIS A 209 -37.03 -45.80 3.52
CA HIS A 209 -36.72 -45.56 4.93
C HIS A 209 -36.24 -44.13 5.25
N THR A 210 -36.53 -43.71 6.48
CA THR A 210 -36.22 -42.39 7.03
C THR A 210 -34.84 -42.39 7.67
N ASP A 211 -34.46 -43.54 8.25
CA ASP A 211 -33.22 -43.66 9.01
C ASP A 211 -32.40 -44.88 8.60
N ASN A 212 -31.44 -45.24 9.45
CA ASN A 212 -30.58 -46.40 9.26
C ASN A 212 -31.33 -47.73 9.43
N VAL A 213 -30.98 -48.69 8.59
CA VAL A 213 -31.59 -50.03 8.62
C VAL A 213 -30.70 -51.02 9.36
N LYS A 214 -31.14 -51.46 10.54
CA LYS A 214 -30.33 -52.37 11.35
C LYS A 214 -30.69 -53.86 11.28
N ALA A 215 -31.83 -54.16 10.67
CA ALA A 215 -32.27 -55.54 10.51
C ALA A 215 -32.88 -55.78 9.15
N LEU A 216 -32.41 -56.84 8.50
CA LEU A 216 -32.94 -57.24 7.20
C LEU A 216 -33.31 -58.72 7.23
N LEU A 217 -34.35 -59.06 6.48
CA LEU A 217 -34.87 -60.41 6.41
C LEU A 217 -35.37 -60.66 5.00
N LEU A 218 -35.11 -61.84 4.48
CA LEU A 218 -35.55 -62.21 3.14
C LEU A 218 -36.31 -63.52 3.15
N ASN A 219 -37.25 -63.66 2.21
CA ASN A 219 -38.00 -64.89 2.14
C ASN A 219 -37.21 -65.96 1.41
N ARG A 220 -37.61 -67.21 1.62
CA ARG A 220 -36.98 -68.40 1.04
C ARG A 220 -36.54 -68.18 -0.40
N ASP A 221 -37.48 -67.72 -1.23
CA ASP A 221 -37.24 -67.47 -2.64
C ASP A 221 -36.59 -66.11 -2.87
N GLY A 222 -36.60 -65.27 -1.85
CA GLY A 222 -36.01 -63.95 -1.92
C GLY A 222 -36.87 -63.03 -2.75
N THR A 223 -38.15 -63.36 -2.84
CA THR A 223 -39.11 -62.57 -3.59
C THR A 223 -39.48 -61.29 -2.84
N GLN A 224 -39.73 -61.43 -1.54
CA GLN A 224 -40.05 -60.28 -0.70
C GLN A 224 -39.11 -60.12 0.49
N CYS A 225 -38.93 -58.87 0.92
CA CYS A 225 -38.02 -58.54 2.01
C CYS A 225 -38.60 -57.75 3.18
N LEU A 226 -38.24 -58.14 4.39
CA LEU A 226 -38.63 -57.41 5.60
C LEU A 226 -37.46 -56.61 6.16
N SER A 227 -37.71 -55.35 6.51
CA SER A 227 -36.65 -54.51 7.06
C SER A 227 -37.05 -53.72 8.30
N GLY A 228 -36.09 -53.55 9.22
CA GLY A 228 -36.34 -52.77 10.42
C GLY A 228 -35.32 -51.63 10.50
N SER A 229 -35.83 -50.42 10.73
CA SER A 229 -34.95 -49.26 10.80
C SER A 229 -35.14 -48.39 12.04
N SER A 230 -34.12 -47.60 12.37
CA SER A 230 -34.15 -46.66 13.48
C SER A 230 -35.25 -45.59 13.36
N ASP A 231 -35.99 -45.59 12.26
CA ASP A 231 -37.11 -44.66 12.08
C ASP A 231 -38.35 -45.17 12.78
N GLY A 232 -38.26 -46.39 13.33
CA GLY A 232 -39.39 -46.93 14.06
C GLY A 232 -40.36 -47.73 13.23
N THR A 233 -40.03 -48.03 11.97
CA THR A 233 -40.98 -48.72 11.12
C THR A 233 -40.47 -50.05 10.59
N ILE A 234 -41.37 -51.01 10.42
CA ILE A 234 -41.03 -52.26 9.73
C ILE A 234 -41.54 -52.14 8.30
N ARG A 235 -40.68 -52.37 7.32
CA ARG A 235 -41.16 -52.24 5.95
C ARG A 235 -41.12 -53.56 5.19
N LEU A 236 -42.26 -53.91 4.61
CA LEU A 236 -42.35 -55.07 3.73
C LEU A 236 -42.12 -54.55 2.31
N TRP A 237 -41.29 -55.27 1.56
CA TRP A 237 -40.90 -54.91 0.20
C TRP A 237 -41.12 -56.04 -0.78
N SER A 238 -41.54 -55.73 -2.01
CA SER A 238 -41.62 -56.76 -3.03
C SER A 238 -40.50 -56.50 -4.04
N LEU A 239 -39.64 -57.48 -4.25
CA LEU A 239 -38.52 -57.35 -5.17
C LEU A 239 -38.98 -57.56 -6.61
N GLY A 240 -40.16 -58.17 -6.73
CA GLY A 240 -40.86 -58.34 -7.99
C GLY A 240 -41.44 -57.01 -8.40
N GLN A 241 -42.33 -56.48 -7.56
CA GLN A 241 -42.95 -55.19 -7.79
C GLN A 241 -41.90 -54.07 -7.77
N GLN A 242 -40.74 -54.39 -7.20
CA GLN A 242 -39.62 -53.46 -7.08
C GLN A 242 -40.01 -52.17 -6.35
N ARG A 243 -40.69 -52.32 -5.22
CA ARG A 243 -41.05 -51.19 -4.37
C ARG A 243 -41.67 -51.70 -3.09
N CYS A 244 -41.79 -50.80 -2.12
CA CYS A 244 -42.38 -51.13 -0.83
C CYS A 244 -43.84 -51.50 -0.98
N ILE A 245 -44.28 -52.49 -0.22
CA ILE A 245 -45.67 -52.95 -0.31
C ILE A 245 -46.36 -52.68 1.01
N ALA A 246 -45.58 -52.45 2.07
CA ALA A 246 -46.22 -52.16 3.35
C ALA A 246 -45.31 -51.53 4.39
N THR A 247 -45.93 -50.83 5.33
CA THR A 247 -45.22 -50.17 6.41
C THR A 247 -45.97 -50.32 7.73
N TYR A 248 -45.32 -50.90 8.73
CA TYR A 248 -45.99 -51.10 10.01
C TYR A 248 -45.31 -50.30 11.11
N ARG A 249 -46.05 -49.41 11.78
CA ARG A 249 -45.45 -48.66 12.87
C ARG A 249 -45.86 -49.36 14.17
N VAL A 250 -44.94 -50.16 14.70
CA VAL A 250 -45.21 -50.99 15.86
C VAL A 250 -44.59 -50.48 17.16
N HIS A 251 -43.38 -49.95 17.03
CA HIS A 251 -42.59 -49.47 18.16
C HIS A 251 -42.50 -47.96 18.26
N ASP A 252 -42.43 -47.45 19.49
CA ASP A 252 -42.32 -46.02 19.72
C ASP A 252 -40.88 -45.49 19.59
N GLU A 253 -40.00 -46.28 18.96
CA GLU A 253 -38.59 -45.92 18.71
C GLU A 253 -37.99 -46.94 17.75
N GLY A 254 -36.67 -46.86 17.58
CA GLY A 254 -35.94 -47.77 16.70
C GLY A 254 -36.21 -49.25 16.86
N VAL A 255 -36.26 -49.95 15.73
CA VAL A 255 -36.48 -51.40 15.69
C VAL A 255 -35.19 -52.02 15.16
N TRP A 256 -34.53 -52.82 16.00
CA TRP A 256 -33.19 -53.34 15.72
C TRP A 256 -33.11 -54.84 15.43
N ALA A 257 -34.15 -55.58 15.80
CA ALA A 257 -34.13 -57.02 15.66
C ALA A 257 -35.45 -57.58 15.14
N LEU A 258 -35.33 -58.46 14.14
CA LEU A 258 -36.48 -59.12 13.55
C LEU A 258 -36.26 -60.61 13.33
N GLN A 259 -37.35 -61.37 13.49
CA GLN A 259 -37.38 -62.80 13.21
C GLN A 259 -38.75 -63.08 12.58
N VAL A 260 -38.80 -64.05 11.66
CA VAL A 260 -40.07 -64.44 11.05
C VAL A 260 -40.32 -65.93 11.17
N ASN A 261 -41.58 -66.32 11.09
CA ASN A 261 -41.89 -67.75 11.05
C ASN A 261 -41.64 -68.25 9.63
N ASP A 262 -41.80 -69.56 9.43
CA ASP A 262 -41.55 -70.14 8.12
C ASP A 262 -42.61 -69.72 7.09
N ALA A 263 -43.81 -69.40 7.56
CA ALA A 263 -44.87 -68.97 6.67
C ALA A 263 -44.59 -67.61 6.05
N PHE A 264 -43.71 -66.85 6.70
CA PHE A 264 -43.40 -65.47 6.31
C PHE A 264 -44.68 -64.61 6.35
N THR A 265 -45.46 -64.80 7.41
CA THR A 265 -46.73 -64.11 7.59
C THR A 265 -46.74 -63.36 8.93
N HIS A 266 -46.05 -63.93 9.91
CA HIS A 266 -45.92 -63.33 11.23
C HIS A 266 -44.49 -62.86 11.46
N VAL A 267 -44.33 -61.56 11.71
CA VAL A 267 -43.03 -60.96 11.94
C VAL A 267 -42.83 -60.63 13.41
N TYR A 268 -41.64 -60.95 13.92
CA TYR A 268 -41.32 -60.71 15.32
C TYR A 268 -40.34 -59.55 15.38
N SER A 269 -40.64 -58.56 16.23
CA SER A 269 -39.84 -57.36 16.28
C SER A 269 -39.57 -56.81 17.69
N GLY A 270 -38.43 -56.14 17.82
CA GLY A 270 -38.01 -55.46 19.04
C GLY A 270 -36.90 -54.45 18.80
N GLY A 271 -36.68 -53.55 19.75
CA GLY A 271 -35.63 -52.55 19.66
C GLY A 271 -35.45 -51.73 20.92
N ARG A 272 -35.34 -50.41 20.77
CA ARG A 272 -35.07 -49.51 21.90
C ARG A 272 -36.11 -49.46 22.97
N ASP A 273 -37.37 -49.41 22.57
CA ASP A 273 -38.47 -49.24 23.52
C ASP A 273 -38.63 -50.46 24.43
N ARG A 274 -37.78 -51.46 24.19
CA ARG A 274 -37.66 -52.69 24.99
C ARG A 274 -38.84 -53.62 24.84
N LYS A 275 -39.86 -53.19 24.13
CA LYS A 275 -41.01 -54.04 23.94
C LYS A 275 -40.82 -54.96 22.75
N ILE A 276 -41.17 -56.22 22.95
CA ILE A 276 -41.14 -57.22 21.91
C ILE A 276 -42.57 -57.52 21.48
N TYR A 277 -42.80 -57.46 20.17
CA TYR A 277 -44.12 -57.63 19.56
C TYR A 277 -44.10 -58.64 18.41
N CYS A 278 -45.15 -59.45 18.30
CA CYS A 278 -45.39 -60.23 17.09
C CYS A 278 -46.50 -59.56 16.28
N THR A 279 -46.27 -59.35 15.00
CA THR A 279 -47.22 -58.68 14.11
C THR A 279 -47.57 -59.45 12.84
N ASP A 280 -48.88 -59.60 12.61
CA ASP A 280 -49.42 -60.27 11.43
C ASP A 280 -49.28 -59.36 10.21
N LEU A 281 -48.38 -59.71 9.31
CA LEU A 281 -48.12 -58.91 8.11
C LEU A 281 -49.37 -58.78 7.23
N ARG A 282 -50.16 -59.84 7.18
CA ARG A 282 -51.40 -59.85 6.42
C ARG A 282 -52.40 -58.85 7.01
N ASN A 283 -52.71 -59.03 8.29
CA ASN A 283 -53.62 -58.16 9.02
C ASN A 283 -52.94 -57.46 10.19
N PRO A 284 -52.33 -56.28 9.94
CA PRO A 284 -51.53 -55.52 10.91
C PRO A 284 -52.27 -55.15 12.20
N ASP A 285 -53.60 -55.26 12.17
CA ASP A 285 -54.46 -54.97 13.31
C ASP A 285 -54.10 -55.91 14.47
N ILE A 286 -53.81 -57.15 14.11
CA ILE A 286 -53.42 -58.19 15.05
C ILE A 286 -51.98 -57.96 15.47
N ARG A 287 -51.83 -57.49 16.71
CA ARG A 287 -50.53 -57.16 17.27
C ARG A 287 -50.47 -57.45 18.77
N VAL A 288 -49.76 -58.55 19.05
CA VAL A 288 -49.58 -59.12 20.39
C VAL A 288 -48.30 -58.66 21.08
N LEU A 289 -48.42 -58.06 22.26
CA LEU A 289 -47.22 -57.68 23.01
C LEU A 289 -46.60 -58.86 23.72
N ILE A 290 -45.55 -59.41 23.10
CA ILE A 290 -44.83 -60.54 23.68
C ILE A 290 -44.26 -60.20 25.05
N CYS A 291 -43.47 -59.13 25.12
CA CYS A 291 -42.85 -58.81 26.40
C CYS A 291 -42.24 -57.41 26.50
N GLU A 292 -41.77 -57.03 27.68
CA GLU A 292 -41.00 -55.80 27.81
C GLU A 292 -39.71 -56.14 28.54
N GLU A 293 -38.62 -56.26 27.79
CA GLU A 293 -37.31 -56.60 28.33
C GLU A 293 -36.76 -55.51 29.26
N LYS A 294 -35.76 -55.87 30.06
CA LYS A 294 -35.17 -54.95 31.04
C LYS A 294 -34.14 -54.02 30.40
N ALA A 295 -33.91 -54.19 29.11
CA ALA A 295 -32.97 -53.36 28.35
C ALA A 295 -33.33 -53.46 26.87
N PRO A 296 -32.98 -52.42 26.08
CA PRO A 296 -33.25 -52.44 24.64
C PRO A 296 -32.77 -53.71 23.96
N VAL A 297 -33.64 -54.25 23.10
CA VAL A 297 -33.37 -55.47 22.36
C VAL A 297 -32.34 -55.25 21.25
N LEU A 298 -31.31 -56.10 21.23
CA LEU A 298 -30.23 -56.01 20.26
C LEU A 298 -30.35 -57.11 19.21
N LYS A 299 -30.83 -58.29 19.62
CA LYS A 299 -30.97 -59.39 18.66
C LYS A 299 -31.91 -60.50 19.15
N MET A 300 -32.58 -61.19 18.21
CA MET A 300 -33.48 -62.28 18.58
C MET A 300 -33.27 -63.50 17.70
N GLU A 301 -33.56 -64.68 18.24
CA GLU A 301 -33.41 -65.96 17.53
C GLU A 301 -34.59 -66.86 17.85
N LEU A 302 -35.37 -67.24 16.85
CA LEU A 302 -36.51 -68.11 17.12
C LEU A 302 -36.17 -69.59 17.29
N ASP A 303 -37.02 -70.29 18.03
CA ASP A 303 -36.92 -71.73 18.17
C ASP A 303 -37.76 -72.26 17.01
N ARG A 304 -37.11 -72.90 16.05
CA ARG A 304 -37.83 -73.37 14.87
C ARG A 304 -38.18 -74.86 14.87
N SER A 305 -38.09 -75.50 16.03
CA SER A 305 -38.44 -76.91 16.13
C SER A 305 -39.89 -77.18 15.69
N ALA A 306 -40.79 -76.27 16.04
CA ALA A 306 -42.20 -76.40 15.68
C ALA A 306 -42.73 -75.15 14.99
N ASP A 307 -43.81 -75.30 14.21
CA ASP A 307 -44.53 -74.19 13.60
C ASP A 307 -45.99 -74.14 14.03
N PRO A 308 -46.40 -73.04 14.70
CA PRO A 308 -45.65 -71.83 15.01
C PRO A 308 -44.59 -72.02 16.08
N PRO A 309 -43.51 -71.22 16.02
CA PRO A 309 -42.38 -71.27 16.96
C PRO A 309 -42.81 -71.25 18.43
N PRO A 310 -42.34 -72.22 19.23
CA PRO A 310 -42.73 -72.38 20.63
C PRO A 310 -42.10 -71.33 21.55
N ALA A 311 -40.94 -70.81 21.16
CA ALA A 311 -40.23 -69.84 21.99
C ALA A 311 -39.34 -68.91 21.17
N ILE A 312 -38.95 -67.80 21.79
CA ILE A 312 -38.04 -66.82 21.19
C ILE A 312 -36.89 -66.47 22.14
N TRP A 313 -35.66 -66.57 21.63
CA TRP A 313 -34.48 -66.19 22.41
C TRP A 313 -34.13 -64.72 22.21
N VAL A 314 -33.93 -64.00 23.32
CA VAL A 314 -33.70 -62.57 23.28
C VAL A 314 -32.40 -62.12 23.93
N ALA A 315 -31.59 -61.46 23.09
CA ALA A 315 -30.34 -60.82 23.45
C ALA A 315 -30.54 -59.30 23.52
N THR A 316 -30.08 -58.72 24.63
CA THR A 316 -30.18 -57.29 24.87
C THR A 316 -28.85 -56.64 25.21
N THR A 317 -28.93 -55.39 25.65
CA THR A 317 -27.77 -54.62 26.09
C THR A 317 -27.20 -55.23 27.37
N LYS A 318 -28.03 -55.97 28.10
CA LYS A 318 -27.57 -56.63 29.32
C LYS A 318 -26.89 -57.94 28.96
N SER A 319 -26.17 -58.48 29.92
CA SER A 319 -25.39 -59.71 29.74
C SER A 319 -26.27 -60.93 29.83
N THR A 320 -27.41 -60.75 30.50
CA THR A 320 -28.37 -61.82 30.65
C THR A 320 -29.10 -62.06 29.32
N VAL A 321 -29.21 -63.34 28.95
CA VAL A 321 -29.95 -63.74 27.76
C VAL A 321 -31.17 -64.48 28.22
N ASN A 322 -32.31 -64.15 27.60
CA ASN A 322 -33.55 -64.77 28.07
C ASN A 322 -34.33 -65.51 27.00
N LYS A 323 -35.16 -66.44 27.41
CA LYS A 323 -36.01 -67.15 26.45
C LYS A 323 -37.44 -66.87 26.90
N TRP A 324 -38.28 -66.49 25.95
CA TRP A 324 -39.67 -66.24 26.28
C TRP A 324 -40.50 -67.22 25.48
N THR A 325 -41.48 -67.85 26.13
CA THR A 325 -42.34 -68.82 25.45
C THR A 325 -43.40 -68.11 24.61
N LEU A 326 -43.60 -68.62 23.40
CA LEU A 326 -44.58 -68.06 22.49
C LEU A 326 -45.74 -69.03 22.38
N LYS A 327 -45.77 -70.00 23.27
CA LYS A 327 -46.80 -71.03 23.23
C LYS A 327 -48.06 -70.66 24.01
N GLY A 328 -48.98 -70.05 23.29
CA GLY A 328 -50.25 -69.58 23.83
C GLY A 328 -50.76 -68.41 23.01
N ILE A 329 -50.09 -68.21 21.87
CA ILE A 329 -50.42 -67.14 20.94
C ILE A 329 -51.86 -67.35 20.48
N HIS A 330 -52.09 -68.56 19.97
CA HIS A 330 -53.34 -69.03 19.41
C HIS A 330 -54.55 -68.82 20.32
N ASN A 331 -54.40 -69.05 21.61
CA ASN A 331 -55.53 -68.88 22.55
C ASN A 331 -55.85 -67.41 22.82
N PHE A 332 -54.81 -66.58 22.82
CA PHE A 332 -54.94 -65.14 23.03
C PHE A 332 -55.40 -64.39 21.77
N ARG A 333 -55.18 -64.99 20.60
CA ARG A 333 -55.57 -64.38 19.33
C ARG A 333 -57.09 -64.42 19.11
N ALA A 334 -57.71 -65.52 19.49
CA ALA A 334 -59.16 -65.65 19.39
C ALA A 334 -59.92 -64.85 20.45
N SER A 335 -59.33 -64.71 21.63
CA SER A 335 -59.96 -63.95 22.71
C SER A 335 -59.17 -62.70 23.14
N GLY A 336 -59.80 -61.54 23.00
CA GLY A 336 -59.18 -60.27 23.37
C GLY A 336 -57.89 -59.96 22.67
N ILE A 346 -51.57 -52.60 25.79
CA ILE A 346 -52.11 -53.95 25.80
C ILE A 346 -51.40 -54.75 26.88
N THR A 347 -51.96 -55.93 27.20
CA THR A 347 -51.46 -56.82 28.24
C THR A 347 -50.49 -57.82 27.63
N PRO A 348 -49.23 -57.87 28.13
CA PRO A 348 -48.27 -58.80 27.53
C PRO A 348 -48.43 -60.28 27.88
N LEU A 349 -48.06 -61.11 26.91
CA LEU A 349 -48.07 -62.56 27.00
C LEU A 349 -47.25 -63.17 28.13
N CYS A 350 -45.98 -62.79 28.22
CA CYS A 350 -45.11 -63.32 29.27
C CYS A 350 -44.68 -62.27 30.28
N THR A 351 -44.53 -62.69 31.52
CA THR A 351 -44.05 -61.80 32.56
C THR A 351 -42.65 -62.26 32.96
N GLN A 352 -42.46 -63.57 33.04
CA GLN A 352 -41.16 -64.14 33.38
C GLN A 352 -40.69 -65.10 32.30
N PRO A 353 -39.37 -65.13 32.05
CA PRO A 353 -38.88 -66.09 31.05
C PRO A 353 -38.94 -67.55 31.50
N ASP A 354 -39.09 -68.47 30.55
CA ASP A 354 -39.12 -69.90 30.86
C ASP A 354 -37.71 -70.35 31.23
N GLN A 355 -36.72 -69.80 30.53
CA GLN A 355 -35.31 -70.13 30.74
C GLN A 355 -34.43 -68.87 30.65
N VAL A 356 -33.51 -68.74 31.61
CA VAL A 356 -32.59 -67.63 31.76
C VAL A 356 -31.12 -68.01 31.71
N ILE A 357 -30.39 -67.44 30.75
CA ILE A 357 -28.95 -67.61 30.73
C ILE A 357 -28.34 -66.48 31.54
N LYS A 358 -27.63 -66.84 32.60
CA LYS A 358 -27.06 -65.87 33.54
C LYS A 358 -26.03 -64.94 32.91
N GLY A 359 -25.94 -63.72 33.42
CA GLY A 359 -24.97 -62.76 32.93
C GLY A 359 -24.08 -62.21 34.01
N GLY A 360 -22.88 -61.79 33.61
CA GLY A 360 -21.94 -61.20 34.55
C GLY A 360 -22.17 -59.71 34.64
N ALA A 361 -21.29 -59.02 35.36
CA ALA A 361 -21.40 -57.58 35.52
C ALA A 361 -20.47 -56.89 34.52
N SER A 362 -20.84 -55.68 34.10
CA SER A 362 -20.01 -54.88 33.19
C SER A 362 -19.50 -53.64 33.92
N ILE A 363 -18.22 -53.32 33.75
CA ILE A 363 -17.67 -52.09 34.29
C ILE A 363 -18.04 -50.90 33.41
N ILE A 364 -18.79 -49.97 33.96
CA ILE A 364 -19.29 -48.83 33.17
C ILE A 364 -18.61 -47.51 33.54
N GLN A 365 -17.97 -47.49 34.71
CA GLN A 365 -17.27 -46.29 35.15
C GLN A 365 -15.93 -46.65 35.77
N CYS A 366 -14.89 -45.86 35.48
CA CYS A 366 -13.58 -46.14 36.03
C CYS A 366 -12.81 -44.85 36.29
N HIS A 367 -11.99 -44.82 37.34
CA HIS A 367 -11.21 -43.64 37.69
C HIS A 367 -9.76 -43.91 38.09
N ILE A 368 -8.84 -43.34 37.34
CA ILE A 368 -7.43 -43.44 37.69
C ILE A 368 -7.05 -42.42 38.76
N LEU A 369 -6.55 -42.91 39.89
CA LEU A 369 -6.13 -42.05 41.00
C LEU A 369 -4.86 -41.29 40.68
N ASN A 370 -4.58 -40.21 41.43
CA ASN A 370 -3.44 -39.38 41.08
C ASN A 370 -2.12 -40.15 41.10
N ASP A 371 -2.05 -41.22 41.89
CA ASP A 371 -0.85 -42.07 41.88
C ASP A 371 -1.21 -42.83 40.62
N LYS A 372 -0.37 -42.88 39.60
CA LYS A 372 -0.87 -43.62 38.46
C LYS A 372 -0.53 -45.10 38.50
N ARG A 373 -1.11 -45.76 39.49
CA ARG A 373 -0.88 -47.17 39.75
C ARG A 373 -2.22 -47.83 40.08
N HIS A 374 -3.06 -47.09 40.81
CA HIS A 374 -4.36 -47.57 41.25
C HIS A 374 -5.58 -47.06 40.45
N ILE A 375 -6.60 -47.91 40.30
CA ILE A 375 -7.81 -47.58 39.52
C ILE A 375 -9.07 -47.89 40.32
N LEU A 376 -10.05 -46.98 40.27
CA LEU A 376 -11.32 -47.21 40.94
C LEU A 376 -12.38 -47.47 39.89
N THR A 377 -13.21 -48.48 40.11
CA THR A 377 -14.24 -48.78 39.13
C THR A 377 -15.63 -49.01 39.70
N LYS A 378 -16.63 -48.70 38.87
CA LYS A 378 -18.04 -48.96 39.15
C LYS A 378 -18.62 -49.84 38.05
N ASP A 379 -19.43 -50.83 38.44
CA ASP A 379 -20.02 -51.73 37.45
C ASP A 379 -21.56 -51.67 37.37
N THR A 380 -22.12 -52.41 36.42
CA THR A 380 -23.58 -52.43 36.18
C THR A 380 -24.41 -52.88 37.38
N ASN A 381 -23.77 -53.48 38.37
CA ASN A 381 -24.47 -53.87 39.59
C ASN A 381 -24.22 -52.83 40.67
N ASN A 382 -23.46 -51.81 40.29
CA ASN A 382 -23.10 -50.67 41.13
C ASN A 382 -22.01 -51.03 42.14
N ASN A 383 -21.26 -52.09 41.86
CA ASN A 383 -20.20 -52.47 42.78
C ASN A 383 -18.92 -51.72 42.43
N VAL A 384 -18.35 -51.10 43.45
CA VAL A 384 -17.11 -50.35 43.35
C VAL A 384 -15.98 -51.26 43.78
N ALA A 385 -14.87 -51.15 43.06
CA ALA A 385 -13.69 -51.97 43.31
C ALA A 385 -12.37 -51.22 43.05
N TYR A 386 -11.38 -51.55 43.89
CA TYR A 386 -10.06 -50.96 43.84
C TYR A 386 -9.15 -51.90 43.08
N TRP A 387 -8.32 -51.33 42.21
CA TRP A 387 -7.48 -52.12 41.33
C TRP A 387 -6.05 -51.62 41.27
N ASP A 388 -5.15 -52.52 40.92
CA ASP A 388 -3.74 -52.18 40.76
C ASP A 388 -3.40 -52.49 39.31
N VAL A 389 -3.09 -51.44 38.55
CA VAL A 389 -2.82 -51.56 37.13
C VAL A 389 -1.48 -52.26 36.97
N LEU A 390 -0.49 -51.75 37.69
CA LEU A 390 0.87 -52.27 37.63
C LEU A 390 0.94 -53.77 37.96
N LYS A 391 0.25 -54.21 39.02
CA LYS A 391 0.25 -55.64 39.34
C LYS A 391 -0.93 -56.37 38.70
N ALA A 392 -1.56 -55.72 37.73
CA ALA A 392 -2.70 -56.25 36.97
C ALA A 392 -3.68 -57.11 37.76
N CYS A 393 -4.14 -56.61 38.90
CA CYS A 393 -5.05 -57.41 39.72
C CYS A 393 -6.01 -56.56 40.54
N LYS A 394 -7.06 -57.19 41.03
CA LYS A 394 -7.97 -56.55 41.96
C LYS A 394 -7.27 -56.49 43.31
N VAL A 395 -7.64 -55.52 44.14
CA VAL A 395 -7.07 -55.47 45.46
C VAL A 395 -8.20 -55.53 46.48
N GLU A 396 -9.33 -54.84 46.21
CA GLU A 396 -10.35 -54.83 47.22
C GLU A 396 -11.74 -54.62 46.54
N ASP A 397 -12.81 -55.11 47.16
CA ASP A 397 -14.16 -54.85 46.65
C ASP A 397 -14.90 -53.94 47.64
N LEU A 398 -15.07 -52.67 47.27
CA LEU A 398 -15.67 -51.73 48.21
C LEU A 398 -17.19 -51.86 48.22
N GLY A 399 -17.74 -52.57 47.25
CA GLY A 399 -19.19 -52.73 47.20
C GLY A 399 -19.96 -51.54 46.67
N LYS A 400 -21.27 -51.50 46.89
CA LYS A 400 -22.07 -50.40 46.38
C LYS A 400 -21.91 -49.03 47.04
N VAL A 401 -20.67 -48.64 47.35
CA VAL A 401 -20.36 -47.32 47.89
C VAL A 401 -20.58 -46.21 46.84
N ASP A 402 -20.77 -44.97 47.28
CA ASP A 402 -20.89 -43.84 46.35
C ASP A 402 -19.55 -43.67 45.63
N PHE A 403 -19.56 -43.87 44.32
CA PHE A 403 -18.34 -43.87 43.50
C PHE A 403 -17.60 -42.52 43.50
N GLU A 404 -18.29 -41.41 43.23
CA GLU A 404 -17.62 -40.12 43.22
C GLU A 404 -17.09 -39.73 44.59
N ASP A 405 -17.79 -40.18 45.63
CA ASP A 405 -17.35 -39.94 47.00
C ASP A 405 -16.15 -40.79 47.34
N GLU A 406 -16.13 -42.03 46.88
CA GLU A 406 -14.99 -42.90 47.13
C GLU A 406 -13.77 -42.29 46.45
N ILE A 407 -13.95 -41.88 45.20
CA ILE A 407 -12.90 -41.19 44.44
C ILE A 407 -12.33 -40.04 45.23
N LYS A 408 -13.19 -39.19 45.79
CA LYS A 408 -12.69 -38.06 46.56
C LYS A 408 -11.92 -38.55 47.79
N LYS A 409 -12.54 -39.45 48.56
CA LYS A 409 -11.92 -39.97 49.79
C LYS A 409 -10.50 -40.51 49.55
N ARG A 410 -10.31 -41.22 48.44
CA ARG A 410 -9.01 -41.83 48.14
C ARG A 410 -8.09 -40.91 47.32
N PHE A 411 -8.28 -39.60 47.46
CA PHE A 411 -7.43 -38.61 46.80
C PHE A 411 -6.03 -38.47 47.40
N LYS A 412 -5.02 -38.59 46.54
CA LYS A 412 -3.62 -38.41 46.93
C LYS A 412 -3.08 -37.14 46.26
N MET A 413 -2.46 -36.27 47.05
CA MET A 413 -1.90 -35.01 46.54
C MET A 413 -0.51 -35.23 45.96
N VAL A 414 -0.47 -35.95 44.85
CA VAL A 414 0.76 -36.27 44.12
C VAL A 414 0.48 -36.18 42.63
N TYR A 415 1.53 -36.05 41.83
CA TYR A 415 1.39 -36.04 40.37
C TYR A 415 2.32 -37.05 39.71
N VAL A 416 1.74 -37.86 38.85
CA VAL A 416 2.44 -38.88 38.09
C VAL A 416 1.88 -38.80 36.68
N PRO A 417 2.76 -38.62 35.69
CA PRO A 417 2.35 -38.49 34.29
C PRO A 417 1.57 -39.69 33.78
N ASN A 418 0.69 -39.46 32.80
CA ASN A 418 -0.06 -40.56 32.23
C ASN A 418 0.86 -41.49 31.47
N TRP A 419 0.78 -42.78 31.77
CA TRP A 419 1.63 -43.77 31.12
C TRP A 419 0.82 -44.89 30.50
N PHE A 420 -0.50 -44.86 30.67
CA PHE A 420 -1.37 -45.84 30.06
C PHE A 420 -2.77 -45.31 29.76
N SER A 421 -3.51 -46.03 28.91
CA SER A 421 -4.90 -45.73 28.66
C SER A 421 -5.76 -46.89 29.15
N VAL A 422 -7.06 -46.66 29.29
CA VAL A 422 -7.99 -47.68 29.75
C VAL A 422 -9.19 -47.73 28.83
N ASP A 423 -9.69 -48.92 28.53
CA ASP A 423 -10.93 -49.05 27.78
C ASP A 423 -11.84 -50.04 28.52
N LEU A 424 -13.14 -49.89 28.28
CA LEU A 424 -14.17 -50.70 28.95
C LEU A 424 -15.19 -51.30 27.99
N LYS A 425 -14.82 -51.40 26.71
CA LYS A 425 -15.76 -51.86 25.70
C LYS A 425 -16.04 -53.36 25.75
N THR A 426 -15.33 -54.08 26.60
CA THR A 426 -15.59 -55.51 26.80
C THR A 426 -16.34 -55.70 28.10
N GLY A 427 -16.51 -54.61 28.83
CA GLY A 427 -17.13 -54.67 30.14
C GLY A 427 -16.09 -55.08 31.17
N MET A 428 -14.85 -55.23 30.71
CA MET A 428 -13.72 -55.58 31.57
C MET A 428 -12.63 -54.53 31.42
N LEU A 429 -11.73 -54.45 32.39
CA LEU A 429 -10.67 -53.47 32.29
C LEU A 429 -9.64 -53.90 31.29
N THR A 430 -9.46 -53.07 30.26
CA THR A 430 -8.40 -53.35 29.31
C THR A 430 -7.43 -52.17 29.35
N ILE A 431 -6.18 -52.43 29.68
CA ILE A 431 -5.18 -51.39 29.80
C ILE A 431 -4.35 -51.40 28.52
N THR A 432 -4.11 -50.22 27.96
CA THR A 432 -3.33 -50.14 26.74
C THR A 432 -2.11 -49.21 26.86
N LEU A 433 -0.98 -49.75 26.41
CA LEU A 433 0.30 -49.07 26.36
C LEU A 433 0.68 -48.71 24.93
N ASP A 434 1.04 -47.43 24.78
CA ASP A 434 1.48 -46.82 23.52
C ASP A 434 2.90 -46.34 23.62
N GLU A 435 3.58 -46.36 22.48
CA GLU A 435 4.97 -45.94 22.35
C GLU A 435 5.24 -44.55 22.92
N SER A 436 4.31 -43.63 22.68
CA SER A 436 4.47 -42.26 23.13
C SER A 436 4.72 -42.10 24.63
N ASP A 437 3.65 -42.16 25.43
CA ASP A 437 3.74 -41.99 26.88
C ASP A 437 3.96 -43.21 27.78
N CYS A 438 4.16 -44.39 27.20
CA CYS A 438 4.41 -45.61 28.00
C CYS A 438 5.50 -45.42 29.03
N PHE A 439 6.57 -44.76 28.62
CA PHE A 439 7.65 -44.47 29.52
C PHE A 439 7.58 -42.97 29.80
N ALA A 440 7.15 -42.62 31.01
CA ALA A 440 6.96 -41.23 31.36
C ALA A 440 6.86 -41.11 32.87
N ALA A 441 6.36 -42.15 33.51
CA ALA A 441 6.19 -42.13 34.95
C ALA A 441 7.37 -42.76 35.68
N TRP A 442 8.25 -41.92 36.22
CA TRP A 442 9.36 -42.43 36.99
C TRP A 442 9.15 -42.11 38.47
N VAL A 443 8.90 -43.14 39.28
CA VAL A 443 8.65 -42.97 40.71
C VAL A 443 9.61 -43.78 41.58
N SER A 444 9.87 -43.33 42.80
CA SER A 444 10.75 -44.07 43.69
C SER A 444 10.07 -45.38 44.08
N ALA A 445 10.86 -46.45 44.24
CA ALA A 445 10.33 -47.77 44.62
C ALA A 445 9.59 -47.80 45.96
N LYS A 446 10.15 -47.15 46.97
CA LYS A 446 9.53 -47.07 48.29
C LYS A 446 8.17 -46.41 48.18
N ASP A 447 8.08 -45.40 47.32
CA ASP A 447 6.83 -44.69 47.06
C ASP A 447 5.87 -45.69 46.44
N ALA A 448 6.37 -46.41 45.44
CA ALA A 448 5.65 -47.47 44.74
C ALA A 448 5.36 -48.68 45.66
N GLY A 449 5.77 -48.56 46.92
CA GLY A 449 5.58 -49.61 47.92
C GLY A 449 6.51 -50.80 47.81
N PHE A 450 7.60 -50.62 47.06
CA PHE A 450 8.61 -51.64 46.85
C PHE A 450 9.84 -51.37 47.70
N SER A 451 9.74 -51.76 48.96
CA SER A 451 10.81 -51.61 49.93
C SER A 451 11.90 -52.61 49.60
N SER A 452 13.13 -52.12 49.56
CA SER A 452 14.29 -52.95 49.27
C SER A 452 15.36 -52.88 50.34
N PRO A 453 15.15 -53.65 51.42
CA PRO A 453 15.98 -53.74 52.63
C PRO A 453 17.23 -54.49 52.20
N ASP A 454 18.40 -53.90 52.42
CA ASP A 454 18.53 -52.58 53.03
C ASP A 454 19.32 -51.55 52.22
N GLY A 455 19.49 -51.78 50.93
CA GLY A 455 20.09 -50.74 50.11
C GLY A 455 19.11 -49.64 49.74
N SER A 456 19.33 -48.95 48.63
CA SER A 456 18.62 -47.70 48.40
C SER A 456 17.43 -47.81 47.45
N ASP A 457 16.69 -46.71 47.35
CA ASP A 457 15.57 -46.61 46.43
C ASP A 457 15.92 -45.83 45.16
N PRO A 458 15.99 -46.56 44.02
CA PRO A 458 16.14 -46.10 42.63
C PRO A 458 14.84 -45.54 42.03
N LYS A 459 14.96 -44.76 40.96
CA LYS A 459 13.80 -44.18 40.29
C LYS A 459 13.33 -45.14 39.18
N LEU A 460 12.30 -45.93 39.49
CA LEU A 460 11.72 -46.91 38.57
C LEU A 460 10.67 -46.39 37.58
N ASN A 461 10.74 -46.86 36.34
CA ASN A 461 9.74 -46.55 35.32
C ASN A 461 8.61 -47.58 35.31
N LEU A 462 7.40 -47.14 35.63
CA LEU A 462 6.23 -48.01 35.73
C LEU A 462 5.92 -48.83 34.46
N GLY A 463 5.88 -48.15 33.31
CA GLY A 463 5.60 -48.80 32.05
C GLY A 463 6.65 -49.83 31.67
N GLY A 464 7.89 -49.56 32.06
CA GLY A 464 8.99 -50.47 31.79
C GLY A 464 8.79 -51.76 32.55
N LEU A 465 8.77 -51.64 33.88
CA LEU A 465 8.51 -52.76 34.76
C LEU A 465 7.31 -53.59 34.31
N LEU A 466 6.21 -52.91 34.00
CA LEU A 466 4.99 -53.59 33.56
C LEU A 466 5.23 -54.35 32.25
N LEU A 467 6.00 -53.77 31.32
CA LEU A 467 6.28 -54.42 30.05
C LEU A 467 7.09 -55.68 30.30
N GLN A 468 8.08 -55.57 31.18
CA GLN A 468 8.92 -56.70 31.57
C GLN A 468 8.08 -57.83 32.16
N ALA A 469 7.16 -57.48 33.06
CA ALA A 469 6.27 -58.45 33.69
C ALA A 469 5.30 -59.10 32.70
N LEU A 470 4.88 -58.35 31.68
CA LEU A 470 3.92 -58.88 30.71
C LEU A 470 4.60 -59.95 29.86
N LEU A 471 5.84 -59.69 29.48
CA LEU A 471 6.65 -60.60 28.70
C LEU A 471 7.66 -61.32 29.62
N GLU A 472 7.25 -61.63 30.85
CA GLU A 472 8.14 -62.25 31.81
C GLU A 472 8.62 -63.63 31.37
N TYR A 473 7.70 -64.40 30.80
CA TYR A 473 7.98 -65.76 30.36
C TYR A 473 8.62 -65.84 28.96
N TRP A 474 8.74 -64.71 28.28
CA TRP A 474 9.40 -64.68 26.98
C TRP A 474 10.91 -64.85 27.17
N PRO A 475 11.49 -65.92 26.60
CA PRO A 475 12.93 -66.21 26.75
C PRO A 475 13.88 -65.14 26.21
N ARG A 476 13.49 -64.45 25.13
CA ARG A 476 14.31 -63.37 24.59
C ARG A 476 14.77 -62.34 25.63
N THR A 477 14.01 -62.18 26.70
CA THR A 477 14.32 -61.19 27.71
C THR A 477 15.16 -61.76 28.87
N HIS A 478 15.87 -62.86 28.60
CA HIS A 478 16.72 -63.52 29.59
C HIS A 478 18.18 -63.44 29.16
N LYS A 502 15.58 -61.85 33.53
CA LYS A 502 14.49 -62.78 33.81
C LYS A 502 13.16 -62.06 33.85
N GLY A 503 12.72 -61.69 35.05
CA GLY A 503 11.49 -60.94 35.24
C GLY A 503 11.84 -59.47 35.31
N ASN A 504 11.09 -58.70 36.09
CA ASN A 504 11.44 -57.30 36.25
C ASN A 504 12.11 -57.08 37.61
N GLY A 505 12.02 -58.10 38.46
CA GLY A 505 12.66 -58.07 39.76
C GLY A 505 11.79 -57.58 40.89
N TYR A 506 10.68 -56.93 40.55
CA TYR A 506 9.81 -56.35 41.56
C TYR A 506 8.45 -57.03 41.75
N PHE A 507 7.78 -57.39 40.65
CA PHE A 507 6.44 -57.97 40.76
C PHE A 507 6.13 -58.91 39.60
N GLN A 508 5.05 -59.67 39.75
CA GLN A 508 4.62 -60.57 38.70
C GLN A 508 3.19 -60.31 38.26
N VAL A 509 2.92 -60.48 36.97
CA VAL A 509 1.58 -60.32 36.44
C VAL A 509 0.93 -61.70 36.42
N PRO A 510 -0.40 -61.79 36.64
CA PRO A 510 -1.09 -63.10 36.58
C PRO A 510 -0.77 -63.85 35.29
N PRO A 511 -0.35 -65.12 35.38
CA PRO A 511 0.12 -65.80 34.17
C PRO A 511 -0.96 -65.96 33.09
N HIS A 512 -2.22 -65.97 33.49
CA HIS A 512 -3.30 -66.09 32.52
C HIS A 512 -3.66 -64.77 31.85
N THR A 513 -3.03 -63.69 32.30
CA THR A 513 -3.29 -62.37 31.74
C THR A 513 -3.09 -62.32 30.24
N PRO A 514 -4.17 -62.07 29.48
CA PRO A 514 -3.98 -62.01 28.02
C PRO A 514 -3.18 -60.78 27.62
N VAL A 515 -2.22 -61.00 26.73
CA VAL A 515 -1.39 -59.95 26.17
C VAL A 515 -1.67 -59.83 24.67
N ILE A 516 -2.26 -58.71 24.28
CA ILE A 516 -2.66 -58.43 22.91
C ILE A 516 -1.68 -57.44 22.25
N PHE A 517 -1.34 -57.65 20.98
CA PHE A 517 -0.45 -56.75 20.26
C PHE A 517 -1.24 -56.29 19.06
N GLY A 518 -1.44 -54.97 18.94
CA GLY A 518 -2.27 -54.45 17.87
C GLY A 518 -2.08 -53.04 17.30
N GLU A 519 -2.49 -52.87 16.05
CA GLU A 519 -2.42 -51.58 15.39
C GLU A 519 -3.43 -50.66 16.08
N ALA A 520 -3.04 -49.42 16.34
CA ALA A 520 -3.92 -48.46 17.00
C ALA A 520 -5.22 -48.18 16.26
N GLY A 521 -5.12 -48.01 14.94
CA GLY A 521 -6.29 -47.79 14.12
C GLY A 521 -7.31 -48.90 14.13
N GLY A 522 -6.87 -50.15 14.16
CA GLY A 522 -7.81 -51.25 14.14
C GLY A 522 -7.30 -52.67 14.26
N ARG A 523 -6.84 -53.17 13.12
CA ARG A 523 -6.40 -54.54 12.89
C ARG A 523 -5.57 -55.13 14.01
N THR A 524 -6.01 -56.26 14.55
CA THR A 524 -5.28 -57.01 15.55
C THR A 524 -4.14 -57.86 14.99
N LEU A 525 -2.93 -57.74 15.53
CA LEU A 525 -1.81 -58.51 14.98
C LEU A 525 -1.64 -59.86 15.67
N PHE A 526 -1.54 -59.87 17.01
CA PHE A 526 -1.31 -61.16 17.69
C PHE A 526 -1.80 -61.17 19.13
N ARG A 527 -2.61 -62.17 19.52
CA ARG A 527 -3.05 -62.27 20.91
C ARG A 527 -2.54 -63.57 21.55
N LEU A 528 -1.82 -63.47 22.66
CA LEU A 528 -1.37 -64.67 23.38
C LEU A 528 -1.47 -64.48 24.88
N LEU A 529 -1.48 -65.58 25.64
CA LEU A 529 -1.48 -65.43 27.08
C LEU A 529 -0.05 -65.25 27.53
N CYS A 530 0.14 -64.62 28.69
CA CYS A 530 1.47 -64.34 29.21
C CYS A 530 2.33 -65.62 29.35
N ARG A 531 1.76 -66.61 30.02
CA ARG A 531 2.43 -67.90 30.27
C ARG A 531 2.82 -68.63 28.99
N ASP A 532 2.12 -68.30 27.90
CA ASP A 532 2.36 -68.95 26.62
C ASP A 532 3.56 -68.35 25.89
N SER A 533 4.18 -67.32 26.47
CA SER A 533 5.32 -66.66 25.84
C SER A 533 6.48 -67.66 25.70
N GLY A 534 6.40 -68.73 26.49
CA GLY A 534 7.36 -69.81 26.50
C GLY A 534 7.45 -70.66 25.25
N GLY A 535 6.30 -71.09 24.74
CA GLY A 535 6.19 -71.87 23.51
C GLY A 535 7.11 -71.39 22.41
N GLU A 536 7.71 -72.34 21.70
CA GLU A 536 8.70 -72.02 20.67
C GLU A 536 8.06 -71.26 19.50
N THR A 537 6.86 -71.67 19.12
CA THR A 537 6.18 -71.02 17.99
C THR A 537 5.60 -69.68 18.44
N GLU A 538 5.29 -69.62 19.73
CA GLU A 538 4.79 -68.40 20.35
C GLU A 538 5.91 -67.39 20.39
N SER A 539 7.06 -67.81 20.92
CA SER A 539 8.22 -66.94 20.99
C SER A 539 8.59 -66.49 19.57
N MET A 540 8.37 -67.37 18.60
CA MET A 540 8.63 -67.03 17.19
C MET A 540 7.69 -65.93 16.70
N LEU A 541 6.46 -65.96 17.19
CA LEU A 541 5.49 -64.94 16.78
C LEU A 541 5.75 -63.64 17.52
N LEU A 542 6.12 -63.73 18.80
CA LEU A 542 6.48 -62.54 19.55
C LEU A 542 7.65 -61.87 18.82
N ASN A 543 8.61 -62.69 18.38
CA ASN A 543 9.73 -62.20 17.60
C ASN A 543 9.30 -61.47 16.34
N GLU A 544 8.21 -61.94 15.74
CA GLU A 544 7.74 -61.26 14.53
C GLU A 544 6.78 -60.07 14.68
N THR A 545 5.95 -60.05 15.72
CA THR A 545 4.98 -58.96 15.91
C THR A 545 5.35 -57.83 16.88
N VAL A 546 5.93 -58.18 18.03
CA VAL A 546 6.36 -57.21 19.04
C VAL A 546 7.17 -56.10 18.39
N PRO A 547 6.70 -54.85 18.52
CA PRO A 547 7.43 -53.76 17.85
C PRO A 547 8.71 -53.33 18.57
N GLN A 548 9.58 -52.69 17.79
CA GLN A 548 10.91 -52.25 18.20
C GLN A 548 10.95 -51.43 19.48
N TRP A 549 10.01 -50.51 19.62
CA TRP A 549 9.95 -49.61 20.77
C TRP A 549 9.83 -50.38 22.09
N VAL A 550 9.36 -51.63 22.04
CA VAL A 550 9.25 -52.48 23.22
C VAL A 550 10.53 -53.30 23.37
N ILE A 551 11.06 -53.72 22.23
CA ILE A 551 12.29 -54.48 22.18
C ILE A 551 13.47 -53.74 22.81
N ASP A 552 13.57 -52.44 22.54
CA ASP A 552 14.62 -51.63 23.14
C ASP A 552 14.71 -51.79 24.67
N ILE A 553 13.56 -51.82 25.32
CA ILE A 553 13.50 -51.83 26.78
C ILE A 553 13.39 -53.20 27.47
N THR A 554 12.62 -54.14 26.91
CA THR A 554 12.44 -55.44 27.57
C THR A 554 13.59 -56.42 27.38
N VAL A 555 14.01 -56.59 26.14
CA VAL A 555 15.09 -57.51 25.79
C VAL A 555 16.43 -56.79 25.93
N ASP A 556 16.73 -55.88 25.01
CA ASP A 556 17.99 -55.14 25.02
C ASP A 556 18.29 -54.36 26.30
N LYS A 557 17.29 -54.21 27.18
CA LYS A 557 17.42 -53.50 28.46
C LYS A 557 17.93 -52.06 28.40
N ASN A 558 17.90 -51.43 27.22
CA ASN A 558 18.33 -50.05 27.07
C ASN A 558 17.31 -49.08 27.71
N MET A 559 17.16 -49.13 29.03
CA MET A 559 16.22 -48.24 29.71
C MET A 559 16.40 -46.75 29.40
N PRO A 560 15.27 -46.07 29.05
CA PRO A 560 15.15 -44.66 28.67
C PRO A 560 15.58 -43.67 29.74
N LYS A 561 15.98 -42.46 29.37
CA LYS A 561 16.38 -41.48 30.38
C LYS A 561 15.06 -40.76 30.74
N PHE A 562 15.14 -39.68 31.51
CA PHE A 562 13.99 -38.88 31.91
C PHE A 562 13.86 -37.67 30.97
N UNK A 563 12.78 -36.92 31.11
CA UNK A 563 12.49 -35.76 30.26
C UNK A 563 12.37 -34.49 31.13
N UNK A 564 13.53 -33.89 31.41
CA UNK A 564 13.69 -32.89 32.47
C UNK A 564 12.70 -31.70 32.47
N UNK A 565 12.38 -31.19 33.64
CA UNK A 565 11.60 -29.96 33.79
C UNK A 565 12.38 -28.83 34.54
N UNK A 566 12.06 -27.57 34.28
CA UNK A 566 12.74 -26.45 34.97
C UNK A 566 11.81 -25.24 35.27
N UNK A 567 12.14 -24.48 36.31
CA UNK A 567 11.33 -23.30 36.68
C UNK A 567 12.17 -22.14 37.28
N UNK A 568 11.72 -20.90 37.09
CA UNK A 568 12.44 -19.74 37.59
C UNK A 568 12.54 -19.67 39.15
N UNK A 569 13.69 -19.29 39.67
CA UNK A 569 13.87 -19.18 41.15
C UNK A 569 14.58 -17.88 41.61
N UNK A 570 13.91 -17.11 42.47
CA UNK A 570 14.48 -15.87 42.99
C UNK A 570 13.86 -15.42 44.32
N UNK A 571 14.48 -14.48 45.01
CA UNK A 571 13.92 -13.95 46.27
C UNK A 571 12.56 -13.19 46.08
N UNK A 572 11.59 -13.47 46.94
CA UNK A 572 10.28 -12.76 46.88
C UNK A 572 10.36 -11.28 47.35
N UNK A 573 11.49 -10.91 47.96
CA UNK A 573 11.72 -9.52 48.40
C UNK A 573 13.19 -9.04 48.15
N UNK A 574 14.16 -9.82 48.62
CA UNK A 574 15.59 -9.48 48.41
C UNK A 574 16.55 -10.72 48.52
N UNK A 575 17.72 -10.63 47.90
CA UNK A 575 18.71 -11.72 47.92
C UNK A 575 20.20 -11.26 47.68
N UNK A 576 21.16 -11.96 48.28
CA UNK A 576 22.59 -11.60 48.14
C UNK A 576 23.59 -12.77 48.40
N UNK A 586 18.97 -15.28 36.90
CA UNK A 586 18.76 -14.95 35.47
C UNK A 586 18.08 -16.08 34.65
N UNK A 587 18.29 -17.33 35.02
CA UNK A 587 17.67 -18.47 34.32
C UNK A 587 17.42 -19.72 35.22
N UNK A 588 16.41 -20.51 34.88
CA UNK A 588 16.08 -21.73 35.66
C UNK A 588 17.20 -22.79 35.69
N UNK A 589 17.54 -23.30 36.87
CA UNK A 589 18.57 -24.33 36.99
C UNK A 589 18.13 -25.72 36.42
N UNK A 590 19.09 -26.52 35.95
CA UNK A 590 18.79 -27.87 35.47
C UNK A 590 18.11 -28.76 36.54
N UNK A 591 16.92 -29.27 36.26
CA UNK A 591 16.16 -30.03 37.26
C UNK A 591 15.37 -31.26 36.70
N UNK A 592 14.78 -32.05 37.60
CA UNK A 592 13.99 -33.22 37.20
C UNK A 592 12.81 -33.52 38.18
N UNK A 593 11.71 -34.08 37.67
CA UNK A 593 10.64 -34.54 38.56
C UNK A 593 11.12 -35.67 39.52
N UNK A 594 12.10 -36.45 39.08
CA UNK A 594 12.75 -37.46 39.92
C UNK A 594 13.43 -36.85 41.18
N UNK A 595 13.79 -35.58 41.12
CA UNK A 595 14.37 -34.87 42.27
C UNK A 595 13.35 -34.66 43.42
N UNK A 596 13.81 -34.75 44.65
CA UNK A 596 12.94 -34.57 45.83
C UNK A 596 12.40 -33.12 46.00
N UNK A 597 12.70 -32.24 45.05
CA UNK A 597 12.26 -30.82 45.12
C UNK A 597 12.75 -30.04 46.40
N UNK A 598 12.50 -30.59 47.58
CA UNK A 598 13.00 -29.98 48.83
C UNK A 598 14.55 -29.84 48.88
N UNK A 599 15.28 -30.83 48.35
CA UNK A 599 16.75 -30.78 48.29
C UNK A 599 17.30 -29.57 47.46
N UNK A 600 16.57 -29.19 46.41
CA UNK A 600 16.93 -28.02 45.61
C UNK A 600 16.88 -26.69 46.41
N UNK A 601 15.90 -26.56 47.31
CA UNK A 601 15.84 -25.40 48.20
C UNK A 601 17.11 -25.24 49.10
N UNK A 602 17.71 -26.36 49.51
CA UNK A 602 18.96 -26.33 50.27
C UNK A 602 20.16 -25.76 49.46
N UNK A 603 20.19 -26.01 48.15
CA UNK A 603 21.22 -25.44 47.27
C UNK A 603 21.18 -23.90 47.25
N UNK A 604 19.99 -23.33 47.39
CA UNK A 604 19.84 -21.88 47.51
C UNK A 604 20.56 -21.29 48.76
N UNK A 605 20.57 -22.03 49.86
CA UNK A 605 21.27 -21.61 51.09
C UNK A 605 22.83 -21.52 50.92
N UNK A 606 23.40 -22.34 50.05
CA UNK A 606 24.85 -22.29 49.75
C UNK A 606 25.32 -20.94 49.14
N UNK A 607 24.46 -20.31 48.35
CA UNK A 607 24.75 -18.97 47.79
C UNK A 607 24.83 -17.85 48.86
N UNK A 608 24.02 -17.97 49.92
CA UNK A 608 24.10 -17.03 51.04
C UNK A 608 25.44 -17.10 51.81
N UNK A 609 26.07 -18.27 51.82
CA UNK A 609 27.39 -18.44 52.46
C UNK A 609 28.51 -17.61 51.78
N UNK A 610 28.36 -17.31 50.49
CA UNK A 610 29.35 -16.51 49.76
C UNK A 610 29.17 -14.96 49.96
N UNK A 620 30.27 -33.87 55.02
CA UNK A 620 29.77 -33.08 56.17
C UNK A 620 28.86 -31.87 55.76
N UNK A 621 29.16 -31.21 54.64
CA UNK A 621 28.32 -30.10 54.15
C UNK A 621 26.87 -30.51 53.79
N UNK A 622 26.68 -31.75 53.33
CA UNK A 622 25.33 -32.28 53.03
C UNK A 622 24.40 -32.33 54.29
N UNK A 623 24.96 -32.65 55.45
CA UNK A 623 24.21 -32.58 56.70
C UNK A 623 23.93 -31.11 57.15
N UNK A 624 24.92 -30.23 57.03
CA UNK A 624 24.74 -28.80 57.33
C UNK A 624 23.67 -28.11 56.44
N UNK A 625 23.57 -28.53 55.18
CA UNK A 625 22.54 -28.02 54.28
C UNK A 625 21.09 -28.41 54.72
N UNK A 626 20.92 -29.58 55.30
CA UNK A 626 19.63 -30.00 55.88
C UNK A 626 19.18 -29.08 57.05
N UNK A 627 20.14 -28.58 57.83
CA UNK A 627 19.84 -27.62 58.89
C UNK A 627 19.23 -26.29 58.38
N UNK A 628 19.61 -25.88 57.17
CA UNK A 628 19.03 -24.69 56.54
C UNK A 628 17.49 -24.80 56.33
N UNK A 629 16.99 -26.01 56.10
CA UNK A 629 15.55 -26.23 55.95
C UNK A 629 14.73 -25.88 57.23
N UNK A 630 15.32 -26.06 58.40
CA UNK A 630 14.65 -25.73 59.67
C UNK A 630 14.32 -24.22 59.83
N UNK A 631 15.11 -23.35 59.19
CA UNK A 631 14.89 -21.89 59.28
C UNK A 631 14.95 -21.15 57.90
N UNK A 632 16.07 -21.23 57.21
CA UNK A 632 16.21 -20.58 55.89
C UNK A 632 15.43 -21.31 54.75
N UNK A 633 16.05 -21.46 53.58
CA UNK A 633 15.38 -22.06 52.42
C UNK A 633 13.99 -21.43 52.10
N UNK A 634 12.94 -21.93 52.74
CA UNK A 634 11.57 -21.41 52.53
C UNK A 634 11.15 -21.25 51.04
N UNK A 635 11.39 -22.27 50.23
CA UNK A 635 11.04 -22.22 48.80
C UNK A 635 9.50 -22.29 48.50
N UNK A 636 8.74 -21.28 48.93
CA UNK A 636 7.32 -21.23 48.61
C UNK A 636 7.05 -21.02 47.08
N UNK A 637 5.86 -21.37 46.62
CA UNK A 637 5.50 -21.16 45.21
C UNK A 637 3.99 -20.90 45.01
N UNK A 638 3.62 -20.30 43.88
CA UNK A 638 2.22 -19.92 43.63
C UNK A 638 1.57 -19.11 44.81
N UNK A 639 2.34 -18.22 45.42
CA UNK A 639 1.89 -17.46 46.60
C UNK A 639 1.35 -18.35 47.77
N UNK A 640 1.97 -19.51 47.98
CA UNK A 640 1.57 -20.43 49.08
C UNK A 640 2.73 -21.33 49.61
N UNK A 641 2.63 -21.79 50.86
CA UNK A 641 3.65 -22.65 51.45
C UNK A 641 3.82 -24.03 50.73
N UNK A 642 5.05 -24.43 50.46
CA UNK A 642 5.31 -25.68 49.73
C UNK A 642 5.94 -26.83 50.62
N UNK A 643 5.21 -27.90 50.86
CA UNK A 643 5.72 -29.03 51.68
C UNK A 643 7.01 -29.71 51.11
N UNK A 644 8.02 -29.92 51.96
CA UNK A 644 9.26 -30.59 51.53
C UNK A 644 9.06 -32.05 50.98
N UNK A 645 8.08 -32.77 51.51
CA UNK A 645 7.77 -34.12 51.03
C UNK A 645 7.15 -34.15 49.59
N UNK A 646 6.55 -33.05 49.16
CA UNK A 646 5.95 -32.95 47.82
C UNK A 646 6.99 -33.05 46.66
N UNK A 647 6.68 -33.84 45.63
CA UNK A 647 7.56 -33.96 44.47
C UNK A 647 7.54 -32.71 43.55
N UNK A 648 8.65 -32.44 42.86
CA UNK A 648 8.69 -31.31 41.90
C UNK A 648 7.60 -31.40 40.81
N UNK A 649 7.29 -32.61 40.37
CA UNK A 649 6.20 -32.81 39.42
C UNK A 649 4.80 -32.40 39.99
N UNK A 650 4.58 -32.62 41.29
CA UNK A 650 3.30 -32.24 41.94
C UNK A 650 3.00 -30.72 41.91
N UNK A 651 4.04 -29.89 41.92
CA UNK A 651 3.88 -28.43 41.81
C UNK A 651 3.21 -27.99 40.47
N UNK A 652 3.48 -28.71 39.39
CA UNK A 652 2.81 -28.43 38.11
C UNK A 652 1.27 -28.66 38.16
N UNK A 653 0.84 -29.58 39.03
CA UNK A 653 -0.61 -29.81 39.23
C UNK A 653 -1.30 -28.76 40.19
N UNK A 654 -0.52 -27.85 40.76
CA UNK A 654 -1.05 -26.82 41.66
C UNK A 654 -0.60 -25.35 41.33
N UNK A 655 0.70 -25.12 41.17
CA UNK A 655 1.22 -23.76 40.85
C UNK A 655 0.81 -23.21 39.45
N UNK A 656 1.42 -23.73 38.39
CA UNK A 656 1.05 -23.32 37.03
C UNK A 656 -0.42 -23.70 36.65
N UNK A 657 -0.96 -24.76 37.23
CA UNK A 657 -2.36 -25.17 36.98
C UNK A 657 -3.41 -24.14 37.47
N UNK A 658 -3.06 -23.35 38.48
CA UNK A 658 -3.98 -22.33 39.04
C UNK A 658 -4.01 -21.00 38.23
N UNK A 659 -4.62 -21.01 37.05
CA UNK A 659 -4.73 -19.80 36.19
C UNK A 659 -3.38 -19.04 35.94
N UNK A 660 -2.32 -19.76 35.57
CA UNK A 660 -1.01 -19.15 35.33
C UNK A 660 -0.17 -19.85 34.21
N UNK A 661 0.82 -19.15 33.66
CA UNK A 661 1.68 -19.74 32.62
C UNK A 661 2.58 -20.92 33.13
N UNK A 662 2.86 -21.89 32.26
CA UNK A 662 3.71 -23.05 32.63
C UNK A 662 5.21 -22.69 32.87
N UNK A 663 5.46 -21.73 33.76
CA UNK A 663 6.83 -21.32 34.10
C UNK A 663 6.88 -20.48 35.40
N UNK A 664 5.93 -20.72 36.30
CA UNK A 664 5.80 -19.95 37.55
C UNK A 664 7.11 -19.85 38.40
N UNK A 665 7.51 -18.64 38.76
CA UNK A 665 8.71 -18.43 39.59
C UNK A 665 8.56 -18.92 41.06
N UNK A 666 9.62 -19.49 41.62
CA UNK A 666 9.58 -19.96 43.01
C UNK A 666 9.87 -18.85 44.05
N UNK A 667 8.93 -18.60 44.95
CA UNK A 667 9.13 -17.60 46.00
C UNK A 667 10.23 -17.99 47.03
N UNK A 668 11.01 -17.02 47.50
CA UNK A 668 12.08 -17.28 48.45
C UNK A 668 12.28 -16.15 49.52
N UNK A 669 12.55 -16.52 50.76
CA UNK A 669 12.71 -15.52 51.85
C UNK A 669 13.68 -15.99 52.98
N UNK A 670 14.40 -15.06 53.58
CA UNK A 670 15.27 -15.39 54.74
C UNK A 670 14.49 -16.02 55.94
N UNK A 671 13.20 -15.68 56.06
CA UNK A 671 12.34 -16.28 57.09
C UNK A 671 10.82 -16.21 56.73
N ASN B 23 -25.16 14.34 10.96
CA ASN B 23 -24.01 14.46 11.85
C ASN B 23 -22.97 13.36 11.62
N GLU B 24 -22.99 12.79 10.42
CA GLU B 24 -22.02 11.78 10.03
C GLU B 24 -20.64 12.36 9.72
N HIS B 25 -19.59 11.57 9.98
CA HIS B 25 -18.23 11.87 9.49
C HIS B 25 -17.58 10.64 8.86
N TYR B 26 -16.67 10.92 7.95
CA TYR B 26 -15.86 9.94 7.25
C TYR B 26 -14.35 10.19 7.26
N PHE B 27 -13.67 9.73 8.30
CA PHE B 27 -12.24 9.98 8.41
C PHE B 27 -11.48 8.65 8.39
N GLY B 28 -10.41 8.64 7.59
CA GLY B 28 -9.49 7.52 7.53
C GLY B 28 -8.52 7.45 8.70
N LEU B 29 -7.78 6.35 8.78
CA LEU B 29 -6.82 6.20 9.87
C LEU B 29 -5.40 6.03 9.33
N VAL B 30 -4.43 6.62 10.01
CA VAL B 30 -3.04 6.49 9.60
C VAL B 30 -2.49 5.09 9.82
N ASN B 31 -1.73 4.62 8.84
CA ASN B 31 -1.07 3.34 8.89
C ASN B 31 0.31 3.53 9.53
N PHE B 32 0.57 2.84 10.61
CA PHE B 32 1.79 2.96 11.39
C PHE B 32 2.71 1.78 11.08
N GLY B 33 2.76 1.48 9.78
CA GLY B 33 3.53 0.41 9.17
C GLY B 33 2.70 -0.78 8.82
N ASN B 34 2.53 -1.75 9.69
CA ASN B 34 1.75 -2.89 9.26
C ASN B 34 0.50 -2.96 10.11
N THR B 35 -0.08 -1.79 10.36
CA THR B 35 -1.28 -1.68 11.18
C THR B 35 -2.56 -1.48 10.37
N CYS B 36 -2.55 -1.77 9.07
CA CYS B 36 -3.79 -1.61 8.30
C CYS B 36 -4.90 -2.55 8.77
N TYR B 37 -4.51 -3.69 9.35
CA TYR B 37 -5.45 -4.66 9.90
C TYR B 37 -6.24 -4.12 11.08
N CYS B 38 -5.54 -3.27 11.82
CA CYS B 38 -6.09 -2.57 12.97
C CYS B 38 -7.06 -1.54 12.44
N ASN B 39 -6.57 -0.64 11.59
CA ASN B 39 -7.39 0.45 11.11
C ASN B 39 -8.68 -0.11 10.47
N SER B 40 -8.54 -1.17 9.68
CA SER B 40 -9.67 -1.79 8.99
C SER B 40 -10.70 -2.37 9.94
N VAL B 41 -10.23 -3.00 11.02
CA VAL B 41 -11.18 -3.58 11.97
C VAL B 41 -11.88 -2.47 12.73
N LEU B 42 -11.11 -1.46 13.14
CA LEU B 42 -11.70 -0.31 13.83
C LEU B 42 -12.76 0.36 12.95
N GLN B 43 -12.50 0.47 11.65
CA GLN B 43 -13.47 1.06 10.74
C GLN B 43 -14.72 0.22 10.61
N ALA B 44 -14.55 -1.10 10.50
CA ALA B 44 -15.71 -1.99 10.40
C ALA B 44 -16.57 -1.87 11.64
N LEU B 45 -15.93 -1.86 12.80
CA LEU B 45 -16.61 -1.73 14.08
C LEU B 45 -17.28 -0.38 14.29
N TYR B 46 -16.65 0.68 13.78
CA TYR B 46 -17.22 2.01 13.86
C TYR B 46 -18.57 2.13 13.18
N PHE B 47 -18.76 1.42 12.07
CA PHE B 47 -20.04 1.51 11.37
C PHE B 47 -21.01 0.44 11.83
N CYS B 48 -20.69 -0.15 12.97
CA CYS B 48 -21.63 -1.03 13.64
C CYS B 48 -22.23 -0.15 14.73
N ARG B 49 -23.33 0.54 14.38
CA ARG B 49 -23.91 1.56 15.26
C ARG B 49 -24.07 1.22 16.74
N PRO B 50 -24.68 0.06 17.08
CA PRO B 50 -24.80 -0.20 18.53
C PRO B 50 -23.44 -0.31 19.24
N PHE B 51 -22.42 -0.79 18.52
CA PHE B 51 -21.10 -0.87 19.11
C PHE B 51 -20.54 0.53 19.30
N ARG B 52 -20.65 1.36 18.26
CA ARG B 52 -20.19 2.74 18.31
C ARG B 52 -20.87 3.51 19.44
N GLU B 53 -22.18 3.36 19.55
CA GLU B 53 -22.99 4.02 20.57
C GLU B 53 -22.57 3.60 21.98
N ASN B 54 -22.37 2.30 22.18
CA ASN B 54 -21.95 1.82 23.50
C ASN B 54 -20.56 2.32 23.85
N VAL B 55 -19.71 2.44 22.84
CA VAL B 55 -18.36 2.95 23.03
C VAL B 55 -18.41 4.42 23.43
N LEU B 56 -19.24 5.20 22.74
CA LEU B 56 -19.40 6.61 23.08
C LEU B 56 -19.97 6.82 24.48
N ALA B 57 -20.91 5.96 24.86
CA ALA B 57 -21.49 6.01 26.20
C ALA B 57 -20.42 5.68 27.23
N TYR B 58 -19.52 4.77 26.88
CA TYR B 58 -18.39 4.45 27.74
C TYR B 58 -17.44 5.62 27.89
N LYS B 59 -17.17 6.29 26.77
CA LYS B 59 -16.31 7.47 26.81
C LYS B 59 -16.88 8.51 27.75
N ALA B 60 -18.19 8.70 27.73
CA ALA B 60 -18.75 9.71 28.60
C ALA B 60 -18.53 9.52 30.12
N GLN B 61 -18.41 8.29 30.63
CA GLN B 61 -18.17 8.18 32.08
C GLN B 61 -16.80 8.61 32.60
N GLN B 62 -15.80 8.72 31.73
CA GLN B 62 -14.47 9.23 32.09
C GLN B 62 -13.82 8.60 33.36
N LYS B 63 -13.51 7.30 33.34
CA LYS B 63 -12.86 6.70 34.52
C LYS B 63 -11.44 7.24 34.70
N LYS B 64 -10.88 7.75 33.62
CA LYS B 64 -9.53 8.32 33.58
C LYS B 64 -8.39 7.43 34.09
N LYS B 65 -8.30 6.25 33.50
CA LYS B 65 -7.26 5.26 33.79
C LYS B 65 -7.01 4.80 32.37
N GLU B 66 -5.79 4.48 31.98
CA GLU B 66 -5.66 4.10 30.59
C GLU B 66 -5.67 2.60 30.35
N ASN B 67 -6.43 2.21 29.33
CA ASN B 67 -6.51 0.84 28.86
C ASN B 67 -7.01 0.88 27.43
N LEU B 68 -7.10 -0.28 26.79
CA LEU B 68 -7.53 -0.35 25.40
C LEU B 68 -8.93 0.20 25.13
N LEU B 69 -9.84 0.00 26.07
CA LEU B 69 -11.21 0.48 25.90
C LEU B 69 -11.33 1.99 26.00
N THR B 70 -10.68 2.59 26.99
CA THR B 70 -10.69 4.04 27.12
C THR B 70 -10.07 4.74 25.91
N CYS B 71 -9.02 4.13 25.37
CA CYS B 71 -8.36 4.62 24.17
C CYS B 71 -9.28 4.52 22.96
N LEU B 72 -9.98 3.39 22.87
CA LEU B 72 -10.91 3.16 21.77
C LEU B 72 -12.02 4.18 21.83
N ALA B 73 -12.50 4.42 23.04
CA ALA B 73 -13.56 5.39 23.28
C ALA B 73 -13.10 6.80 22.92
N ASP B 74 -11.86 7.11 23.27
CA ASP B 74 -11.28 8.38 22.87
C ASP B 74 -11.23 8.53 21.35
N LEU B 75 -10.83 7.46 20.66
CA LEU B 75 -10.72 7.51 19.20
C LEU B 75 -12.08 7.66 18.52
N PHE B 76 -13.06 6.85 18.93
CA PHE B 76 -14.40 6.94 18.38
C PHE B 76 -15.04 8.29 18.64
N HIS B 77 -14.86 8.80 19.86
CA HIS B 77 -15.35 10.13 20.19
C HIS B 77 -14.72 11.21 19.32
N SER B 78 -13.40 11.10 19.09
CA SER B 78 -12.74 12.06 18.21
C SER B 78 -13.28 12.01 16.79
N ILE B 79 -13.53 10.79 16.29
CA ILE B 79 -14.07 10.69 14.94
C ILE B 79 -15.47 11.30 14.85
N ALA B 80 -16.34 10.94 15.81
CA ALA B 80 -17.73 11.40 15.78
C ALA B 80 -17.89 12.90 15.98
N THR B 81 -16.97 13.48 16.76
CA THR B 81 -17.04 14.88 17.15
C THR B 81 -16.00 15.73 16.43
N GLN B 82 -16.01 15.73 15.10
CA GLN B 82 -15.06 16.53 14.35
C GLN B 82 -15.74 17.61 13.51
N LYS B 83 -15.22 18.83 13.60
CA LYS B 83 -15.81 19.97 12.88
C LYS B 83 -15.99 19.76 11.38
N LYS B 84 -15.07 19.04 10.72
CA LYS B 84 -15.25 18.84 9.30
C LYS B 84 -15.97 17.50 9.14
N LYS B 85 -16.35 17.12 7.93
CA LYS B 85 -17.01 15.83 7.73
C LYS B 85 -16.11 14.75 7.14
N VAL B 86 -15.03 15.17 6.49
CA VAL B 86 -14.10 14.26 5.84
C VAL B 86 -12.62 14.58 6.14
N GLY B 87 -11.80 13.55 6.29
CA GLY B 87 -10.38 13.75 6.54
C GLY B 87 -9.63 12.51 7.00
N VAL B 88 -8.54 12.72 7.73
CA VAL B 88 -7.71 11.63 8.23
C VAL B 88 -7.30 11.84 9.69
N ILE B 89 -7.46 10.78 10.49
CA ILE B 89 -7.12 10.83 11.90
C ILE B 89 -6.06 9.78 12.24
N PRO B 90 -5.02 10.18 13.00
CA PRO B 90 -3.97 9.26 13.42
C PRO B 90 -4.30 8.62 14.77
N PRO B 91 -4.48 7.29 14.79
CA PRO B 91 -4.75 6.54 16.02
C PRO B 91 -3.51 6.22 16.84
N LYS B 92 -2.67 7.22 17.08
CA LYS B 92 -1.41 7.04 17.77
C LYS B 92 -1.56 6.48 19.18
N LYS B 93 -2.37 7.15 20.00
CA LYS B 93 -2.62 6.70 21.36
C LYS B 93 -3.27 5.31 21.49
N PHE B 94 -4.15 4.99 20.55
CA PHE B 94 -4.82 3.69 20.60
C PHE B 94 -3.79 2.60 20.32
N ILE B 95 -3.00 2.80 19.27
CA ILE B 95 -1.96 1.86 18.85
C ILE B 95 -0.91 1.72 19.94
N SER B 96 -0.54 2.84 20.54
CA SER B 96 0.43 2.84 21.64
C SER B 96 -0.08 1.93 22.75
N ARG B 97 -1.37 2.06 23.08
CA ARG B 97 -1.93 1.18 24.11
C ARG B 97 -1.97 -0.28 23.67
N LEU B 98 -2.33 -0.52 22.41
CA LEU B 98 -2.40 -1.88 21.89
C LEU B 98 -1.04 -2.56 21.98
N ARG B 99 0.00 -1.83 21.60
CA ARG B 99 1.36 -2.33 21.61
C ARG B 99 1.83 -2.52 23.06
N LYS B 100 1.38 -1.64 23.93
CA LYS B 100 1.75 -1.68 25.34
C LYS B 100 1.16 -2.89 26.05
N GLU B 101 -0.11 -3.19 25.80
CA GLU B 101 -0.76 -4.26 26.56
C GLU B 101 -0.65 -5.62 25.89
N ASN B 102 -0.13 -5.66 24.66
CA ASN B 102 0.00 -6.93 23.97
C ASN B 102 1.33 -7.08 23.23
N ASP B 103 2.20 -7.95 23.70
CA ASP B 103 3.52 -8.19 23.09
C ASP B 103 3.42 -8.66 21.63
N LEU B 104 2.40 -9.47 21.37
CA LEU B 104 2.06 -10.00 20.05
C LEU B 104 1.90 -8.96 18.93
N PHE B 105 1.31 -7.81 19.22
CA PHE B 105 1.14 -6.79 18.17
C PHE B 105 2.18 -5.68 18.36
N ASP B 106 3.06 -5.87 19.35
CA ASP B 106 4.11 -4.91 19.66
C ASP B 106 5.27 -5.11 18.70
N ASN B 107 5.02 -4.88 17.42
CA ASN B 107 6.02 -5.07 16.36
C ASN B 107 5.51 -4.36 15.12
N TYR B 108 6.28 -4.46 14.03
CA TYR B 108 5.90 -3.83 12.78
C TYR B 108 5.62 -4.87 11.71
N MET B 109 5.23 -6.07 12.15
CA MET B 109 4.94 -7.14 11.22
C MET B 109 3.46 -7.15 10.84
N GLN B 110 3.15 -7.78 9.70
CA GLN B 110 1.80 -7.90 9.19
C GLN B 110 0.98 -8.89 10.04
N GLN B 111 -0.30 -8.58 10.29
CA GLN B 111 -1.11 -9.41 11.18
C GLN B 111 -2.50 -9.72 10.63
N ASP B 112 -3.20 -10.63 11.32
CA ASP B 112 -4.54 -11.06 10.91
C ASP B 112 -5.61 -10.16 11.52
N ALA B 113 -6.55 -9.72 10.69
CA ALA B 113 -7.62 -8.85 11.15
C ALA B 113 -8.56 -9.53 12.14
N HIS B 114 -8.80 -10.82 11.94
CA HIS B 114 -9.69 -11.57 12.84
C HIS B 114 -9.06 -11.79 14.22
N GLU B 115 -7.76 -12.04 14.26
CA GLU B 115 -7.06 -12.23 15.54
C GLU B 115 -7.15 -10.94 16.34
N PHE B 116 -7.01 -9.82 15.64
CA PHE B 116 -7.10 -8.53 16.27
C PHE B 116 -8.52 -8.27 16.77
N LEU B 117 -9.49 -8.51 15.90
CA LEU B 117 -10.91 -8.32 16.22
C LEU B 117 -11.26 -9.06 17.50
N ASN B 118 -10.93 -10.34 17.51
CA ASN B 118 -11.28 -11.18 18.64
C ASN B 118 -10.58 -10.73 19.91
N TYR B 119 -9.31 -10.35 19.79
CA TYR B 119 -8.57 -9.85 20.95
C TYR B 119 -9.20 -8.59 21.52
N LEU B 120 -9.53 -7.66 20.64
CA LEU B 120 -10.11 -6.38 21.04
C LEU B 120 -11.44 -6.56 21.75
N LEU B 121 -12.32 -7.36 21.14
CA LEU B 121 -13.64 -7.58 21.72
C LEU B 121 -13.52 -8.26 23.08
N ASN B 122 -12.66 -9.28 23.18
CA ASN B 122 -12.51 -9.94 24.46
C ASN B 122 -11.84 -9.06 25.52
N THR B 123 -10.88 -8.24 25.11
CA THR B 123 -10.21 -7.34 26.06
C THR B 123 -11.16 -6.29 26.63
N ILE B 124 -11.91 -5.62 25.76
CA ILE B 124 -12.91 -4.65 26.22
C ILE B 124 -13.93 -5.34 27.11
N ALA B 125 -14.47 -6.47 26.64
CA ALA B 125 -15.46 -7.21 27.41
C ALA B 125 -14.92 -7.60 28.79
N ASP B 126 -13.64 -7.95 28.87
CA ASP B 126 -13.00 -8.32 30.13
C ASP B 126 -12.91 -7.10 31.05
N ILE B 127 -12.58 -5.95 30.47
CA ILE B 127 -12.52 -4.69 31.21
C ILE B 127 -13.89 -4.38 31.84
N LEU B 128 -14.94 -4.53 31.02
CA LEU B 128 -16.30 -4.27 31.45
C LEU B 128 -16.71 -5.25 32.56
N GLN B 129 -16.32 -6.51 32.42
CA GLN B 129 -16.62 -7.54 33.42
C GLN B 129 -15.96 -7.15 34.74
N GLU B 130 -14.71 -6.74 34.67
CA GLU B 130 -13.98 -6.31 35.85
C GLU B 130 -14.64 -5.07 36.50
N GLU B 131 -15.32 -4.26 35.68
CA GLU B 131 -16.01 -3.09 36.22
C GLU B 131 -17.35 -3.45 36.87
N LYS B 132 -18.01 -4.48 36.34
CA LYS B 132 -19.24 -4.94 36.95
C LYS B 132 -18.86 -5.61 38.27
N LYS B 133 -17.77 -6.36 38.24
CA LYS B 133 -17.26 -7.04 39.42
C LYS B 133 -16.86 -6.03 40.49
N GLN B 134 -16.43 -4.85 40.08
CA GLN B 134 -16.03 -3.81 41.04
C GLN B 134 -17.11 -2.77 41.36
N GLU B 135 -18.28 -2.85 40.73
CA GLU B 135 -19.39 -2.00 41.17
C GLU B 135 -20.20 -2.70 42.27
N LYS B 136 -20.25 -4.03 42.23
CA LYS B 136 -20.90 -4.83 43.26
C LYS B 136 -20.09 -4.85 44.57
N GLN B 137 -18.80 -4.57 44.44
CA GLN B 137 -17.87 -4.70 45.56
C GLN B 137 -18.20 -3.75 46.71
N ASN B 138 -18.84 -2.63 46.37
CA ASN B 138 -19.20 -1.63 47.38
C ASN B 138 -20.68 -1.71 47.77
N LYS B 154 -25.58 -16.69 37.46
CA LYS B 154 -24.54 -16.09 38.29
C LYS B 154 -23.66 -15.11 37.48
N PRO B 155 -22.90 -15.59 36.48
CA PRO B 155 -22.10 -14.58 35.76
C PRO B 155 -22.96 -13.56 34.99
N GLU B 156 -22.49 -12.33 34.89
CA GLU B 156 -23.18 -11.29 34.12
C GLU B 156 -22.67 -11.23 32.68
N LEU B 157 -23.32 -10.38 31.88
CA LEU B 157 -22.97 -10.18 30.47
C LEU B 157 -22.83 -8.70 30.14
N THR B 158 -21.73 -8.36 29.48
CA THR B 158 -21.51 -6.99 29.02
C THR B 158 -22.20 -6.70 27.70
N TRP B 159 -22.23 -5.44 27.31
CA TRP B 159 -22.84 -5.02 26.05
C TRP B 159 -22.10 -5.54 24.81
N VAL B 160 -20.85 -5.96 24.97
CA VAL B 160 -20.12 -6.54 23.85
C VAL B 160 -20.78 -7.86 23.47
N HIS B 161 -21.09 -8.65 24.49
CA HIS B 161 -21.81 -9.91 24.31
C HIS B 161 -23.23 -9.65 23.81
N GLU B 162 -23.87 -8.62 24.35
CA GLU B 162 -25.21 -8.25 23.91
C GLU B 162 -25.24 -7.94 22.43
N ILE B 163 -24.15 -7.36 21.94
CA ILE B 163 -24.11 -7.02 20.52
C ILE B 163 -23.70 -8.20 19.64
N PHE B 164 -22.56 -8.83 19.93
CA PHE B 164 -22.00 -9.83 19.02
C PHE B 164 -22.22 -11.29 19.39
N GLN B 165 -22.59 -11.58 20.64
CA GLN B 165 -22.69 -12.96 21.09
C GLN B 165 -23.93 -13.72 20.65
N GLY B 166 -23.71 -14.92 20.14
CA GLY B 166 -24.78 -15.85 19.80
C GLY B 166 -24.56 -17.15 20.56
N THR B 167 -25.46 -18.11 20.43
CA THR B 167 -25.25 -19.42 21.06
C THR B 167 -25.63 -20.54 20.10
N LEU B 168 -24.76 -21.55 20.03
CA LEU B 168 -25.02 -22.77 19.27
C LEU B 168 -25.38 -23.94 20.17
N THR B 169 -26.13 -24.88 19.62
CA THR B 169 -26.32 -26.16 20.28
C THR B 169 -25.73 -27.24 19.42
N ASN B 170 -24.73 -27.93 19.94
CA ASN B 170 -24.15 -29.07 19.25
C ASN B 170 -24.89 -30.33 19.70
N GLU B 171 -25.36 -31.12 18.75
CA GLU B 171 -26.00 -32.40 19.08
C GLU B 171 -25.24 -33.56 18.46
N THR B 172 -24.84 -34.53 19.30
CA THR B 172 -24.19 -35.72 18.80
C THR B 172 -25.03 -36.97 19.04
N ARG B 173 -25.39 -37.66 17.96
CA ARG B 173 -26.20 -38.86 18.08
C ARG B 173 -25.39 -40.09 17.70
N CYS B 174 -25.23 -41.00 18.66
CA CYS B 174 -24.54 -42.27 18.45
C CYS B 174 -25.33 -43.18 17.54
N LEU B 175 -24.74 -43.69 16.47
CA LEU B 175 -25.54 -44.54 15.58
C LEU B 175 -25.74 -45.94 16.13
N ASN B 176 -25.05 -46.29 17.21
CA ASN B 176 -25.26 -47.62 17.76
C ASN B 176 -26.44 -47.60 18.72
N CYS B 177 -26.48 -46.66 19.67
CA CYS B 177 -27.59 -46.67 20.60
C CYS B 177 -28.55 -45.51 20.33
N GLU B 178 -28.15 -44.55 19.49
CA GLU B 178 -28.97 -43.38 19.10
C GLU B 178 -29.27 -42.37 20.22
N THR B 179 -28.55 -42.51 21.34
CA THR B 179 -28.72 -41.56 22.45
C THR B 179 -28.11 -40.21 22.13
N VAL B 180 -28.97 -39.31 21.67
CA VAL B 180 -28.58 -37.94 21.34
C VAL B 180 -28.07 -37.21 22.58
N SER B 181 -26.91 -36.58 22.46
CA SER B 181 -26.32 -35.77 23.52
C SER B 181 -26.23 -34.31 23.07
N SER B 182 -26.84 -33.42 23.84
CA SER B 182 -26.85 -31.99 23.50
C SER B 182 -25.95 -31.13 24.38
N LYS B 183 -25.24 -30.19 23.76
CA LYS B 183 -24.33 -29.29 24.47
C LYS B 183 -24.40 -27.86 23.92
N ASP B 184 -24.65 -26.88 24.79
CA ASP B 184 -24.71 -25.47 24.38
C ASP B 184 -23.36 -24.78 24.47
N GLU B 185 -23.00 -24.04 23.42
CA GLU B 185 -21.73 -23.32 23.37
C GLU B 185 -21.91 -21.92 22.78
N ASP B 186 -21.38 -20.91 23.45
CA ASP B 186 -21.50 -19.53 23.00
C ASP B 186 -20.49 -19.21 21.88
N PHE B 187 -20.69 -18.12 21.16
CA PHE B 187 -19.73 -17.71 20.15
C PHE B 187 -19.82 -16.20 20.02
N LEU B 188 -18.74 -15.58 19.55
CA LEU B 188 -18.75 -14.15 19.24
C LEU B 188 -18.74 -13.91 17.75
N ASP B 189 -18.44 -14.96 17.02
CA ASP B 189 -18.39 -14.93 15.58
C ASP B 189 -18.42 -16.36 15.08
N LEU B 190 -18.76 -16.54 13.81
CA LEU B 190 -18.76 -17.88 13.24
C LEU B 190 -17.72 -18.03 12.15
N SER B 191 -16.88 -19.04 12.31
CA SER B 191 -15.87 -19.34 11.31
C SER B 191 -16.36 -20.45 10.39
N VAL B 192 -16.68 -20.09 9.15
CA VAL B 192 -17.29 -21.02 8.20
C VAL B 192 -16.31 -21.51 7.14
N ASP B 193 -16.39 -22.80 6.82
CA ASP B 193 -15.52 -23.34 5.81
C ASP B 193 -16.07 -22.99 4.44
N VAL B 194 -15.18 -22.91 3.46
CA VAL B 194 -15.60 -22.44 2.14
C VAL B 194 -15.37 -23.50 1.04
N GLU B 195 -15.95 -23.25 -0.13
CA GLU B 195 -15.80 -24.08 -1.31
C GLU B 195 -15.85 -23.14 -2.51
N GLN B 196 -15.35 -23.61 -3.65
CA GLN B 196 -15.33 -22.80 -4.86
C GLN B 196 -16.71 -22.51 -5.45
N ASN B 197 -16.91 -21.25 -5.83
CA ASN B 197 -18.13 -20.81 -6.49
C ASN B 197 -19.38 -21.10 -5.69
N THR B 198 -19.51 -20.44 -4.54
CA THR B 198 -20.65 -20.63 -3.66
C THR B 198 -21.11 -19.32 -3.02
N SER B 199 -22.09 -19.39 -2.12
CA SER B 199 -22.53 -18.19 -1.41
C SER B 199 -22.28 -18.42 0.06
N ILE B 200 -22.12 -17.33 0.83
CA ILE B 200 -22.05 -17.45 2.27
C ILE B 200 -23.30 -18.10 2.91
N THR B 201 -24.46 -17.91 2.30
CA THR B 201 -25.66 -18.59 2.76
C THR B 201 -25.55 -20.10 2.65
N HIS B 202 -24.97 -20.57 1.53
CA HIS B 202 -24.72 -21.99 1.34
C HIS B 202 -23.74 -22.52 2.37
N CYS B 203 -22.64 -21.80 2.58
CA CYS B 203 -21.60 -22.21 3.53
C CYS B 203 -22.22 -22.35 4.90
N LEU B 204 -23.08 -21.38 5.21
CA LEU B 204 -23.78 -21.34 6.47
C LEU B 204 -24.68 -22.57 6.57
N ARG B 205 -25.37 -22.93 5.50
CA ARG B 205 -26.22 -24.12 5.55
C ARG B 205 -25.42 -25.44 5.67
N ASP B 206 -24.27 -25.57 5.01
CA ASP B 206 -23.44 -26.78 5.12
C ASP B 206 -22.93 -26.90 6.56
N PHE B 207 -22.62 -25.74 7.15
CA PHE B 207 -22.16 -25.61 8.53
C PHE B 207 -23.18 -26.20 9.49
N SER B 208 -24.45 -26.02 9.16
CA SER B 208 -25.51 -26.49 10.03
C SER B 208 -26.03 -27.84 9.57
N ASN B 209 -25.37 -28.43 8.59
CA ASN B 209 -25.75 -29.76 8.12
C ASN B 209 -25.19 -30.82 9.04
N THR B 210 -25.84 -31.97 9.01
CA THR B 210 -25.43 -33.09 9.83
C THR B 210 -24.18 -33.69 9.23
N GLU B 211 -23.19 -33.95 10.08
CA GLU B 211 -21.97 -34.59 9.64
C GLU B 211 -21.87 -35.92 10.32
N THR B 212 -21.41 -36.92 9.58
CA THR B 212 -21.17 -38.23 10.16
C THR B 212 -19.72 -38.37 10.61
N LEU B 213 -19.55 -38.75 11.88
CA LEU B 213 -18.25 -39.01 12.46
C LEU B 213 -18.01 -40.49 12.28
N CYS B 214 -16.99 -40.83 11.50
CA CYS B 214 -16.66 -42.22 11.22
C CYS B 214 -15.17 -42.51 11.07
N SER B 215 -14.85 -43.81 11.02
CA SER B 215 -13.49 -44.34 10.89
C SER B 215 -12.52 -43.77 11.93
N GLU B 216 -11.49 -43.06 11.46
CA GLU B 216 -10.49 -42.51 12.38
C GLU B 216 -11.05 -41.45 13.32
N GLN B 217 -12.18 -40.85 12.94
CA GLN B 217 -12.85 -39.78 13.70
C GLN B 217 -14.08 -40.22 14.51
N LYS B 218 -14.19 -41.52 14.80
CA LYS B 218 -15.34 -42.04 15.55
C LYS B 218 -15.54 -41.37 16.92
N TYR B 219 -16.80 -41.25 17.32
CA TYR B 219 -17.20 -40.57 18.56
C TYR B 219 -17.19 -41.53 19.74
N TYR B 220 -16.64 -41.10 20.87
CA TYR B 220 -16.71 -41.94 22.06
C TYR B 220 -18.04 -41.78 22.80
N CYS B 221 -18.86 -42.82 22.71
CA CYS B 221 -20.19 -42.84 23.33
C CYS B 221 -20.12 -43.38 24.76
N GLU B 222 -20.67 -42.64 25.71
CA GLU B 222 -20.63 -43.08 27.11
C GLU B 222 -21.58 -44.24 27.42
N THR B 223 -22.55 -44.48 26.55
CA THR B 223 -23.48 -45.61 26.72
C THR B 223 -22.85 -46.89 26.17
N CYS B 224 -22.30 -46.79 24.97
CA CYS B 224 -21.65 -47.90 24.30
C CYS B 224 -20.27 -48.19 24.89
N CYS B 225 -19.75 -47.24 25.67
CA CYS B 225 -18.40 -47.29 26.22
C CYS B 225 -17.33 -47.70 25.20
N SER B 226 -17.46 -47.18 23.99
CA SER B 226 -16.54 -47.46 22.90
C SER B 226 -16.74 -46.46 21.77
N LYS B 227 -15.75 -46.34 20.88
CA LYS B 227 -15.82 -45.39 19.76
C LYS B 227 -16.79 -45.93 18.70
N GLN B 228 -17.72 -45.09 18.28
CA GLN B 228 -18.76 -45.47 17.33
C GLN B 228 -19.01 -44.38 16.29
N GLU B 229 -19.59 -44.76 15.15
CA GLU B 229 -20.02 -43.76 14.19
C GLU B 229 -21.13 -42.96 14.83
N ALA B 230 -21.18 -41.67 14.53
CA ALA B 230 -22.17 -40.80 15.15
C ALA B 230 -22.59 -39.68 14.20
N GLN B 231 -23.71 -39.05 14.50
CA GLN B 231 -24.16 -37.92 13.70
C GLN B 231 -24.06 -36.64 14.51
N LYS B 232 -23.33 -35.69 13.93
CA LYS B 232 -23.11 -34.39 14.55
C LYS B 232 -23.73 -33.26 13.76
N ARG B 233 -24.44 -32.38 14.46
CA ARG B 233 -25.11 -31.25 13.83
C ARG B 233 -25.04 -30.03 14.73
N MET B 234 -24.63 -28.89 14.19
CA MET B 234 -24.61 -27.65 14.97
C MET B 234 -25.70 -26.69 14.51
N ARG B 235 -26.70 -26.46 15.36
CA ARG B 235 -27.78 -25.52 15.06
C ARG B 235 -27.66 -24.25 15.90
N VAL B 236 -28.14 -23.14 15.36
CA VAL B 236 -28.12 -21.88 16.11
C VAL B 236 -29.26 -21.89 17.16
N LYS B 237 -28.89 -21.74 18.43
CA LYS B 237 -29.88 -21.68 19.52
C LYS B 237 -30.31 -20.26 19.86
N LYS B 238 -29.35 -19.35 19.99
CA LYS B 238 -29.64 -17.96 20.32
C LYS B 238 -29.00 -17.04 19.28
N LEU B 239 -29.79 -16.26 18.56
CA LEU B 239 -29.24 -15.36 17.55
C LEU B 239 -28.69 -14.04 18.12
N PRO B 240 -27.50 -13.61 17.65
CA PRO B 240 -26.86 -12.37 18.10
C PRO B 240 -27.43 -11.11 17.45
N MET B 241 -27.21 -9.94 18.05
CA MET B 241 -27.65 -8.72 17.40
C MET B 241 -26.89 -8.48 16.10
N ILE B 242 -25.58 -8.71 16.14
CA ILE B 242 -24.71 -8.67 14.98
C ILE B 242 -24.00 -10.00 14.75
N LEU B 243 -24.17 -10.53 13.54
CA LEU B 243 -23.53 -11.78 13.17
C LEU B 243 -22.27 -11.49 12.40
N ALA B 244 -21.13 -11.83 13.00
CA ALA B 244 -19.85 -11.67 12.33
C ALA B 244 -19.41 -12.98 11.72
N LEU B 245 -19.17 -12.98 10.42
CA LEU B 245 -18.75 -14.19 9.75
C LEU B 245 -17.33 -14.11 9.27
N HIS B 246 -16.54 -15.08 9.70
CA HIS B 246 -15.12 -15.16 9.37
C HIS B 246 -14.91 -16.32 8.41
N LEU B 247 -14.42 -16.02 7.20
CA LEU B 247 -14.19 -17.03 6.17
C LEU B 247 -12.85 -17.72 6.28
N LYS B 248 -12.89 -19.05 6.33
CA LYS B 248 -11.67 -19.82 6.46
C LYS B 248 -10.98 -19.88 5.09
N ARG B 249 -10.42 -18.75 4.66
CA ARG B 249 -9.78 -18.65 3.34
C ARG B 249 -8.33 -19.13 3.32
N PHE B 250 -8.09 -20.36 3.74
CA PHE B 250 -6.74 -20.90 3.76
C PHE B 250 -6.75 -22.42 3.62
N LYS B 251 -5.70 -22.96 3.03
CA LYS B 251 -5.64 -24.40 2.80
C LYS B 251 -4.24 -24.93 3.05
N TYR B 252 -4.16 -25.95 3.89
CA TYR B 252 -2.90 -26.60 4.23
C TYR B 252 -2.56 -27.78 3.33
N MET B 253 -1.35 -27.76 2.79
CA MET B 253 -0.85 -28.79 1.89
C MET B 253 0.07 -29.71 2.67
N GLU B 254 -0.48 -30.77 3.26
CA GLU B 254 0.33 -31.69 4.08
C GLU B 254 1.63 -32.15 3.42
N GLN B 255 1.56 -32.51 2.14
CA GLN B 255 2.73 -32.96 1.40
C GLN B 255 3.78 -31.86 1.15
N LEU B 256 3.32 -30.62 1.04
CA LEU B 256 4.20 -29.48 0.75
C LEU B 256 4.64 -28.70 2.00
N HIS B 257 4.11 -29.06 3.16
CA HIS B 257 4.41 -28.39 4.43
C HIS B 257 4.23 -26.88 4.43
N ARG B 258 3.18 -26.40 3.77
CA ARG B 258 2.89 -24.98 3.77
C ARG B 258 1.41 -24.79 3.47
N TYR B 259 0.88 -23.61 3.78
CA TYR B 259 -0.50 -23.33 3.39
C TYR B 259 -0.61 -22.16 2.43
N THR B 260 -1.73 -22.14 1.72
CA THR B 260 -2.02 -21.14 0.70
C THR B 260 -3.27 -20.36 1.06
N LYS B 261 -3.46 -19.23 0.38
CA LYS B 261 -4.68 -18.46 0.55
C LYS B 261 -5.70 -18.97 -0.44
N LEU B 262 -6.95 -19.05 0.01
CA LEU B 262 -8.04 -19.44 -0.87
C LEU B 262 -8.72 -18.20 -1.41
N SER B 263 -8.58 -17.98 -2.71
CA SER B 263 -9.16 -16.79 -3.33
C SER B 263 -10.47 -17.10 -4.06
N TYR B 264 -11.16 -18.15 -3.64
CA TYR B 264 -12.43 -18.53 -4.25
C TYR B 264 -13.45 -17.40 -4.38
N ARG B 265 -14.31 -17.55 -5.36
CA ARG B 265 -15.46 -16.68 -5.51
C ARG B 265 -16.51 -17.08 -4.52
N VAL B 266 -16.80 -16.21 -3.56
CA VAL B 266 -17.84 -16.52 -2.59
C VAL B 266 -18.78 -15.34 -2.52
N VAL B 267 -19.89 -15.41 -3.23
CA VAL B 267 -20.82 -14.30 -3.22
C VAL B 267 -21.46 -14.11 -1.85
N PHE B 268 -21.50 -12.87 -1.40
CA PHE B 268 -22.22 -12.53 -0.18
C PHE B 268 -23.41 -11.65 -0.51
N PRO B 269 -24.60 -12.08 -0.09
CA PRO B 269 -25.80 -11.28 -0.35
C PRO B 269 -25.86 -10.11 0.62
N LEU B 270 -26.63 -9.10 0.24
CA LEU B 270 -26.84 -7.90 1.01
C LEU B 270 -27.71 -8.09 2.26
N GLU B 271 -28.59 -9.07 2.21
CA GLU B 271 -29.46 -9.42 3.33
C GLU B 271 -29.47 -10.92 3.60
N LEU B 272 -29.73 -11.29 4.84
CA LEU B 272 -29.68 -12.69 5.26
C LEU B 272 -30.82 -12.93 6.20
N ARG B 273 -31.48 -14.06 6.03
CA ARG B 273 -32.55 -14.46 6.93
C ARG B 273 -32.24 -15.68 7.76
N LEU B 274 -32.31 -15.52 9.09
CA LEU B 274 -32.04 -16.66 9.95
C LEU B 274 -33.23 -16.99 10.85
N PHE B 275 -33.35 -18.28 11.15
CA PHE B 275 -34.48 -18.78 11.92
C PHE B 275 -33.93 -19.31 13.24
N ASN B 276 -34.71 -19.20 14.32
CA ASN B 276 -34.21 -19.73 15.58
C ASN B 276 -34.86 -21.05 15.98
N THR B 277 -34.09 -21.89 16.67
CA THR B 277 -34.59 -23.13 17.25
C THR B 277 -35.21 -22.92 18.62
N SER B 278 -34.34 -22.66 19.59
CA SER B 278 -34.69 -22.43 21.00
C SER B 278 -35.53 -23.54 21.63
N SER B 279 -36.31 -23.15 22.63
CA SER B 279 -37.15 -24.08 23.38
C SER B 279 -38.46 -24.32 22.63
N ASP B 280 -38.57 -23.69 21.47
CA ASP B 280 -39.74 -23.78 20.60
C ASP B 280 -40.99 -23.22 21.26
N ALA B 281 -40.79 -22.41 22.30
CA ALA B 281 -41.88 -21.63 22.89
C ALA B 281 -42.00 -20.31 22.14
N VAL B 282 -40.85 -19.72 21.82
CA VAL B 282 -40.76 -18.56 20.95
C VAL B 282 -39.87 -18.91 19.78
N ASN B 283 -40.31 -18.66 18.55
CA ASN B 283 -39.46 -19.02 17.43
C ASN B 283 -39.19 -17.86 16.47
N LEU B 284 -37.92 -17.45 16.44
CA LEU B 284 -37.44 -16.32 15.62
C LEU B 284 -37.21 -16.60 14.14
N ASP B 285 -37.28 -15.54 13.34
CA ASP B 285 -37.13 -15.62 11.89
C ASP B 285 -36.61 -14.24 11.50
N ARG B 286 -35.64 -13.77 12.26
CA ARG B 286 -35.01 -12.45 12.09
C ARG B 286 -34.13 -12.24 10.83
N MET B 287 -34.35 -11.07 10.25
CA MET B 287 -33.63 -10.52 9.09
C MET B 287 -32.42 -9.66 9.46
N TYR B 288 -31.33 -9.85 8.72
CA TYR B 288 -30.10 -9.11 8.93
C TYR B 288 -29.71 -8.39 7.64
N ASP B 289 -29.02 -7.27 7.80
CA ASP B 289 -28.44 -6.55 6.67
C ASP B 289 -26.93 -6.44 6.79
N LEU B 290 -26.24 -6.63 5.68
CA LEU B 290 -24.80 -6.48 5.65
C LEU B 290 -24.40 -5.02 5.89
N VAL B 291 -23.52 -4.75 6.85
CA VAL B 291 -23.11 -3.36 7.08
C VAL B 291 -21.64 -3.09 6.79
N ALA B 292 -20.79 -4.11 6.89
CA ALA B 292 -19.36 -3.90 6.70
C ALA B 292 -18.65 -5.19 6.34
N VAL B 293 -17.59 -5.06 5.57
CA VAL B 293 -16.76 -6.19 5.18
C VAL B 293 -15.29 -5.81 5.29
N VAL B 294 -14.54 -6.54 6.10
CA VAL B 294 -13.10 -6.34 6.14
C VAL B 294 -12.56 -7.29 5.08
N VAL B 295 -11.85 -6.68 4.13
CA VAL B 295 -11.32 -7.35 2.96
C VAL B 295 -9.81 -7.47 2.95
N HIS B 296 -9.34 -8.69 2.69
CA HIS B 296 -7.91 -8.95 2.54
C HIS B 296 -7.51 -8.99 1.06
N CYS B 297 -6.53 -8.16 0.73
CA CYS B 297 -5.99 -8.00 -0.62
C CYS B 297 -4.60 -8.61 -0.71
N GLY B 298 -4.40 -9.57 -1.60
CA GLY B 298 -3.11 -10.21 -1.74
C GLY B 298 -3.23 -11.61 -2.33
N SER B 299 -2.18 -12.06 -3.02
CA SER B 299 -2.20 -13.38 -3.61
C SER B 299 -1.93 -14.51 -2.62
N GLY B 300 -1.27 -14.21 -1.51
CA GLY B 300 -0.96 -15.26 -0.57
C GLY B 300 -1.39 -14.92 0.84
N PRO B 301 -1.21 -15.87 1.77
CA PRO B 301 -1.64 -15.71 3.15
C PRO B 301 -0.58 -15.08 4.07
N ASN B 302 0.66 -14.97 3.57
CA ASN B 302 1.77 -14.48 4.40
C ASN B 302 1.95 -12.98 4.31
N ARG B 303 1.35 -12.37 3.29
CA ARG B 303 1.44 -10.92 3.09
C ARG B 303 0.17 -10.41 2.44
N GLY B 304 -0.05 -9.10 2.53
CA GLY B 304 -1.21 -8.49 1.90
C GLY B 304 -1.60 -7.14 2.47
N HIS B 305 -2.83 -6.74 2.22
CA HIS B 305 -3.32 -5.43 2.64
C HIS B 305 -4.80 -5.50 3.01
N TYR B 306 -5.17 -4.82 4.10
CA TYR B 306 -6.56 -4.82 4.50
C TYR B 306 -7.24 -3.48 4.21
N ILE B 307 -8.48 -3.60 3.77
CA ILE B 307 -9.39 -2.46 3.54
C ILE B 307 -10.75 -2.81 4.09
N THR B 308 -11.62 -1.82 4.24
CA THR B 308 -12.96 -2.09 4.76
C THR B 308 -14.02 -1.42 3.89
N ILE B 309 -15.12 -2.12 3.62
CA ILE B 309 -16.23 -1.45 2.96
C ILE B 309 -17.37 -1.34 3.95
N VAL B 310 -18.03 -0.19 3.98
CA VAL B 310 -19.10 0.02 4.93
C VAL B 310 -20.31 0.66 4.25
N LYS B 311 -21.49 0.36 4.78
CA LYS B 311 -22.72 0.95 4.30
C LYS B 311 -23.16 2.09 5.19
N SER B 312 -23.36 3.26 4.58
CA SER B 312 -23.78 4.44 5.32
C SER B 312 -24.83 5.19 4.55
N HIS B 313 -25.99 5.38 5.17
CA HIS B 313 -27.12 6.07 4.57
C HIS B 313 -27.41 5.60 3.15
N GLY B 314 -27.34 4.29 2.96
CA GLY B 314 -27.64 3.65 1.69
C GLY B 314 -26.56 3.50 0.63
N PHE B 315 -25.41 4.16 0.77
CA PHE B 315 -24.35 3.99 -0.22
C PHE B 315 -23.13 3.34 0.42
N TRP B 316 -22.22 2.82 -0.41
CA TRP B 316 -21.02 2.16 0.10
C TRP B 316 -19.76 3.01 0.02
N LEU B 317 -18.97 2.94 1.09
CA LEU B 317 -17.68 3.63 1.18
C LEU B 317 -16.55 2.65 1.44
N LEU B 318 -15.40 2.99 0.88
CA LEU B 318 -14.16 2.25 1.00
C LEU B 318 -13.09 2.97 1.82
N PHE B 319 -12.65 2.27 2.87
CA PHE B 319 -11.60 2.78 3.74
C PHE B 319 -10.33 1.97 3.54
N ASP B 320 -9.29 2.68 3.10
CA ASP B 320 -7.97 2.09 2.86
C ASP B 320 -7.02 2.97 3.65
N ASP B 321 -6.77 2.58 4.89
CA ASP B 321 -5.99 3.39 5.81
C ASP B 321 -6.48 4.84 5.78
N ASP B 322 -5.62 5.75 5.33
CA ASP B 322 -5.94 7.17 5.32
C ASP B 322 -6.89 7.62 4.21
N ILE B 323 -7.17 6.75 3.25
CA ILE B 323 -8.02 7.13 2.13
C ILE B 323 -9.45 6.60 2.24
N VAL B 324 -10.42 7.47 1.97
CA VAL B 324 -11.84 7.05 1.96
C VAL B 324 -12.49 7.47 0.63
N GLU B 325 -13.18 6.55 -0.03
CA GLU B 325 -13.89 6.90 -1.27
C GLU B 325 -15.27 6.26 -1.42
N LYS B 326 -16.21 6.98 -2.02
CA LYS B 326 -17.53 6.43 -2.30
C LYS B 326 -17.40 5.47 -3.48
N ILE B 327 -18.04 4.30 -3.40
CA ILE B 327 -17.99 3.35 -4.50
C ILE B 327 -19.42 2.93 -4.88
N ASP B 328 -19.67 2.61 -6.14
CA ASP B 328 -21.02 2.18 -6.49
C ASP B 328 -21.31 0.77 -5.98
N ALA B 329 -22.57 0.54 -5.60
CA ALA B 329 -23.03 -0.74 -5.11
C ALA B 329 -22.79 -2.02 -5.93
N GLN B 330 -22.90 -1.96 -7.26
CA GLN B 330 -22.66 -3.18 -8.03
C GLN B 330 -21.22 -3.70 -8.04
N ALA B 331 -20.25 -2.81 -7.93
CA ALA B 331 -18.87 -3.26 -7.93
C ALA B 331 -18.43 -4.06 -6.71
N ILE B 332 -19.12 -3.89 -5.57
CA ILE B 332 -18.69 -4.64 -4.39
C ILE B 332 -18.94 -6.15 -4.40
N GLU B 333 -19.91 -6.64 -5.17
CA GLU B 333 -20.06 -8.09 -5.21
C GLU B 333 -18.79 -8.68 -5.80
N GLU B 334 -18.44 -8.10 -6.95
CA GLU B 334 -17.68 -8.78 -7.96
C GLU B 334 -16.22 -9.01 -7.61
N PHE B 335 -15.53 -7.98 -7.16
CA PHE B 335 -14.10 -8.12 -6.92
C PHE B 335 -13.84 -9.04 -5.73
N TYR B 336 -14.79 -9.03 -4.81
CA TYR B 336 -14.76 -9.80 -3.57
C TYR B 336 -15.24 -11.24 -3.72
N GLY B 337 -14.27 -12.15 -3.81
CA GLY B 337 -14.52 -13.47 -4.35
C GLY B 337 -14.13 -13.39 -5.81
N LEU B 338 -12.84 -13.46 -6.09
CA LEU B 338 -12.32 -13.29 -7.44
C LEU B 338 -12.67 -14.49 -8.32
N THR B 339 -13.01 -14.21 -9.57
CA THR B 339 -13.30 -15.27 -10.54
C THR B 339 -12.03 -15.75 -11.24
N SER B 340 -11.88 -17.07 -11.34
CA SER B 340 -10.74 -17.69 -12.01
C SER B 340 -9.39 -17.19 -11.43
N ASP B 341 -8.69 -16.35 -12.19
CA ASP B 341 -7.41 -15.80 -11.79
C ASP B 341 -7.27 -14.35 -12.31
N ILE B 342 -8.10 -14.01 -13.29
CA ILE B 342 -8.03 -12.72 -13.96
C ILE B 342 -8.31 -11.52 -13.05
N SER B 343 -7.46 -11.34 -12.04
CA SER B 343 -7.60 -10.20 -11.14
C SER B 343 -6.27 -9.89 -10.46
N LYS B 344 -5.94 -8.59 -10.37
CA LYS B 344 -4.69 -8.18 -9.74
C LYS B 344 -4.72 -8.37 -8.22
N ASN B 345 -3.62 -8.88 -7.69
CA ASN B 345 -3.41 -9.11 -6.26
C ASN B 345 -4.67 -9.43 -5.44
N SER B 346 -5.44 -10.43 -5.88
CA SER B 346 -6.70 -10.91 -5.26
C SER B 346 -7.21 -10.06 -4.09
N GLU B 347 -8.40 -9.51 -4.24
CA GLU B 347 -9.06 -8.78 -3.16
C GLU B 347 -10.35 -9.45 -2.71
N SER B 348 -10.25 -10.18 -1.61
CA SER B 348 -11.38 -11.00 -1.18
C SER B 348 -11.89 -10.70 0.23
N GLY B 349 -13.22 -10.70 0.35
CA GLY B 349 -13.94 -10.53 1.60
C GLY B 349 -13.49 -11.55 2.63
N TYR B 350 -13.21 -11.12 3.85
CA TYR B 350 -12.66 -12.04 4.84
C TYR B 350 -13.52 -12.02 6.11
N ILE B 351 -13.92 -10.84 6.54
CA ILE B 351 -14.83 -10.75 7.68
C ILE B 351 -16.06 -9.93 7.34
N LEU B 352 -17.25 -10.50 7.51
CA LEU B 352 -18.49 -9.80 7.21
C LEU B 352 -19.30 -9.53 8.47
N PHE B 353 -19.95 -8.37 8.49
CA PHE B 353 -20.75 -7.94 9.62
C PHE B 353 -22.20 -7.73 9.22
N TYR B 354 -23.07 -8.56 9.79
CA TYR B 354 -24.50 -8.49 9.51
C TYR B 354 -25.22 -7.92 10.73
N GLN B 355 -25.98 -6.86 10.46
CA GLN B 355 -26.75 -6.09 11.42
C GLN B 355 -28.23 -6.48 11.38
N SER B 356 -28.79 -6.82 12.55
CA SER B 356 -30.19 -7.18 12.66
C SER B 356 -31.01 -5.95 12.32
N ARG B 357 -32.15 -6.15 11.66
CA ARG B 357 -33.00 -5.02 11.30
C ARG B 357 -33.66 -4.42 12.53
N GLU B 358 -33.66 -3.09 12.58
CA GLU B 358 -34.16 -2.38 13.76
C GLU B 358 -35.15 -1.28 13.37
N MET C 21 -10.73 -37.54 28.04
CA MET C 21 -11.98 -37.16 27.40
C MET C 21 -11.80 -36.85 25.92
N GLN C 22 -12.90 -36.91 25.17
CA GLN C 22 -12.86 -36.56 23.75
C GLN C 22 -13.51 -35.23 23.38
N ILE C 23 -12.76 -34.39 22.67
CA ILE C 23 -13.29 -33.12 22.15
C ILE C 23 -13.24 -33.11 20.63
N PHE C 24 -13.80 -32.08 20.02
CA PHE C 24 -13.82 -32.01 18.56
C PHE C 24 -13.11 -30.77 18.04
N VAL C 25 -12.54 -30.87 16.84
CA VAL C 25 -11.95 -29.71 16.17
C VAL C 25 -12.52 -29.63 14.76
N LYS C 26 -13.13 -28.50 14.41
CA LYS C 26 -13.61 -28.30 13.04
C LYS C 26 -12.51 -27.70 12.15
N THR C 27 -11.98 -28.50 11.23
CA THR C 27 -10.81 -28.09 10.45
C THR C 27 -11.16 -27.16 9.29
N LEU C 28 -10.14 -26.85 8.48
CA LEU C 28 -10.25 -25.89 7.39
C LEU C 28 -11.29 -26.20 6.33
N THR C 29 -11.46 -27.48 6.03
CA THR C 29 -12.45 -27.91 5.04
C THR C 29 -13.84 -28.12 5.62
N GLY C 30 -13.99 -27.90 6.93
CA GLY C 30 -15.26 -28.14 7.59
C GLY C 30 -15.36 -29.53 8.16
N LYS C 31 -14.37 -30.36 7.86
CA LYS C 31 -14.29 -31.71 8.39
C LYS C 31 -14.08 -31.67 9.89
N THR C 32 -14.82 -32.50 10.63
CA THR C 32 -14.61 -32.55 12.06
C THR C 32 -13.64 -33.67 12.41
N ILE C 33 -12.67 -33.38 13.27
CA ILE C 33 -11.76 -34.41 13.77
C ILE C 33 -11.93 -34.55 15.28
N THR C 34 -11.59 -35.73 15.81
CA THR C 34 -11.65 -35.94 17.26
C THR C 34 -10.28 -35.82 17.93
N LEU C 35 -10.26 -35.43 19.19
CA LEU C 35 -9.00 -35.36 19.95
C LEU C 35 -9.19 -35.97 21.33
N GLU C 36 -8.26 -36.84 21.74
CA GLU C 36 -8.35 -37.36 23.10
C GLU C 36 -7.49 -36.50 24.01
N VAL C 37 -8.14 -35.83 24.95
CA VAL C 37 -7.46 -34.88 25.81
C VAL C 37 -7.78 -35.06 27.30
N GLU C 38 -7.07 -34.30 28.12
CA GLU C 38 -7.30 -34.22 29.56
C GLU C 38 -7.44 -32.77 29.94
N PRO C 39 -8.18 -32.48 31.01
CA PRO C 39 -8.34 -31.08 31.41
C PRO C 39 -7.00 -30.42 31.72
N SER C 40 -6.01 -31.20 32.14
CA SER C 40 -4.70 -30.65 32.46
C SER C 40 -3.82 -30.42 31.22
N ASP C 41 -4.26 -30.88 30.07
CA ASP C 41 -3.53 -30.69 28.82
C ASP C 41 -3.45 -29.22 28.45
N THR C 42 -2.29 -28.74 28.03
CA THR C 42 -2.19 -27.35 27.62
C THR C 42 -2.62 -27.15 26.18
N ILE C 43 -2.85 -25.89 25.79
CA ILE C 43 -3.21 -25.56 24.41
C ILE C 43 -2.14 -25.90 23.36
N GLU C 44 -0.87 -25.75 23.71
CA GLU C 44 0.20 -26.12 22.78
C GLU C 44 0.16 -27.61 22.47
N ASN C 45 -0.13 -28.40 23.49
CA ASN C 45 -0.28 -29.85 23.36
C ASN C 45 -1.44 -30.23 22.46
N VAL C 46 -2.54 -29.50 22.62
CA VAL C 46 -3.73 -29.71 21.82
C VAL C 46 -3.41 -29.41 20.37
N LYS C 47 -2.69 -28.32 20.13
CA LYS C 47 -2.29 -27.97 18.78
C LYS C 47 -1.38 -29.05 18.21
N ALA C 48 -0.55 -29.66 19.07
CA ALA C 48 0.31 -30.76 18.63
C ALA C 48 -0.51 -31.97 18.20
N LYS C 49 -1.59 -32.23 18.92
CA LYS C 49 -2.47 -33.35 18.59
C LYS C 49 -3.22 -33.08 17.29
N ILE C 50 -3.56 -31.81 17.05
CA ILE C 50 -4.21 -31.43 15.82
C ILE C 50 -3.22 -31.61 14.68
N GLN C 51 -1.98 -31.23 14.95
CA GLN C 51 -0.86 -31.37 14.01
C GLN C 51 -0.66 -32.84 13.62
N ASP C 52 -0.88 -33.75 14.57
CA ASP C 52 -0.77 -35.18 14.25
C ASP C 52 -1.78 -35.66 13.20
N LYS C 53 -2.99 -35.10 13.19
CA LYS C 53 -4.01 -35.52 12.22
C LYS C 53 -4.01 -34.71 10.92
N GLU C 54 -3.76 -33.42 11.01
CA GLU C 54 -3.88 -32.51 9.87
C GLU C 54 -2.51 -32.06 9.35
N GLY C 55 -1.49 -32.15 10.20
CA GLY C 55 -0.14 -31.74 9.86
C GLY C 55 0.21 -30.26 9.99
N ILE C 56 -0.76 -29.44 10.36
CA ILE C 56 -0.52 -28.00 10.48
C ILE C 56 0.32 -27.72 11.72
N PRO C 57 1.48 -27.06 11.55
CA PRO C 57 2.32 -26.69 12.69
C PRO C 57 1.58 -25.80 13.71
N PRO C 58 1.78 -26.05 15.01
CA PRO C 58 1.15 -25.25 16.07
C PRO C 58 1.40 -23.74 15.97
N ASP C 59 2.56 -23.32 15.50
CA ASP C 59 2.81 -21.89 15.42
C ASP C 59 1.91 -21.21 14.40
N GLN C 60 1.39 -21.98 13.44
CA GLN C 60 0.48 -21.43 12.44
C GLN C 60 -1.00 -21.54 12.87
N GLN C 61 -1.27 -22.36 13.88
CA GLN C 61 -2.63 -22.64 14.29
C GLN C 61 -3.22 -21.60 15.23
N ARG C 62 -4.50 -21.30 15.02
CA ARG C 62 -5.28 -20.49 15.95
C ARG C 62 -6.54 -21.24 16.31
N LEU C 63 -6.86 -21.33 17.59
CA LEU C 63 -8.07 -22.05 17.99
C LEU C 63 -9.08 -21.13 18.66
N ILE C 64 -10.30 -21.12 18.14
CA ILE C 64 -11.35 -20.28 18.69
C ILE C 64 -12.38 -21.20 19.34
N PHE C 65 -12.77 -20.86 20.55
CA PHE C 65 -13.79 -21.61 21.26
C PHE C 65 -14.59 -20.66 22.11
N ALA C 66 -15.91 -20.79 22.03
CA ALA C 66 -16.81 -19.95 22.79
C ALA C 66 -16.57 -18.46 22.54
N GLY C 67 -16.14 -18.12 21.35
CA GLY C 67 -15.92 -16.73 20.99
C GLY C 67 -14.58 -16.17 21.43
N LYS C 68 -13.71 -17.03 21.95
CA LYS C 68 -12.42 -16.57 22.46
C LYS C 68 -11.27 -17.36 21.85
N GLN C 69 -10.19 -16.66 21.51
CA GLN C 69 -8.98 -17.31 21.02
C GLN C 69 -8.15 -17.88 22.18
N LEU C 70 -7.82 -19.15 22.08
CA LEU C 70 -7.09 -19.87 23.13
C LEU C 70 -5.59 -19.50 23.21
N GLU C 71 -5.09 -19.37 24.43
CA GLU C 71 -3.71 -18.95 24.68
C GLU C 71 -2.92 -20.24 24.90
N ASP C 72 -1.72 -20.31 24.34
CA ASP C 72 -0.85 -21.47 24.53
C ASP C 72 -0.40 -21.74 25.97
N GLY C 73 -0.33 -20.71 26.79
CA GLY C 73 0.11 -20.87 28.17
C GLY C 73 -0.94 -21.47 29.08
N ARG C 74 -2.20 -21.34 28.65
CA ARG C 74 -3.35 -21.83 29.39
C ARG C 74 -3.74 -23.28 29.06
N THR C 75 -4.54 -23.89 29.92
CA THR C 75 -4.96 -25.28 29.77
C THR C 75 -6.45 -25.34 29.44
N LEU C 76 -6.93 -26.52 29.04
CA LEU C 76 -8.36 -26.71 28.79
C LEU C 76 -9.27 -26.48 29.98
N SER C 77 -8.84 -26.86 31.18
CA SER C 77 -9.64 -26.62 32.38
C SER C 77 -9.81 -25.12 32.64
N ASP C 78 -8.74 -24.36 32.37
CA ASP C 78 -8.75 -22.91 32.52
C ASP C 78 -9.84 -22.26 31.67
N TYR C 79 -10.09 -22.84 30.51
CA TYR C 79 -11.12 -22.31 29.63
C TYR C 79 -12.40 -23.09 29.84
N ASN C 80 -12.35 -24.07 30.75
CA ASN C 80 -13.48 -24.96 31.02
C ASN C 80 -13.99 -25.63 29.75
N ILE C 81 -13.08 -26.28 29.02
CA ILE C 81 -13.41 -26.98 27.78
C ILE C 81 -13.65 -28.46 28.13
N GLN C 82 -14.92 -28.84 28.25
CA GLN C 82 -15.29 -30.20 28.63
C GLN C 82 -15.62 -31.08 27.43
N LYS C 83 -15.89 -32.35 27.68
CA LYS C 83 -16.20 -33.31 26.62
C LYS C 83 -17.32 -32.85 25.67
N GLU C 84 -17.17 -33.25 24.40
CA GLU C 84 -18.07 -32.99 23.28
C GLU C 84 -18.02 -31.53 22.81
N SER C 85 -17.12 -30.73 23.40
CA SER C 85 -16.87 -29.36 22.96
C SER C 85 -16.33 -29.31 21.54
N THR C 86 -16.77 -28.33 20.76
CA THR C 86 -16.21 -28.17 19.41
C THR C 86 -15.32 -26.92 19.33
N LEU C 87 -14.04 -27.14 19.03
CA LEU C 87 -13.08 -26.08 18.77
C LEU C 87 -13.01 -25.74 17.29
N HIS C 88 -12.81 -24.47 17.00
CA HIS C 88 -12.74 -24.02 15.63
C HIS C 88 -11.31 -23.70 15.26
N LEU C 89 -10.77 -24.48 14.32
CA LEU C 89 -9.39 -24.31 13.90
C LEU C 89 -9.34 -23.34 12.75
N VAL C 90 -8.49 -22.34 12.89
CA VAL C 90 -8.34 -21.37 11.84
C VAL C 90 -6.85 -21.01 11.74
N LEU C 91 -6.42 -20.53 10.57
CA LEU C 91 -5.05 -20.07 10.38
C LEU C 91 -5.03 -18.56 10.24
N ARG C 92 -4.16 -18.05 9.40
CA ARG C 92 -4.02 -16.61 9.35
C ARG C 92 -3.92 -16.05 7.94
N LEU C 93 -4.47 -14.86 7.76
CA LEU C 93 -4.25 -14.06 6.56
C LEU C 93 -3.59 -12.75 6.98
N ARG C 94 -2.28 -12.69 6.83
CA ARG C 94 -1.52 -11.52 7.23
C ARG C 94 -1.62 -10.37 6.23
N GLY C 95 -1.69 -9.15 6.75
CA GLY C 95 -1.72 -7.97 5.89
C GLY C 95 -1.12 -6.76 6.60
N GLY C 96 -0.68 -5.79 5.81
CA GLY C 96 -0.13 -4.56 6.34
C GLY C 96 -0.86 -3.31 5.88
N ARG D 13 -5.85 42.51 -22.60
CA ARG D 13 -4.54 43.09 -22.34
C ARG D 13 -4.67 44.42 -21.61
N LYS D 14 -3.97 44.53 -20.48
CA LYS D 14 -3.95 45.76 -19.71
C LYS D 14 -3.17 46.87 -20.43
N VAL D 15 -3.47 48.12 -20.06
CA VAL D 15 -2.88 49.30 -20.72
C VAL D 15 -1.92 50.06 -19.81
N GLN D 16 -0.82 50.54 -20.42
CA GLN D 16 0.23 51.28 -19.71
C GLN D 16 0.43 52.70 -20.25
N VAL D 17 0.50 53.63 -19.31
CA VAL D 17 0.77 55.04 -19.57
C VAL D 17 2.26 55.26 -19.52
N SER D 18 2.85 55.84 -20.56
CA SER D 18 4.29 56.12 -20.54
C SER D 18 4.64 57.51 -21.04
N TYR D 19 5.82 58.01 -20.66
CA TYR D 19 6.22 59.33 -21.10
C TYR D 19 7.72 59.36 -21.30
N VAL D 20 8.17 60.33 -22.09
CA VAL D 20 9.58 60.45 -22.43
C VAL D 20 10.20 61.71 -21.85
N ILE D 21 11.32 61.56 -21.16
CA ILE D 21 12.02 62.74 -20.64
C ILE D 21 12.98 63.21 -21.71
N ARG D 22 12.62 64.31 -22.37
CA ARG D 22 13.39 64.80 -23.50
C ARG D 22 13.22 66.30 -23.73
N ASP D 23 13.90 66.79 -24.77
CA ASP D 23 13.80 68.20 -25.15
C ASP D 23 12.64 68.39 -26.11
N GLU D 24 12.21 69.65 -26.27
CA GLU D 24 11.14 70.01 -27.20
C GLU D 24 11.38 69.47 -28.60
N VAL D 25 12.63 69.59 -29.07
CA VAL D 25 13.01 69.12 -30.39
C VAL D 25 14.32 68.32 -30.27
N GLU D 26 14.33 67.14 -30.88
CA GLU D 26 15.53 66.30 -30.91
C GLU D 26 16.04 66.27 -32.34
N LYS D 27 16.77 67.32 -32.68
CA LYS D 27 17.35 67.58 -33.99
C LYS D 27 18.23 66.47 -34.57
N TYR D 28 19.04 65.82 -33.74
CA TYR D 28 19.96 64.81 -34.24
C TYR D 28 19.52 63.43 -33.77
N ASN D 29 19.94 62.38 -34.47
CA ASN D 29 19.53 61.02 -34.09
C ASN D 29 20.05 60.64 -32.71
N ARG D 30 19.14 60.16 -31.87
CA ARG D 30 19.48 59.80 -30.50
C ARG D 30 19.72 58.29 -30.24
N ASN D 31 19.75 57.45 -31.27
CA ASN D 31 20.04 56.02 -31.05
C ASN D 31 20.58 55.22 -32.24
N GLY D 32 20.67 55.86 -33.40
CA GLY D 32 21.19 55.20 -34.59
C GLY D 32 20.14 54.88 -35.63
N VAL D 33 20.63 54.70 -36.86
CA VAL D 33 19.75 54.43 -38.00
C VAL D 33 19.68 53.00 -38.49
N ASN D 34 18.46 52.49 -38.56
CA ASN D 34 18.20 51.12 -38.95
C ASN D 34 18.10 50.95 -40.48
N ALA D 35 17.53 51.96 -41.16
CA ALA D 35 17.24 51.90 -42.59
C ALA D 35 17.40 53.26 -43.33
N LEU D 36 17.85 53.23 -44.59
CA LEU D 36 18.04 54.46 -45.38
C LEU D 36 17.27 54.47 -46.70
N GLN D 37 16.87 55.68 -47.12
CA GLN D 37 16.10 55.93 -48.35
C GLN D 37 16.39 57.30 -48.97
N LEU D 38 16.99 57.27 -50.16
CA LEU D 38 17.42 58.47 -50.88
C LEU D 38 16.46 58.86 -52.01
N ASP D 39 16.14 60.16 -52.07
CA ASP D 39 15.30 60.75 -53.11
C ASP D 39 16.16 61.57 -54.07
N PRO D 40 16.42 61.03 -55.27
CA PRO D 40 17.27 61.75 -56.23
C PRO D 40 16.65 62.99 -56.86
N ALA D 41 15.33 63.02 -57.02
CA ALA D 41 14.64 64.19 -57.58
C ALA D 41 14.84 65.48 -56.77
N LEU D 42 14.65 65.39 -55.46
CA LEU D 42 14.80 66.55 -54.58
C LEU D 42 16.11 66.56 -53.79
N ASN D 43 16.97 65.58 -54.05
CA ASN D 43 18.23 65.42 -53.33
C ASN D 43 18.04 65.37 -51.81
N ARG D 44 17.07 64.59 -51.38
CA ARG D 44 16.72 64.45 -49.96
C ARG D 44 16.95 63.02 -49.45
N LEU D 45 17.54 62.91 -48.25
CA LEU D 45 17.76 61.63 -47.59
C LEU D 45 16.83 61.39 -46.41
N PHE D 46 16.41 60.15 -46.24
CA PHE D 46 15.53 59.75 -45.13
C PHE D 46 16.20 58.73 -44.21
N THR D 47 16.36 59.11 -42.95
CA THR D 47 16.93 58.20 -41.95
C THR D 47 15.86 57.70 -41.00
N ALA D 48 15.79 56.39 -40.83
CA ALA D 48 14.87 55.78 -39.88
C ALA D 48 15.62 55.49 -38.59
N GLY D 49 15.16 56.09 -37.50
CA GLY D 49 15.86 55.97 -36.24
C GLY D 49 15.32 54.93 -35.29
N ARG D 50 16.21 54.41 -34.45
CA ARG D 50 15.86 53.48 -33.39
C ARG D 50 15.23 54.28 -32.24
N ASP D 51 15.37 55.58 -32.34
CA ASP D 51 14.78 56.53 -31.42
C ASP D 51 13.31 56.73 -31.75
N SER D 52 12.83 55.98 -32.75
CA SER D 52 11.43 55.96 -33.21
C SER D 52 11.06 57.17 -34.08
N ILE D 53 12.07 57.91 -34.52
CA ILE D 53 11.82 59.10 -35.33
C ILE D 53 12.54 59.04 -36.67
N ILE D 54 11.79 59.28 -37.74
CA ILE D 54 12.36 59.42 -39.07
C ILE D 54 12.80 60.86 -39.28
N ARG D 55 13.96 61.06 -39.89
CA ARG D 55 14.44 62.42 -40.13
C ARG D 55 14.77 62.66 -41.60
N ILE D 56 14.54 63.90 -42.04
CA ILE D 56 14.86 64.32 -43.40
C ILE D 56 16.09 65.22 -43.50
N TRP D 57 16.97 64.93 -44.46
CA TRP D 57 18.20 65.68 -44.64
C TRP D 57 18.42 66.11 -46.08
N SER D 58 19.20 67.18 -46.22
CA SER D 58 19.59 67.75 -47.50
C SER D 58 21.05 67.39 -47.76
N VAL D 59 21.29 66.68 -48.86
CA VAL D 59 22.63 66.18 -49.15
C VAL D 59 23.29 66.95 -50.29
N ASN D 60 22.98 68.24 -50.34
CA ASN D 60 23.55 69.17 -51.31
C ASN D 60 25.06 69.33 -51.15
N GLN D 61 25.54 69.00 -49.96
CA GLN D 61 26.95 69.05 -49.55
C GLN D 61 27.33 70.43 -49.01
N HIS D 62 26.63 71.48 -49.45
CA HIS D 62 26.99 72.81 -48.97
C HIS D 62 25.89 73.48 -48.17
N LYS D 63 25.85 73.17 -46.88
CA LYS D 63 24.89 73.72 -45.93
C LYS D 63 25.44 73.40 -44.55
N GLN D 64 25.41 74.39 -43.66
CA GLN D 64 25.94 74.16 -42.32
C GLN D 64 25.11 73.16 -41.51
N ASP D 65 23.81 73.12 -41.80
CA ASP D 65 22.90 72.21 -41.13
C ASP D 65 21.92 71.60 -42.14
N PRO D 66 21.97 70.27 -42.33
CA PRO D 66 21.09 69.63 -43.32
C PRO D 66 19.71 69.22 -42.75
N TYR D 67 19.51 69.38 -41.44
CA TYR D 67 18.25 69.02 -40.80
C TYR D 67 17.06 69.78 -41.38
N ILE D 68 16.07 69.03 -41.84
CA ILE D 68 14.87 69.64 -42.42
C ILE D 68 13.71 69.47 -41.45
N ALA D 69 13.34 68.21 -41.19
CA ALA D 69 12.23 67.91 -40.30
C ALA D 69 12.36 66.51 -39.70
N SER D 70 11.55 66.25 -38.68
CA SER D 70 11.51 64.96 -38.01
C SER D 70 10.08 64.46 -37.75
N MET D 71 9.84 63.21 -38.15
CA MET D 71 8.55 62.54 -38.09
C MET D 71 8.50 61.54 -36.92
N GLU D 72 7.66 61.83 -35.92
CA GLU D 72 7.68 61.13 -34.64
C GLU D 72 6.51 60.20 -34.27
N HIS D 73 5.58 59.94 -35.17
CA HIS D 73 4.44 59.08 -34.84
C HIS D 73 4.76 57.71 -34.21
N HIS D 74 5.86 57.08 -34.61
CA HIS D 74 6.21 55.76 -34.07
C HIS D 74 6.68 55.79 -32.63
N THR D 75 6.39 54.71 -31.90
CA THR D 75 6.72 54.64 -30.49
C THR D 75 7.87 53.66 -30.20
N ASP D 76 8.33 52.95 -31.24
CA ASP D 76 9.48 52.07 -31.10
C ASP D 76 10.39 52.12 -32.32
N TRP D 77 11.39 51.24 -32.34
CA TRP D 77 12.36 51.18 -33.42
C TRP D 77 11.69 51.25 -34.77
N VAL D 78 12.34 51.92 -35.70
CA VAL D 78 11.85 51.95 -37.07
C VAL D 78 12.79 51.07 -37.90
N ASN D 79 12.35 49.86 -38.20
CA ASN D 79 13.20 48.88 -38.86
C ASN D 79 13.40 49.15 -40.35
N ASP D 80 12.34 49.57 -41.06
CA ASP D 80 12.48 49.88 -42.49
C ASP D 80 11.63 51.05 -42.98
N ILE D 81 12.10 51.70 -44.05
CA ILE D 81 11.35 52.76 -44.74
C ILE D 81 11.39 52.57 -46.26
N VAL D 82 10.30 52.94 -46.93
CA VAL D 82 10.19 52.83 -48.38
C VAL D 82 9.63 54.11 -49.02
N LEU D 83 10.40 54.67 -49.95
CA LEU D 83 10.02 55.87 -50.69
C LEU D 83 9.45 55.52 -52.06
N CYS D 84 8.12 55.68 -52.16
CA CYS D 84 7.32 55.38 -53.35
C CYS D 84 6.64 56.57 -54.06
N CYS D 85 5.90 56.19 -55.10
CA CYS D 85 5.15 57.06 -56.03
C CYS D 85 5.91 58.16 -56.74
N ASN D 86 6.99 57.75 -57.40
CA ASN D 86 7.88 58.64 -58.16
C ASN D 86 8.26 59.94 -57.49
N GLY D 87 8.58 59.91 -56.22
CA GLY D 87 9.04 61.13 -55.61
C GLY D 87 9.04 61.11 -54.11
N LYS D 88 7.87 61.13 -53.49
CA LYS D 88 7.88 61.16 -52.05
C LYS D 88 6.56 60.72 -51.40
N THR D 89 6.64 59.58 -50.72
CA THR D 89 5.55 58.89 -50.08
C THR D 89 6.27 57.83 -49.25
N LEU D 90 6.66 58.21 -48.03
CA LEU D 90 7.31 57.28 -47.10
C LEU D 90 6.43 56.27 -46.35
N ILE D 91 6.78 55.00 -46.47
CA ILE D 91 6.15 53.90 -45.75
C ILE D 91 7.11 53.41 -44.68
N SER D 92 6.65 53.21 -43.46
CA SER D 92 7.56 52.76 -42.43
C SER D 92 7.08 51.53 -41.69
N ALA D 93 8.06 50.73 -41.25
CA ALA D 93 7.86 49.49 -40.52
C ALA D 93 8.50 49.68 -39.14
N SER D 94 7.79 49.31 -38.08
CA SER D 94 8.30 49.55 -36.73
C SER D 94 8.11 48.39 -35.75
N SER D 95 8.95 48.40 -34.72
CA SER D 95 8.87 47.42 -33.64
C SER D 95 7.69 47.70 -32.70
N ASP D 96 6.94 48.77 -32.98
CA ASP D 96 5.72 49.07 -32.23
C ASP D 96 4.56 48.26 -32.81
N THR D 97 4.91 47.40 -33.77
CA THR D 97 4.03 46.45 -34.48
C THR D 97 3.13 47.08 -35.53
N THR D 98 3.38 48.33 -35.88
CA THR D 98 2.53 49.02 -36.83
C THR D 98 3.25 49.42 -38.09
N VAL D 99 2.47 49.66 -39.14
CA VAL D 99 3.01 50.12 -40.42
C VAL D 99 2.42 51.49 -40.69
N LYS D 100 3.25 52.49 -40.95
CA LYS D 100 2.66 53.82 -41.14
C LYS D 100 2.94 54.42 -42.51
N VAL D 101 1.88 55.02 -43.04
CA VAL D 101 1.91 55.68 -44.33
C VAL D 101 2.05 57.18 -44.12
N TRP D 102 2.97 57.81 -44.84
CA TRP D 102 3.22 59.23 -44.61
C TRP D 102 3.22 60.05 -45.89
N ASN D 103 2.72 61.28 -45.77
CA ASN D 103 2.83 62.22 -46.86
C ASN D 103 4.25 62.71 -46.68
N ALA D 104 5.14 62.25 -47.55
CA ALA D 104 6.56 62.52 -47.46
C ALA D 104 7.00 63.97 -47.74
N HIS D 105 6.27 64.68 -48.60
CA HIS D 105 6.62 66.07 -48.91
C HIS D 105 6.34 66.98 -47.70
N LYS D 106 5.15 66.84 -47.13
CA LYS D 106 4.72 67.67 -46.01
C LYS D 106 5.08 67.04 -44.66
N GLY D 107 5.46 65.77 -44.67
CA GLY D 107 5.93 65.12 -43.46
C GLY D 107 4.97 64.80 -42.32
N PHE D 108 3.91 64.06 -42.61
CA PHE D 108 2.98 63.70 -41.54
C PHE D 108 2.39 62.32 -41.79
N CYS D 109 1.91 61.70 -40.73
CA CYS D 109 1.33 60.37 -40.81
C CYS D 109 -0.08 60.47 -41.41
N MET D 110 -0.43 59.51 -42.26
CA MET D 110 -1.74 59.49 -42.91
C MET D 110 -2.56 58.36 -42.36
N SER D 111 -2.05 57.14 -42.45
CA SER D 111 -2.78 56.00 -41.94
C SER D 111 -1.83 55.09 -41.20
N THR D 112 -2.42 54.28 -40.31
CA THR D 112 -1.69 53.31 -39.53
C THR D 112 -2.32 51.95 -39.68
N LEU D 113 -1.57 51.04 -40.30
CA LEU D 113 -1.99 49.66 -40.48
C LEU D 113 -1.56 48.91 -39.22
N ARG D 114 -2.54 48.38 -38.49
CA ARG D 114 -2.28 47.68 -37.23
C ARG D 114 -2.52 46.21 -37.47
N THR D 115 -2.30 45.82 -38.71
CA THR D 115 -2.51 44.46 -39.19
C THR D 115 -1.47 43.49 -38.63
N HIS D 116 -0.23 43.95 -38.52
CA HIS D 116 0.86 43.13 -37.98
C HIS D 116 0.69 42.89 -36.49
N LYS D 117 1.04 41.68 -36.06
CA LYS D 117 0.92 41.27 -34.67
C LYS D 117 2.20 41.37 -33.83
N ASP D 118 3.36 41.40 -34.48
CA ASP D 118 4.66 41.50 -33.80
C ASP D 118 5.48 42.62 -34.44
N TYR D 119 6.74 42.77 -34.04
CA TYR D 119 7.62 43.80 -34.60
C TYR D 119 7.56 43.72 -36.12
N VAL D 120 7.58 44.86 -36.80
CA VAL D 120 7.59 44.83 -38.26
C VAL D 120 9.01 45.12 -38.68
N LYS D 121 9.67 44.11 -39.21
CA LYS D 121 11.09 44.21 -39.49
C LYS D 121 11.47 44.65 -40.91
N ALA D 122 10.73 44.24 -41.94
CA ALA D 122 11.15 44.66 -43.28
C ALA D 122 10.03 45.02 -44.27
N LEU D 123 10.41 45.81 -45.28
CA LEU D 123 9.53 46.23 -46.36
C LEU D 123 10.15 46.03 -47.76
N ALA D 124 9.35 45.59 -48.71
CA ALA D 124 9.82 45.43 -50.09
C ALA D 124 8.97 46.31 -51.01
N TYR D 125 9.54 46.81 -52.10
CA TYR D 125 8.77 47.71 -52.96
C TYR D 125 8.95 47.50 -54.46
N ALA D 126 7.81 47.40 -55.15
CA ALA D 126 7.72 47.24 -56.59
C ALA D 126 7.38 48.54 -57.32
N LYS D 127 8.38 49.38 -57.58
CA LYS D 127 8.23 50.67 -58.26
C LYS D 127 7.24 50.73 -59.42
N ASP D 128 7.45 49.88 -60.40
CA ASP D 128 6.60 49.83 -61.58
C ASP D 128 5.14 49.58 -61.22
N LYS D 129 4.85 48.39 -60.69
CA LYS D 129 3.50 48.02 -60.31
C LYS D 129 2.98 48.84 -59.13
N GLU D 130 3.81 49.76 -58.64
CA GLU D 130 3.54 50.59 -57.46
C GLU D 130 2.94 49.78 -56.33
N LEU D 131 3.65 48.73 -55.96
CA LEU D 131 3.21 47.81 -54.91
C LEU D 131 4.19 47.79 -53.74
N VAL D 132 3.74 47.41 -52.55
CA VAL D 132 4.64 47.40 -51.39
C VAL D 132 4.21 46.32 -50.38
N ALA D 133 5.18 45.57 -49.86
CA ALA D 133 4.89 44.53 -48.88
C ALA D 133 5.59 44.74 -47.55
N SER D 134 4.95 44.27 -46.48
CA SER D 134 5.51 44.40 -45.12
C SER D 134 5.48 43.09 -44.36
N ALA D 135 6.61 42.72 -43.78
CA ALA D 135 6.70 41.47 -42.99
C ALA D 135 7.45 41.72 -41.70
N GLY D 136 7.28 40.82 -40.73
CA GLY D 136 7.97 40.94 -39.47
C GLY D 136 8.08 39.65 -38.69
N LEU D 137 8.02 39.74 -37.36
CA LEU D 137 8.08 38.55 -36.53
C LEU D 137 6.74 37.84 -36.45
N ASP D 138 5.76 38.37 -37.17
CA ASP D 138 4.43 37.80 -37.24
C ASP D 138 4.49 36.47 -37.97
N ARG D 139 5.48 36.35 -38.86
CA ARG D 139 5.60 35.24 -39.81
C ARG D 139 4.57 35.35 -40.92
N GLN D 140 3.90 36.51 -40.98
CA GLN D 140 2.93 36.77 -42.03
C GLN D 140 3.38 38.01 -42.79
N ILE D 141 3.24 37.94 -44.11
CA ILE D 141 3.61 39.05 -45.00
C ILE D 141 2.35 39.66 -45.58
N PHE D 142 2.28 40.99 -45.60
CA PHE D 142 1.10 41.68 -46.11
C PHE D 142 1.39 42.57 -47.32
N LEU D 143 0.67 42.31 -48.41
CA LEU D 143 0.80 43.11 -49.63
C LEU D 143 -0.16 44.29 -49.63
N TRP D 144 0.30 45.42 -50.14
CA TRP D 144 -0.46 46.67 -50.14
C TRP D 144 -0.21 47.43 -51.43
N ASP D 145 -1.25 47.96 -52.06
CA ASP D 145 -1.05 48.83 -53.22
C ASP D 145 -0.87 50.24 -52.66
N VAL D 146 0.24 50.90 -53.01
CA VAL D 146 0.57 52.23 -52.52
C VAL D 146 -0.49 53.24 -52.93
N ASN D 147 -0.94 53.12 -54.17
CA ASN D 147 -2.01 53.98 -54.68
C ASN D 147 -3.29 53.86 -53.86
N THR D 148 -3.67 52.65 -53.50
CA THR D 148 -4.85 52.44 -52.66
C THR D 148 -4.70 53.06 -51.26
N LEU D 149 -3.49 53.03 -50.70
CA LEU D 149 -3.30 53.63 -49.40
C LEU D 149 -3.32 55.16 -49.47
N THR D 150 -2.59 55.71 -50.44
CA THR D 150 -2.51 57.15 -50.64
C THR D 150 -3.87 57.78 -50.95
N ALA D 151 -4.79 56.96 -51.42
CA ALA D 151 -6.15 57.39 -51.77
C ALA D 151 -6.93 58.01 -50.62
N LEU D 152 -7.71 59.04 -50.97
CA LEU D 152 -8.47 59.78 -49.99
C LEU D 152 -9.94 59.70 -50.43
N THR D 153 -10.16 58.97 -51.53
CA THR D 153 -11.47 58.86 -52.16
C THR D 153 -12.42 57.87 -51.47
N ALA D 154 -11.93 56.65 -51.25
CA ALA D 154 -12.69 55.58 -50.60
C ALA D 154 -14.04 55.39 -51.28
N SER D 155 -13.99 55.06 -52.57
CA SER D 155 -15.19 54.74 -53.35
C SER D 155 -15.33 53.24 -53.38
N ASN D 156 -16.04 52.72 -52.38
CA ASN D 156 -16.24 51.29 -52.20
C ASN D 156 -14.84 50.70 -52.28
N ASN D 157 -14.06 50.96 -51.23
CA ASN D 157 -12.72 50.41 -51.13
C ASN D 157 -12.72 49.03 -50.53
N THR D 158 -13.56 48.83 -49.51
CA THR D 158 -13.70 47.56 -48.77
C THR D 158 -12.33 46.87 -48.75
N VAL D 159 -11.37 47.52 -48.09
CA VAL D 159 -10.02 46.97 -48.04
C VAL D 159 -9.96 45.53 -47.56
N THR D 160 -9.46 44.73 -48.50
CA THR D 160 -9.18 43.32 -48.39
C THR D 160 -7.71 43.11 -48.07
N THR D 161 -7.41 42.54 -46.91
CA THR D 161 -6.03 42.43 -46.51
C THR D 161 -5.56 41.12 -47.12
N SER D 162 -4.58 41.26 -47.99
CA SER D 162 -3.94 40.16 -48.69
C SER D 162 -2.60 39.80 -48.08
N SER D 163 -2.60 38.62 -47.45
CA SER D 163 -1.46 38.10 -46.71
C SER D 163 -0.74 37.03 -47.50
N LEU D 164 0.49 36.75 -47.10
CA LEU D 164 1.28 35.70 -47.73
C LEU D 164 1.64 34.66 -46.69
N SER D 165 1.25 33.42 -46.96
CA SER D 165 1.48 32.31 -46.04
C SER D 165 2.64 31.43 -46.46
N GLY D 166 3.26 30.78 -45.48
CA GLY D 166 4.35 29.86 -45.74
C GLY D 166 5.45 29.95 -44.70
N ASN D 167 5.87 31.17 -44.39
CA ASN D 167 6.96 31.40 -43.45
C ASN D 167 6.75 30.68 -42.11
N LYS D 168 7.66 29.75 -41.82
CA LYS D 168 7.60 28.96 -40.60
C LYS D 168 8.21 29.75 -39.44
N ASP D 169 9.32 30.43 -39.71
CA ASP D 169 10.01 31.23 -38.70
C ASP D 169 9.80 32.74 -38.90
N SER D 170 10.39 33.52 -37.99
CA SER D 170 10.30 34.98 -38.01
C SER D 170 11.10 35.67 -39.12
N ILE D 171 10.41 36.46 -39.94
CA ILE D 171 11.01 37.16 -41.08
C ILE D 171 11.83 38.40 -40.71
N TYR D 172 13.05 38.48 -41.22
CA TYR D 172 13.95 39.61 -40.99
C TYR D 172 14.27 40.41 -42.26
N SER D 173 14.03 39.83 -43.42
CA SER D 173 14.29 40.55 -44.67
C SER D 173 13.27 40.31 -45.78
N LEU D 174 13.11 41.33 -46.63
CA LEU D 174 12.19 41.31 -47.75
C LEU D 174 12.73 42.05 -48.98
N ALA D 175 12.47 41.47 -50.14
CA ALA D 175 12.84 42.08 -51.42
C ALA D 175 11.81 41.78 -52.51
N MET D 176 11.54 42.78 -53.33
CA MET D 176 10.66 42.64 -54.49
C MET D 176 11.35 43.20 -55.72
N ASN D 177 11.13 42.58 -56.87
CA ASN D 177 11.74 43.07 -58.08
C ASN D 177 10.99 44.25 -58.66
N GLN D 178 11.68 45.04 -59.47
CA GLN D 178 11.12 46.24 -60.10
C GLN D 178 9.72 46.05 -60.69
N LEU D 179 9.57 45.00 -61.50
CA LEU D 179 8.28 44.73 -62.13
C LEU D 179 7.27 44.16 -61.16
N GLY D 180 7.74 43.65 -60.03
CA GLY D 180 6.87 43.10 -59.01
C GLY D 180 6.26 41.77 -59.42
N THR D 181 7.09 40.91 -60.01
CA THR D 181 6.65 39.59 -60.45
C THR D 181 7.12 38.51 -59.48
N ILE D 182 8.12 38.84 -58.68
CA ILE D 182 8.68 37.90 -57.70
C ILE D 182 8.88 38.59 -56.35
N ILE D 183 8.60 37.86 -55.27
CA ILE D 183 8.84 38.35 -53.92
C ILE D 183 9.52 37.30 -53.05
N VAL D 184 10.68 37.63 -52.47
CA VAL D 184 11.34 36.66 -51.61
C VAL D 184 11.54 37.17 -50.17
N SER D 185 11.38 36.25 -49.22
CA SER D 185 11.55 36.55 -47.81
C SER D 185 12.70 35.76 -47.19
N GLY D 186 13.36 36.42 -46.25
CA GLY D 186 14.44 35.85 -45.45
C GLY D 186 14.05 35.84 -43.99
N SER D 187 14.37 34.74 -43.32
CA SER D 187 14.03 34.56 -41.92
C SER D 187 15.06 33.72 -41.17
N THR D 188 14.75 33.40 -39.92
CA THR D 188 15.60 32.58 -39.06
C THR D 188 15.48 31.13 -39.48
N GLU D 189 14.59 30.88 -40.43
CA GLU D 189 14.40 29.57 -41.02
C GLU D 189 15.57 29.22 -41.92
N LYS D 190 16.45 30.20 -42.13
CA LYS D 190 17.65 30.06 -42.96
C LYS D 190 17.31 29.90 -44.44
N VAL D 191 16.11 29.39 -44.73
CA VAL D 191 15.65 29.12 -46.08
C VAL D 191 14.94 30.38 -46.59
N LEU D 192 15.06 30.68 -47.87
CA LEU D 192 14.36 31.85 -48.40
C LEU D 192 13.10 31.37 -49.07
N ARG D 193 11.99 32.07 -48.86
CA ARG D 193 10.74 31.66 -49.50
C ARG D 193 10.32 32.64 -50.60
N VAL D 194 10.02 32.11 -51.78
CA VAL D 194 9.61 32.95 -52.91
C VAL D 194 8.12 32.82 -53.25
N TRP D 195 7.51 33.89 -53.74
CA TRP D 195 6.11 33.85 -54.14
C TRP D 195 5.89 34.78 -55.33
N ASP D 196 4.69 34.69 -55.89
CA ASP D 196 4.26 35.59 -56.95
C ASP D 196 3.25 36.56 -56.35
N PRO D 197 3.62 37.85 -56.27
CA PRO D 197 2.70 38.75 -55.56
C PRO D 197 1.35 38.90 -56.26
N ARG D 198 1.34 38.78 -57.59
CA ARG D 198 0.09 38.90 -58.32
C ARG D 198 -0.88 37.74 -58.06
N THR D 199 -0.33 36.54 -57.88
CA THR D 199 -1.16 35.36 -57.62
C THR D 199 -1.19 34.88 -56.17
N CYS D 200 -0.19 35.29 -55.38
CA CYS D 200 -0.02 34.85 -53.98
C CYS D 200 0.41 33.37 -53.91
N ALA D 201 0.69 32.79 -55.08
CA ALA D 201 1.11 31.40 -55.18
C ALA D 201 2.56 31.19 -54.77
N LYS D 202 2.79 30.13 -54.00
CA LYS D 202 4.13 29.75 -53.57
C LYS D 202 5.01 29.33 -54.74
N LEU D 203 6.21 29.90 -54.85
CA LEU D 203 7.09 29.54 -55.96
C LEU D 203 8.13 28.48 -55.61
N MET D 204 8.99 28.79 -54.64
CA MET D 204 10.05 27.89 -54.23
C MET D 204 10.54 28.17 -52.80
N LYS D 205 11.42 27.28 -52.34
CA LYS D 205 12.03 27.37 -51.02
C LYS D 205 13.52 27.16 -51.18
N LEU D 206 14.26 28.24 -51.34
CA LEU D 206 15.69 28.13 -51.55
C LEU D 206 16.45 27.79 -50.28
N LYS D 207 17.00 26.58 -50.25
CA LYS D 207 17.77 26.07 -49.12
C LYS D 207 19.24 26.30 -49.44
N GLY D 208 20.03 26.71 -48.45
CA GLY D 208 21.44 26.92 -48.71
C GLY D 208 22.19 27.59 -47.59
N HIS D 209 21.55 28.59 -46.99
CA HIS D 209 22.15 29.35 -45.91
C HIS D 209 22.26 28.58 -44.60
N THR D 210 23.26 28.97 -43.81
CA THR D 210 23.59 28.38 -42.52
C THR D 210 22.85 29.08 -41.39
N ASP D 211 22.60 30.38 -41.56
CA ASP D 211 21.98 31.20 -40.51
C ASP D 211 20.82 32.03 -41.03
N ASN D 212 20.42 33.04 -40.24
CA ASN D 212 19.35 33.98 -40.58
C ASN D 212 19.74 34.93 -41.72
N VAL D 213 18.79 35.23 -42.59
CA VAL D 213 18.99 36.12 -43.73
C VAL D 213 18.44 37.51 -43.42
N LYS D 214 19.36 38.48 -43.28
CA LYS D 214 18.96 39.84 -42.94
C LYS D 214 18.88 40.85 -44.09
N ALA D 215 19.38 40.46 -45.26
CA ALA D 215 19.33 41.32 -46.43
C ALA D 215 18.98 40.56 -47.70
N LEU D 216 18.02 41.07 -48.44
CA LEU D 216 17.64 40.47 -49.70
C LEU D 216 17.62 41.52 -50.79
N LEU D 217 17.98 41.08 -51.99
CA LEU D 217 18.07 41.94 -53.15
C LEU D 217 17.66 41.15 -54.38
N LEU D 218 16.91 41.79 -55.28
CA LEU D 218 16.46 41.15 -56.51
C LEU D 218 16.80 41.97 -57.73
N ASN D 219 17.03 41.28 -58.85
CA ASN D 219 17.33 41.99 -60.07
C ASN D 219 16.05 42.50 -60.70
N ARG D 220 16.21 43.48 -61.59
CA ARG D 220 15.11 44.15 -62.30
C ARG D 220 14.00 43.17 -62.71
N ASP D 221 14.39 42.11 -63.40
CA ASP D 221 13.48 41.09 -63.89
C ASP D 221 13.12 40.06 -62.82
N GLY D 222 13.89 40.06 -61.74
CA GLY D 222 13.67 39.16 -60.63
C GLY D 222 14.11 37.76 -61.01
N THR D 223 15.02 37.69 -61.98
CA THR D 223 15.56 36.42 -62.46
C THR D 223 16.55 35.82 -61.46
N GLN D 224 17.45 36.66 -60.96
CA GLN D 224 18.43 36.24 -59.97
C GLN D 224 18.35 37.05 -58.69
N CYS D 225 18.71 36.42 -57.57
CA CYS D 225 18.64 37.05 -56.24
C CYS D 225 19.94 37.05 -55.43
N LEU D 226 20.24 38.18 -54.80
CA LEU D 226 21.37 38.28 -53.89
C LEU D 226 20.92 38.28 -52.44
N SER D 227 21.58 37.49 -51.59
CA SER D 227 21.20 37.42 -50.18
C SER D 227 22.38 37.51 -49.21
N GLY D 228 22.15 38.16 -48.06
CA GLY D 228 23.17 38.26 -47.04
C GLY D 228 22.66 37.66 -45.74
N SER D 229 23.47 36.79 -45.14
CA SER D 229 23.08 36.14 -43.90
C SER D 229 24.10 36.22 -42.77
N SER D 230 23.64 36.04 -41.53
CA SER D 230 24.49 36.01 -40.35
C SER D 230 25.55 34.90 -40.36
N ASP D 231 25.55 34.06 -41.38
CA ASP D 231 26.57 33.02 -41.52
C ASP D 231 27.83 33.59 -42.13
N GLY D 232 27.76 34.85 -42.53
CA GLY D 232 28.94 35.48 -43.08
C GLY D 232 29.07 35.35 -44.59
N THR D 233 28.06 34.85 -45.27
CA THR D 233 28.21 34.65 -46.71
C THR D 233 27.18 35.42 -47.54
N ILE D 234 27.60 35.85 -48.73
CA ILE D 234 26.68 36.42 -49.69
C ILE D 234 26.34 35.36 -50.72
N ARG D 235 25.06 35.11 -50.94
CA ARG D 235 24.73 34.07 -51.90
C ARG D 235 23.98 34.59 -53.13
N LEU D 236 24.53 34.26 -54.30
CA LEU D 236 23.84 34.56 -55.55
C LEU D 236 23.01 33.35 -55.91
N TRP D 237 21.76 33.60 -56.32
CA TRP D 237 20.79 32.56 -56.64
C TRP D 237 20.17 32.76 -58.02
N SER D 238 19.93 31.68 -58.76
CA SER D 238 19.17 31.81 -60.00
C SER D 238 17.80 31.20 -59.78
N LEU D 239 16.76 31.99 -60.01
CA LEU D 239 15.37 31.56 -59.82
C LEU D 239 14.89 30.74 -61.01
N GLY D 240 15.63 30.85 -62.10
CA GLY D 240 15.45 30.05 -63.30
C GLY D 240 15.98 28.67 -63.01
N GLN D 241 17.28 28.59 -62.72
CA GLN D 241 17.92 27.33 -62.38
C GLN D 241 17.35 26.74 -61.10
N GLN D 242 16.66 27.58 -60.32
CA GLN D 242 16.06 27.19 -59.05
C GLN D 242 17.04 26.59 -58.07
N ARG D 243 18.19 27.25 -57.91
CA ARG D 243 19.19 26.85 -56.95
C ARG D 243 20.29 27.90 -56.85
N CYS D 244 21.12 27.79 -55.83
CA CYS D 244 22.23 28.70 -55.63
C CYS D 244 23.25 28.60 -56.77
N ILE D 245 23.79 29.74 -57.20
CA ILE D 245 24.72 29.75 -58.30
C ILE D 245 26.07 30.23 -57.80
N ALA D 246 26.10 30.87 -56.64
CA ALA D 246 27.39 31.32 -56.12
C ALA D 246 27.36 31.65 -54.64
N THR D 247 28.54 31.58 -54.02
CA THR D 247 28.70 31.89 -52.61
C THR D 247 29.98 32.67 -52.38
N TYR D 248 29.89 33.86 -51.81
CA TYR D 248 31.08 34.66 -51.59
C TYR D 248 31.31 34.87 -50.11
N ARG D 249 32.48 34.46 -49.62
CA ARG D 249 32.79 34.69 -48.22
C ARG D 249 33.66 35.92 -48.15
N VAL D 250 33.04 37.05 -47.82
CA VAL D 250 33.69 38.35 -47.82
C VAL D 250 34.04 38.88 -46.43
N HIS D 251 33.13 38.63 -45.49
CA HIS D 251 33.24 39.13 -44.12
C HIS D 251 33.59 38.07 -43.09
N ASP D 252 34.34 38.48 -42.07
CA ASP D 252 34.72 37.58 -40.99
C ASP D 252 33.62 37.45 -39.92
N GLU D 253 32.40 37.86 -40.27
CA GLU D 253 31.21 37.78 -39.40
C GLU D 253 29.99 38.08 -40.23
N GLY D 254 28.86 38.23 -39.56
CA GLY D 254 27.59 38.52 -40.19
C GLY D 254 27.54 39.66 -41.20
N VAL D 255 26.79 39.45 -42.28
CA VAL D 255 26.59 40.45 -43.33
C VAL D 255 25.12 40.87 -43.27
N TRP D 256 24.87 42.13 -42.95
CA TRP D 256 23.52 42.64 -42.69
C TRP D 256 22.95 43.61 -43.72
N ALA D 257 23.80 44.18 -44.56
CA ALA D 257 23.36 45.17 -45.53
C ALA D 257 23.99 44.99 -46.91
N LEU D 258 23.15 45.04 -47.94
CA LEU D 258 23.61 44.92 -49.32
C LEU D 258 22.98 45.94 -50.25
N GLN D 259 23.76 46.38 -51.23
CA GLN D 259 23.31 47.27 -52.29
C GLN D 259 23.99 46.83 -53.58
N VAL D 260 23.31 47.00 -54.72
CA VAL D 260 23.91 46.65 -56.01
C VAL D 260 23.85 47.79 -57.01
N ASN D 261 24.76 47.78 -57.99
CA ASN D 261 24.66 48.75 -59.07
C ASN D 261 23.59 48.29 -60.04
N ASP D 262 23.31 49.11 -61.05
CA ASP D 262 22.27 48.77 -62.02
C ASP D 262 22.65 47.60 -62.92
N ALA D 263 23.95 47.40 -63.12
CA ALA D 263 24.42 46.30 -63.94
C ALA D 263 24.15 44.95 -63.31
N PHE D 264 23.96 44.95 -61.98
CA PHE D 264 23.80 43.72 -61.20
C PHE D 264 25.04 42.84 -61.35
N THR D 265 26.20 43.48 -61.30
CA THR D 265 27.47 42.81 -61.48
C THR D 265 28.37 43.06 -60.27
N HIS D 266 28.22 44.23 -59.67
CA HIS D 266 28.97 44.61 -58.49
C HIS D 266 28.05 44.70 -57.26
N VAL D 267 28.35 43.90 -56.24
CA VAL D 267 27.56 43.86 -55.01
C VAL D 267 28.31 44.57 -53.88
N TYR D 268 27.58 45.37 -53.13
CA TYR D 268 28.16 46.14 -52.04
C TYR D 268 27.70 45.52 -50.72
N SER D 269 28.62 45.25 -49.81
CA SER D 269 28.25 44.55 -48.58
C SER D 269 28.94 45.07 -47.32
N GLY D 270 28.24 44.89 -46.21
CA GLY D 270 28.71 45.24 -44.87
C GLY D 270 27.89 44.60 -43.77
N GLY D 271 28.44 44.57 -42.56
CA GLY D 271 27.75 44.00 -41.43
C GLY D 271 28.41 44.17 -40.07
N ARG D 272 28.46 43.10 -39.29
CA ARG D 272 28.99 43.15 -37.93
C ARG D 272 30.47 43.52 -37.84
N ASP D 273 31.29 42.97 -38.73
CA ASP D 273 32.74 43.18 -38.69
C ASP D 273 33.13 44.63 -39.02
N ARG D 274 32.13 45.44 -39.32
CA ARG D 274 32.25 46.88 -39.56
C ARG D 274 32.93 47.23 -40.87
N LYS D 275 33.43 46.23 -41.57
CA LYS D 275 34.09 46.51 -42.84
C LYS D 275 33.09 46.55 -44.00
N ILE D 276 33.26 47.55 -44.86
CA ILE D 276 32.45 47.70 -46.06
C ILE D 276 33.31 47.33 -47.26
N TYR D 277 32.78 46.43 -48.09
CA TYR D 277 33.46 45.87 -49.28
C TYR D 277 32.62 45.96 -50.55
N CYS D 278 33.24 46.26 -51.68
CA CYS D 278 32.59 46.06 -52.98
C CYS D 278 33.16 44.79 -53.63
N THR D 279 32.28 43.92 -54.09
CA THR D 279 32.66 42.65 -54.69
C THR D 279 32.08 42.36 -56.07
N ASP D 280 32.95 42.03 -57.01
CA ASP D 280 32.57 41.70 -58.38
C ASP D 280 31.98 40.29 -58.43
N LEU D 281 30.67 40.20 -58.66
CA LEU D 281 29.99 38.90 -58.70
C LEU D 281 30.51 37.98 -59.80
N ARG D 282 30.89 38.58 -60.94
CA ARG D 282 31.45 37.83 -62.06
C ARG D 282 32.80 37.22 -61.68
N ASN D 283 33.73 38.07 -61.27
CA ASN D 283 35.06 37.63 -60.84
C ASN D 283 35.32 38.00 -59.38
N PRO D 284 34.94 37.10 -58.44
CA PRO D 284 35.00 37.30 -56.99
C PRO D 284 36.39 37.66 -56.45
N ASP D 285 37.42 37.41 -57.26
CA ASP D 285 38.81 37.69 -56.93
C ASP D 285 38.98 39.19 -56.67
N ILE D 286 38.28 39.98 -57.47
CA ILE D 286 38.27 41.43 -57.37
C ILE D 286 37.41 41.85 -56.19
N ARG D 287 38.08 42.28 -55.13
CA ARG D 287 37.42 42.67 -53.89
C ARG D 287 38.12 43.83 -53.18
N VAL D 288 37.48 44.99 -53.32
CA VAL D 288 37.94 46.28 -52.82
C VAL D 288 37.39 46.64 -51.44
N LEU D 289 38.25 46.89 -50.48
CA LEU D 289 37.80 47.34 -49.15
C LEU D 289 37.43 48.82 -49.15
N ILE D 290 36.14 49.09 -49.25
CA ILE D 290 35.66 50.48 -49.23
C ILE D 290 36.05 51.18 -47.94
N CYS D 291 35.68 50.61 -46.80
CA CYS D 291 35.99 51.28 -45.53
C CYS D 291 35.84 50.44 -44.27
N GLU D 292 36.22 50.99 -43.12
CA GLU D 292 35.92 50.33 -41.85
C GLU D 292 35.23 51.32 -40.91
N GLU D 293 33.92 51.19 -40.79
CA GLU D 293 33.10 52.05 -39.95
C GLU D 293 33.41 51.92 -38.46
N LYS D 294 32.97 52.89 -37.68
CA LYS D 294 33.24 52.93 -36.24
C LYS D 294 32.25 52.08 -35.44
N ALA D 295 31.31 51.45 -36.14
CA ALA D 295 30.33 50.56 -35.53
C ALA D 295 29.76 49.63 -36.60
N PRO D 296 29.26 48.44 -36.18
CA PRO D 296 28.67 47.51 -37.14
C PRO D 296 27.64 48.16 -38.05
N VAL D 297 27.73 47.85 -39.34
CA VAL D 297 26.84 48.38 -40.37
C VAL D 297 25.44 47.75 -40.29
N LEU D 298 24.42 48.61 -40.25
CA LEU D 298 23.03 48.17 -40.15
C LEU D 298 22.32 48.34 -41.50
N LYS D 299 22.68 49.37 -42.27
CA LYS D 299 22.02 49.58 -43.56
C LYS D 299 22.80 50.50 -44.50
N MET D 300 22.65 50.29 -45.80
CA MET D 300 23.34 51.14 -46.78
C MET D 300 22.39 51.57 -47.91
N GLU D 301 22.67 52.73 -48.50
CA GLU D 301 21.86 53.27 -49.58
C GLU D 301 22.80 53.91 -50.61
N LEU D 302 22.80 53.40 -51.83
CA LEU D 302 23.67 53.95 -52.86
C LEU D 302 23.19 55.24 -53.52
N ASP D 303 24.13 56.03 -54.02
CA ASP D 303 23.81 57.21 -54.80
C ASP D 303 23.72 56.70 -56.23
N ARG D 304 22.54 56.74 -56.81
CA ARG D 304 22.35 56.21 -58.15
C ARG D 304 22.31 57.24 -59.27
N SER D 305 22.76 58.46 -58.99
CA SER D 305 22.81 59.51 -60.01
C SER D 305 23.67 59.10 -61.21
N ALA D 306 24.78 58.42 -60.94
CA ALA D 306 25.69 57.96 -62.00
C ALA D 306 26.01 56.46 -61.90
N ASP D 307 26.41 55.87 -63.02
CA ASP D 307 26.90 54.49 -63.07
C ASP D 307 28.33 54.41 -63.60
N PRO D 308 29.28 53.93 -62.78
CA PRO D 308 29.10 53.37 -61.42
C PRO D 308 28.76 54.41 -60.36
N PRO D 309 28.03 54.01 -59.32
CA PRO D 309 27.61 54.87 -58.21
C PRO D 309 28.77 55.67 -57.60
N PRO D 310 28.61 56.99 -57.50
CA PRO D 310 29.69 57.88 -57.03
C PRO D 310 29.91 57.79 -55.52
N ALA D 311 28.87 57.42 -54.78
CA ALA D 311 28.97 57.36 -53.32
C ALA D 311 27.99 56.36 -52.71
N ILE D 312 28.27 55.99 -51.46
CA ILE D 312 27.42 55.08 -50.69
C ILE D 312 27.12 55.66 -49.30
N TRP D 313 25.85 55.72 -48.94
CA TRP D 313 25.43 56.18 -47.62
C TRP D 313 25.35 55.03 -46.61
N VAL D 314 25.98 55.21 -45.45
CA VAL D 314 26.08 54.14 -44.46
C VAL D 314 25.50 54.53 -43.11
N ALA D 315 24.53 53.72 -42.71
CA ALA D 315 23.86 53.77 -41.41
C ALA D 315 24.38 52.64 -40.53
N THR D 316 24.76 53.01 -39.30
CA THR D 316 25.28 52.04 -38.35
C THR D 316 24.55 52.04 -37.02
N THR D 317 25.12 51.33 -36.06
CA THR D 317 24.61 51.25 -34.71
C THR D 317 24.73 52.61 -34.06
N LYS D 318 25.64 53.44 -34.58
CA LYS D 318 25.81 54.77 -34.06
C LYS D 318 24.76 55.68 -34.69
N SER D 319 24.61 56.86 -34.09
CA SER D 319 23.63 57.85 -34.50
C SER D 319 24.13 58.64 -35.70
N THR D 320 25.45 58.66 -35.84
CA THR D 320 26.08 59.35 -36.94
C THR D 320 25.88 58.56 -38.23
N VAL D 321 25.50 59.27 -39.28
CA VAL D 321 25.34 58.68 -40.60
C VAL D 321 26.42 59.22 -41.49
N ASN D 322 27.05 58.35 -42.28
CA ASN D 322 28.16 58.81 -43.08
C ASN D 322 27.99 58.53 -44.56
N LYS D 323 28.67 59.30 -45.39
CA LYS D 323 28.64 59.07 -46.83
C LYS D 323 30.09 58.82 -47.22
N TRP D 324 30.33 57.77 -47.97
CA TRP D 324 31.69 57.50 -48.41
C TRP D 324 31.69 57.58 -49.93
N THR D 325 32.68 58.25 -50.49
CA THR D 325 32.76 58.39 -51.94
C THR D 325 33.32 57.12 -52.58
N LEU D 326 32.70 56.70 -53.69
CA LEU D 326 33.13 55.52 -54.41
C LEU D 326 33.78 55.92 -55.71
N LYS D 327 34.07 57.21 -55.84
CA LYS D 327 34.63 57.73 -57.09
C LYS D 327 36.15 57.66 -57.15
N GLY D 328 36.64 56.51 -57.58
CA GLY D 328 38.06 56.22 -57.70
C GLY D 328 38.27 54.72 -57.72
N ILE D 329 37.16 54.01 -57.84
CA ILE D 329 37.13 52.55 -57.89
C ILE D 329 37.99 52.13 -59.07
N HIS D 330 37.60 52.69 -60.20
CA HIS D 330 38.18 52.44 -61.52
C HIS D 330 39.70 52.59 -61.56
N ASN D 331 40.26 53.60 -60.89
CA ASN D 331 41.70 53.79 -60.92
C ASN D 331 42.47 52.78 -60.05
N PHE D 332 41.85 52.39 -58.93
CA PHE D 332 42.44 51.40 -58.03
C PHE D 332 42.25 49.94 -58.48
N ARG D 333 41.26 49.69 -59.32
CA ARG D 333 40.99 48.34 -59.82
C ARG D 333 42.02 47.90 -60.85
N ALA D 334 42.43 48.82 -61.70
CA ALA D 334 43.46 48.52 -62.70
C ALA D 334 44.86 48.42 -62.09
N SER D 335 45.12 49.19 -61.04
CA SER D 335 46.42 49.15 -60.37
C SER D 335 46.36 48.66 -58.92
N GLY D 336 47.00 47.52 -58.66
CA GLY D 336 47.04 46.94 -57.33
C GLY D 336 45.68 46.62 -56.75
N ILE D 346 44.28 44.29 -46.86
CA ILE D 346 44.30 45.22 -47.98
C ILE D 346 44.11 46.66 -47.51
N THR D 347 44.43 47.60 -48.40
CA THR D 347 44.36 49.03 -48.12
C THR D 347 43.01 49.61 -48.54
N PRO D 348 42.26 50.21 -47.58
CA PRO D 348 40.93 50.75 -47.93
C PRO D 348 40.91 52.06 -48.72
N LEU D 349 39.89 52.19 -49.56
CA LEU D 349 39.63 53.36 -50.40
C LEU D 349 39.46 54.71 -49.68
N CYS D 350 38.59 54.75 -48.68
CA CYS D 350 38.36 55.98 -47.93
C CYS D 350 38.82 55.91 -46.48
N THR D 351 39.31 57.03 -45.96
CA THR D 351 39.69 57.10 -44.57
C THR D 351 38.70 57.99 -43.83
N GLN D 352 38.29 59.07 -44.49
CA GLN D 352 37.31 60.00 -43.92
C GLN D 352 36.13 60.17 -44.85
N PRO D 353 34.92 60.33 -44.29
CA PRO D 353 33.77 60.55 -45.17
C PRO D 353 33.76 61.92 -45.88
N ASP D 354 33.16 61.99 -47.06
CA ASP D 354 33.04 63.24 -47.80
C ASP D 354 32.02 64.11 -47.06
N GLN D 355 30.96 63.45 -46.56
CA GLN D 355 29.87 64.12 -45.85
C GLN D 355 29.41 63.30 -44.66
N VAL D 356 29.22 64.00 -43.53
CA VAL D 356 28.81 63.44 -42.25
C VAL D 356 27.51 64.01 -41.70
N ILE D 357 26.52 63.16 -41.47
CA ILE D 357 25.31 63.61 -40.79
C ILE D 357 25.53 63.39 -39.30
N LYS D 358 25.48 64.49 -38.55
CA LYS D 358 25.76 64.49 -37.12
C LYS D 358 24.80 63.64 -36.28
N GLY D 359 25.29 63.08 -35.18
CA GLY D 359 24.45 62.28 -34.31
C GLY D 359 24.42 62.74 -32.87
N GLY D 360 23.33 62.45 -32.18
CA GLY D 360 23.19 62.79 -30.77
C GLY D 360 23.74 61.68 -29.91
N ALA D 361 23.56 61.78 -28.60
CA ALA D 361 24.04 60.74 -27.68
C ALA D 361 22.91 59.79 -27.29
N SER D 362 23.26 58.54 -27.02
CA SER D 362 22.30 57.54 -26.56
C SER D 362 22.59 57.13 -25.12
N ILE D 363 21.54 57.02 -24.30
CA ILE D 363 21.67 56.53 -22.93
C ILE D 363 21.74 55.01 -22.90
N ILE D 364 22.86 54.47 -22.43
CA ILE D 364 23.07 53.02 -22.45
C ILE D 364 23.03 52.39 -21.06
N GLN D 365 23.17 53.21 -20.02
CA GLN D 365 23.12 52.73 -18.65
C GLN D 365 22.30 53.65 -17.76
N CYS D 366 21.52 53.06 -16.85
CA CYS D 366 20.70 53.86 -15.94
C CYS D 366 20.53 53.21 -14.57
N HIS D 367 20.46 54.03 -13.52
CA HIS D 367 20.31 53.53 -12.16
C HIS D 367 19.31 54.31 -11.30
N ILE D 368 18.27 53.62 -10.84
CA ILE D 368 17.31 54.24 -9.93
C ILE D 368 17.84 54.21 -8.49
N LEU D 369 17.96 55.39 -7.88
CA LEU D 369 18.45 55.51 -6.49
C LEU D 369 17.43 54.99 -5.50
N ASN D 370 17.85 54.70 -4.27
CA ASN D 370 16.92 54.08 -3.32
C ASN D 370 15.70 54.96 -3.05
N ASP D 371 15.84 56.27 -3.22
CA ASP D 371 14.70 57.16 -3.08
C ASP D 371 14.09 56.90 -4.45
N LYS D 372 12.84 56.50 -4.57
CA LYS D 372 12.39 56.26 -5.92
C LYS D 372 11.78 57.48 -6.60
N ARG D 373 12.63 58.49 -6.76
CA ARG D 373 12.25 59.76 -7.35
C ARG D 373 13.36 60.21 -8.30
N HIS D 374 14.60 59.93 -7.91
CA HIS D 374 15.78 60.32 -8.68
C HIS D 374 16.40 59.18 -9.50
N ILE D 375 16.94 59.51 -10.67
CA ILE D 375 17.53 58.51 -11.57
C ILE D 375 18.92 58.94 -12.02
N LEU D 376 19.87 58.01 -12.06
CA LEU D 376 21.21 58.32 -12.54
C LEU D 376 21.44 57.66 -13.90
N THR D 377 22.02 58.40 -14.85
CA THR D 377 22.25 57.81 -16.17
C THR D 377 23.63 58.03 -16.78
N LYS D 378 24.04 57.06 -17.61
CA LYS D 378 25.26 57.12 -18.40
C LYS D 378 24.94 56.97 -19.90
N ASP D 379 25.58 57.78 -20.73
CA ASP D 379 25.35 57.74 -22.17
C ASP D 379 26.56 57.32 -23.02
N THR D 380 26.34 57.19 -24.32
CA THR D 380 27.37 56.76 -25.29
C THR D 380 28.59 57.68 -25.35
N ASN D 381 28.45 58.88 -24.79
CA ASN D 381 29.59 59.81 -24.73
C ASN D 381 30.22 59.75 -23.36
N ASN D 382 29.66 58.88 -22.52
CA ASN D 382 30.11 58.62 -21.16
C ASN D 382 29.72 59.72 -20.19
N ASN D 383 28.71 60.50 -20.55
CA ASN D 383 28.30 61.57 -19.67
C ASN D 383 27.26 61.06 -18.67
N VAL D 384 27.53 61.34 -17.41
CA VAL D 384 26.64 60.96 -16.33
C VAL D 384 25.76 62.15 -16.01
N ALA D 385 24.50 61.87 -15.72
CA ALA D 385 23.52 62.92 -15.42
C ALA D 385 22.49 62.49 -14.38
N TYR D 386 22.10 63.47 -13.56
CA TYR D 386 21.14 63.27 -12.49
C TYR D 386 19.77 63.72 -12.98
N TRP D 387 18.76 62.92 -12.67
CA TRP D 387 17.42 63.17 -13.16
C TRP D 387 16.37 63.04 -12.08
N ASP D 388 15.23 63.69 -12.31
CA ASP D 388 14.12 63.62 -11.39
C ASP D 388 13.00 63.02 -12.21
N VAL D 389 12.61 61.81 -11.82
CA VAL D 389 11.60 61.05 -12.55
C VAL D 389 10.26 61.72 -12.34
N LEU D 390 9.95 61.99 -11.07
CA LEU D 390 8.70 62.59 -10.68
C LEU D 390 8.46 63.94 -11.39
N LYS D 391 9.48 64.80 -11.45
CA LYS D 391 9.31 66.07 -12.16
C LYS D 391 9.74 65.97 -13.62
N ALA D 392 9.89 64.74 -14.11
CA ALA D 392 10.26 64.43 -15.50
C ALA D 392 11.27 65.40 -16.13
N CYS D 393 12.38 65.64 -15.45
CA CYS D 393 13.37 66.58 -15.96
C CYS D 393 14.79 66.27 -15.52
N LYS D 394 15.77 66.86 -16.21
CA LYS D 394 17.16 66.77 -15.78
C LYS D 394 17.34 67.69 -14.59
N VAL D 395 18.31 67.40 -13.74
CA VAL D 395 18.59 68.30 -12.63
C VAL D 395 20.06 68.75 -12.71
N GLU D 396 20.96 67.83 -13.07
CA GLU D 396 22.38 68.14 -13.13
C GLU D 396 23.13 67.29 -14.15
N ASP D 397 24.21 67.81 -14.69
CA ASP D 397 25.07 67.02 -15.58
C ASP D 397 26.41 66.79 -14.87
N LEU D 398 26.63 65.57 -14.39
CA LEU D 398 27.83 65.30 -13.60
C LEU D 398 29.04 65.08 -14.50
N GLY D 399 28.79 64.90 -15.79
CA GLY D 399 29.89 64.69 -16.72
C GLY D 399 30.47 63.29 -16.73
N LYS D 400 31.65 63.13 -17.30
CA LYS D 400 32.28 61.82 -17.40
C LYS D 400 32.82 61.22 -16.09
N VAL D 401 32.08 61.38 -15.00
CA VAL D 401 32.42 60.77 -13.71
C VAL D 401 32.27 59.24 -13.76
N ASP D 402 32.96 58.53 -12.88
CA ASP D 402 32.80 57.08 -12.77
C ASP D 402 31.37 56.78 -12.32
N PHE D 403 30.61 56.13 -13.19
CA PHE D 403 29.19 55.89 -12.95
C PHE D 403 28.89 55.01 -11.73
N GLU D 404 29.55 53.86 -11.59
CA GLU D 404 29.30 53.00 -10.44
C GLU D 404 29.74 53.66 -9.13
N ASP D 405 30.77 54.50 -9.23
CA ASP D 405 31.23 55.25 -8.08
C ASP D 405 30.26 56.36 -7.73
N GLU D 406 29.70 57.01 -8.75
CA GLU D 406 28.72 58.05 -8.49
C GLU D 406 27.50 57.44 -7.80
N ILE D 407 27.04 56.32 -8.36
CA ILE D 407 25.94 55.56 -7.78
C ILE D 407 26.17 55.27 -6.30
N LYS D 408 27.37 54.80 -5.96
CA LYS D 408 27.64 54.51 -4.55
C LYS D 408 27.59 55.81 -3.74
N LYS D 409 28.32 56.82 -4.20
CA LYS D 409 28.38 58.10 -3.50
C LYS D 409 26.99 58.65 -3.18
N ARG D 410 26.07 58.52 -4.13
CA ARG D 410 24.71 59.05 -3.97
C ARG D 410 23.75 58.03 -3.35
N PHE D 411 24.26 57.10 -2.56
CA PHE D 411 23.43 56.12 -1.85
C PHE D 411 22.64 56.67 -0.65
N LYS D 412 21.34 56.43 -0.67
CA LYS D 412 20.45 56.81 0.42
C LYS D 412 19.92 55.57 1.13
N MET D 413 20.03 55.55 2.46
CA MET D 413 19.58 54.41 3.25
C MET D 413 18.09 54.53 3.56
N VAL D 414 17.28 54.39 2.51
CA VAL D 414 15.82 54.45 2.61
C VAL D 414 15.25 53.39 1.67
N TYR D 415 14.00 53.02 1.89
CA TYR D 415 13.32 52.08 1.00
C TYR D 415 11.98 52.62 0.55
N VAL D 416 11.77 52.57 -0.76
CA VAL D 416 10.55 53.02 -1.40
C VAL D 416 10.23 51.98 -2.47
N PRO D 417 9.01 51.42 -2.41
CA PRO D 417 8.59 50.39 -3.37
C PRO D 417 8.67 50.87 -4.81
N ASN D 418 8.86 49.92 -5.73
CA ASN D 418 8.91 50.27 -7.14
C ASN D 418 7.55 50.71 -7.65
N TRP D 419 7.52 51.87 -8.31
CA TRP D 419 6.26 52.41 -8.81
C TRP D 419 6.31 52.73 -10.32
N PHE D 420 7.47 52.51 -10.93
CA PHE D 420 7.59 52.72 -12.38
C PHE D 420 8.67 51.82 -13.00
N SER D 421 8.62 51.68 -14.32
CA SER D 421 9.69 50.99 -15.04
C SER D 421 10.40 51.97 -15.96
N VAL D 422 11.58 51.59 -16.44
CA VAL D 422 12.36 52.44 -17.32
C VAL D 422 12.82 51.67 -18.55
N ASP D 423 12.78 52.29 -19.73
CA ASP D 423 13.36 51.66 -20.90
C ASP D 423 14.27 52.69 -21.56
N LEU D 424 15.25 52.18 -22.32
CA LEU D 424 16.24 53.01 -22.99
C LEU D 424 16.40 52.63 -24.45
N LYS D 425 15.39 51.96 -24.99
CA LYS D 425 15.46 51.45 -26.35
C LYS D 425 15.32 52.51 -27.43
N THR D 426 15.03 53.75 -27.02
CA THR D 426 14.97 54.88 -27.95
C THR D 426 16.22 55.72 -27.83
N GLY D 427 17.06 55.36 -26.86
CA GLY D 427 18.25 56.14 -26.57
C GLY D 427 17.90 57.30 -25.66
N MET D 428 16.63 57.38 -25.29
CA MET D 428 16.12 58.41 -24.38
C MET D 428 15.45 57.74 -23.20
N LEU D 429 15.29 58.48 -22.10
CA LEU D 429 14.66 57.89 -20.94
C LEU D 429 13.16 57.81 -21.18
N THR D 430 12.66 56.58 -21.14
CA THR D 430 11.22 56.40 -21.23
C THR D 430 10.72 55.75 -19.95
N ILE D 431 9.82 56.44 -19.26
CA ILE D 431 9.29 55.94 -18.00
C ILE D 431 7.93 55.35 -18.28
N THR D 432 7.67 54.16 -17.75
CA THR D 432 6.39 53.51 -17.96
C THR D 432 5.66 53.14 -16.67
N LEU D 433 4.38 53.51 -16.62
CA LEU D 433 3.48 53.22 -15.53
C LEU D 433 2.47 52.14 -15.92
N ASP D 434 2.38 51.14 -15.04
CA ASP D 434 1.48 50.00 -15.15
C ASP D 434 0.48 49.96 -14.01
N GLU D 435 -0.70 49.44 -14.28
CA GLU D 435 -1.78 49.31 -13.30
C GLU D 435 -1.36 48.64 -12.00
N SER D 436 -0.57 47.59 -12.10
CA SER D 436 -0.13 46.83 -10.93
C SER D 436 0.57 47.64 -9.82
N ASP D 437 1.82 48.02 -10.05
CA ASP D 437 2.61 48.77 -9.07
C ASP D 437 2.64 50.30 -9.14
N CYS D 438 1.88 50.91 -10.05
CA CYS D 438 1.84 52.38 -10.16
C CYS D 438 1.62 53.09 -8.82
N PHE D 439 0.68 52.56 -8.04
CA PHE D 439 0.40 53.10 -6.72
C PHE D 439 0.94 52.10 -5.70
N ALA D 440 2.04 52.48 -5.06
CA ALA D 440 2.72 51.61 -4.11
C ALA D 440 3.69 52.41 -3.26
N ALA D 441 4.20 53.51 -3.83
CA ALA D 441 5.16 54.34 -3.12
C ALA D 441 4.47 55.51 -2.45
N TRP D 442 4.28 55.40 -1.14
CA TRP D 442 3.69 56.48 -0.36
C TRP D 442 4.74 57.13 0.54
N VAL D 443 5.10 58.39 0.23
CA VAL D 443 6.11 59.10 0.99
C VAL D 443 5.58 60.43 1.57
N SER D 444 6.17 60.87 2.68
CA SER D 444 5.77 62.13 3.30
C SER D 444 6.17 63.29 2.37
N ALA D 445 5.35 64.33 2.35
CA ALA D 445 5.61 65.53 1.53
C ALA D 445 6.94 66.23 1.83
N LYS D 446 7.23 66.42 3.10
CA LYS D 446 8.47 67.05 3.53
C LYS D 446 9.67 66.23 3.03
N ASP D 447 9.51 64.91 3.06
CA ASP D 447 10.53 63.97 2.59
C ASP D 447 10.75 64.17 1.10
N ALA D 448 9.66 64.21 0.36
CA ALA D 448 9.67 64.45 -1.09
C ALA D 448 10.16 65.87 -1.45
N GLY D 449 10.54 66.64 -0.43
CA GLY D 449 11.03 68.00 -0.60
C GLY D 449 9.98 69.04 -0.90
N PHE D 450 8.73 68.67 -0.63
CA PHE D 450 7.58 69.54 -0.83
C PHE D 450 7.10 70.09 0.51
N SER D 451 7.79 71.15 0.96
CA SER D 451 7.49 71.84 2.20
C SER D 451 6.21 72.63 2.00
N SER D 452 5.31 72.50 2.96
CA SER D 452 4.03 73.19 2.94
C SER D 452 3.76 74.03 4.18
N PRO D 453 4.34 75.23 4.22
CA PRO D 453 4.29 76.19 5.33
C PRO D 453 2.87 76.74 5.30
N ASP D 454 2.18 76.62 6.42
CA ASP D 454 2.71 75.99 7.63
C ASP D 454 1.90 74.83 8.20
N GLY D 455 1.02 74.24 7.39
CA GLY D 455 0.36 73.02 7.82
C GLY D 455 1.31 71.85 7.63
N SER D 456 0.81 70.63 7.77
CA SER D 456 1.70 69.48 7.90
C SER D 456 1.89 68.69 6.61
N ASP D 457 2.81 67.73 6.65
CA ASP D 457 3.02 66.83 5.51
C ASP D 457 2.21 65.54 5.61
N PRO D 458 1.31 65.35 4.65
CA PRO D 458 0.47 64.18 4.29
C PRO D 458 1.27 63.10 3.59
N LYS D 459 0.75 61.88 3.56
CA LYS D 459 1.44 60.78 2.91
C LYS D 459 0.98 60.73 1.46
N LEU D 460 1.81 61.29 0.58
CA LEU D 460 1.56 61.36 -0.86
C LEU D 460 1.95 60.13 -1.67
N ASN D 461 1.10 59.77 -2.62
CA ASN D 461 1.38 58.69 -3.56
C ASN D 461 2.06 59.25 -4.81
N LEU D 462 3.30 58.85 -5.03
CA LEU D 462 4.11 59.33 -6.15
C LEU D 462 3.48 59.14 -7.53
N GLY D 463 3.03 57.92 -7.80
CA GLY D 463 2.41 57.59 -9.08
C GLY D 463 1.12 58.36 -9.34
N GLY D 464 0.41 58.67 -8.27
CA GLY D 464 -0.82 59.42 -8.36
C GLY D 464 -0.51 60.83 -8.84
N LEU D 465 0.28 61.53 -8.04
CA LEU D 465 0.74 62.88 -8.38
C LEU D 465 1.29 62.97 -9.80
N LEU D 466 2.16 62.02 -10.17
CA LEU D 466 2.74 62.01 -11.51
C LEU D 466 1.65 61.84 -12.57
N LEU D 467 0.64 61.02 -12.30
CA LEU D 467 -0.45 60.79 -13.26
C LEU D 467 -1.22 62.10 -13.45
N GLN D 468 -1.48 62.79 -12.34
CA GLN D 468 -2.18 64.05 -12.33
C GLN D 468 -1.46 65.10 -13.18
N ALA D 469 -0.16 65.20 -12.97
CA ALA D 469 0.69 66.12 -13.69
C ALA D 469 0.79 65.77 -15.20
N LEU D 470 0.74 64.48 -15.53
CA LEU D 470 0.83 64.08 -16.93
C LEU D 470 -0.43 64.50 -17.67
N LEU D 471 -1.56 64.32 -17.00
CA LEU D 471 -2.86 64.71 -17.52
C LEU D 471 -3.34 66.03 -16.91
N GLU D 472 -2.41 66.94 -16.66
CA GLU D 472 -2.73 68.23 -16.04
C GLU D 472 -3.64 69.10 -16.91
N TYR D 473 -3.36 69.13 -18.21
CA TYR D 473 -4.13 69.97 -19.14
C TYR D 473 -5.44 69.32 -19.58
N TRP D 474 -5.67 68.06 -19.21
CA TRP D 474 -6.92 67.38 -19.55
C TRP D 474 -8.07 67.96 -18.70
N PRO D 475 -9.09 68.55 -19.36
CA PRO D 475 -10.23 69.17 -18.65
C PRO D 475 -11.05 68.23 -17.76
N ARG D 476 -11.19 66.96 -18.14
CA ARG D 476 -11.92 65.97 -17.34
C ARG D 476 -11.48 65.92 -15.88
N THR D 477 -10.23 66.29 -15.61
CA THR D 477 -9.71 66.22 -14.25
C THR D 477 -9.88 67.52 -13.49
N HIS D 478 -10.85 68.33 -13.91
CA HIS D 478 -11.13 69.61 -13.27
C HIS D 478 -12.53 69.61 -12.65
N LYS D 502 -7.59 70.42 -10.71
CA LYS D 502 -6.80 71.14 -11.70
C LYS D 502 -5.50 70.39 -12.02
N GLY D 503 -4.43 70.77 -11.32
CA GLY D 503 -3.14 70.10 -11.48
C GLY D 503 -3.04 69.08 -10.37
N ASN D 504 -1.85 68.82 -9.86
CA ASN D 504 -1.74 67.90 -8.73
C ASN D 504 -1.51 68.69 -7.45
N GLY D 505 -1.20 69.97 -7.62
CA GLY D 505 -1.02 70.90 -6.52
C GLY D 505 0.40 71.05 -6.03
N TYR D 506 1.27 70.12 -6.42
CA TYR D 506 2.65 70.12 -5.97
C TYR D 506 3.71 70.45 -6.99
N PHE D 507 3.60 69.91 -8.20
CA PHE D 507 4.62 70.11 -9.22
C PHE D 507 4.00 70.07 -10.60
N GLN D 508 4.79 70.49 -11.59
CA GLN D 508 4.35 70.48 -12.97
C GLN D 508 5.28 69.70 -13.90
N VAL D 509 4.72 68.99 -14.87
CA VAL D 509 5.57 68.27 -15.82
C VAL D 509 5.75 69.17 -17.04
N PRO D 510 6.93 69.11 -17.70
CA PRO D 510 7.13 69.92 -18.91
C PRO D 510 6.00 69.71 -19.92
N PRO D 511 5.38 70.79 -20.42
CA PRO D 511 4.20 70.61 -21.26
C PRO D 511 4.47 69.86 -22.57
N HIS D 512 5.70 69.88 -23.06
CA HIS D 512 6.00 69.15 -24.29
C HIS D 512 6.25 67.67 -24.07
N THR D 513 6.25 67.25 -22.81
CA THR D 513 6.46 65.84 -22.47
C THR D 513 5.45 64.95 -23.19
N PRO D 514 5.93 64.08 -24.09
CA PRO D 514 4.97 63.20 -24.77
C PRO D 514 4.37 62.17 -23.82
N VAL D 515 3.06 61.99 -23.93
CA VAL D 515 2.31 61.00 -23.16
C VAL D 515 1.73 59.93 -24.08
N ILE D 516 2.22 58.71 -23.95
CA ILE D 516 1.85 57.56 -24.77
C ILE D 516 0.91 56.60 -24.00
N PHE D 517 -0.10 56.05 -24.68
CA PHE D 517 -1.01 55.09 -24.06
C PHE D 517 -0.94 53.83 -24.90
N GLY D 518 -0.57 52.72 -24.26
CA GLY D 518 -0.38 51.48 -25.01
C GLY D 518 -0.54 50.11 -24.36
N GLU D 519 -0.87 49.13 -25.20
CA GLU D 519 -1.02 47.75 -24.74
C GLU D 519 0.38 47.27 -24.36
N ALA D 520 0.47 46.56 -23.24
CA ALA D 520 1.75 46.03 -22.76
C ALA D 520 2.45 45.09 -23.74
N GLY D 521 1.68 44.19 -24.33
CA GLY D 521 2.22 43.27 -25.32
C GLY D 521 2.84 43.92 -26.55
N GLY D 522 2.24 45.00 -27.03
CA GLY D 522 2.76 45.65 -28.22
C GLY D 522 2.10 46.93 -28.71
N ARG D 523 0.99 46.73 -29.42
CA ARG D 523 0.24 47.77 -30.13
C ARG D 523 0.05 49.06 -29.35
N THR D 524 0.47 50.16 -29.97
CA THR D 524 0.28 51.51 -29.45
C THR D 524 -1.14 52.04 -29.69
N LEU D 525 -1.79 52.53 -28.64
CA LEU D 525 -3.15 53.02 -28.80
C LEU D 525 -3.22 54.50 -29.15
N PHE D 526 -2.56 55.36 -28.35
CA PHE D 526 -2.67 56.79 -28.63
C PHE D 526 -1.47 57.60 -28.10
N ARG D 527 -0.85 58.43 -28.94
CA ARG D 527 0.25 59.29 -28.47
C ARG D 527 -0.09 60.78 -28.61
N LEU D 528 0.00 61.52 -27.52
CA LEU D 528 -0.22 62.97 -27.56
C LEU D 528 0.75 63.75 -26.68
N LEU D 529 0.92 65.04 -26.92
CA LEU D 529 1.77 65.82 -26.03
C LEU D 529 0.91 66.24 -24.84
N CYS D 530 1.54 66.51 -23.69
CA CYS D 530 0.82 66.88 -22.48
C CYS D 530 -0.08 68.11 -22.68
N ARG D 531 0.50 69.18 -23.22
CA ARG D 531 -0.19 70.44 -23.48
C ARG D 531 -1.39 70.28 -24.42
N ASP D 532 -1.36 69.23 -25.23
CA ASP D 532 -2.39 68.95 -26.20
C ASP D 532 -3.62 68.29 -25.58
N SER D 533 -3.56 68.00 -24.28
CA SER D 533 -4.70 67.35 -23.61
C SER D 533 -5.93 68.25 -23.65
N GLY D 534 -5.68 69.54 -23.89
CA GLY D 534 -6.68 70.58 -24.01
C GLY D 534 -7.63 70.49 -25.20
N GLY D 535 -7.07 70.27 -26.38
CA GLY D 535 -7.84 70.10 -27.61
C GLY D 535 -9.08 69.26 -27.45
N GLU D 536 -10.16 69.69 -28.10
CA GLU D 536 -11.45 69.03 -27.97
C GLU D 536 -11.40 67.59 -28.53
N THR D 537 -10.72 67.41 -29.66
CA THR D 537 -10.65 66.10 -30.29
C THR D 537 -9.63 65.22 -29.54
N GLU D 538 -8.68 65.92 -28.93
CA GLU D 538 -7.67 65.28 -28.11
C GLU D 538 -8.33 64.76 -26.85
N SER D 539 -9.09 65.63 -26.20
CA SER D 539 -9.82 65.24 -25.00
C SER D 539 -10.78 64.11 -25.32
N MET D 540 -11.32 64.10 -26.55
CA MET D 540 -12.21 63.04 -26.99
C MET D 540 -11.47 61.71 -27.11
N LEU D 541 -10.22 61.76 -27.53
CA LEU D 541 -9.42 60.55 -27.66
C LEU D 541 -8.92 60.07 -26.31
N LEU D 542 -8.53 61.00 -25.44
CA LEU D 542 -8.14 60.64 -24.10
C LEU D 542 -9.33 59.93 -23.46
N ASN D 543 -10.52 60.49 -23.68
CA ASN D 543 -11.76 59.87 -23.22
C ASN D 543 -11.95 58.47 -23.72
N GLU D 544 -11.53 58.20 -24.95
CA GLU D 544 -11.69 56.83 -25.47
C GLU D 544 -10.57 55.82 -25.17
N THR D 545 -9.33 56.27 -25.02
CA THR D 545 -8.20 55.36 -24.78
C THR D 545 -7.72 55.19 -23.34
N VAL D 546 -7.65 56.29 -22.58
CA VAL D 546 -7.23 56.27 -21.18
C VAL D 546 -7.99 55.20 -20.42
N PRO D 547 -7.28 54.22 -19.85
CA PRO D 547 -7.97 53.13 -19.16
C PRO D 547 -8.52 53.49 -17.79
N GLN D 548 -9.51 52.71 -17.34
CA GLN D 548 -10.24 52.91 -16.10
C GLN D 548 -9.38 53.05 -14.84
N TRP D 549 -8.34 52.23 -14.74
CA TRP D 549 -7.44 52.23 -13.59
C TRP D 549 -6.76 53.59 -13.35
N VAL D 550 -6.71 54.41 -14.40
CA VAL D 550 -6.14 55.75 -14.31
C VAL D 550 -7.26 56.74 -14.00
N ILE D 551 -8.43 56.49 -14.60
CA ILE D 551 -9.61 57.29 -14.39
C ILE D 551 -10.04 57.36 -12.92
N ASP D 552 -9.98 56.23 -12.23
CA ASP D 552 -10.32 56.20 -10.81
C ASP D 552 -9.58 57.28 -10.00
N ILE D 553 -8.29 57.45 -10.29
CA ILE D 553 -7.44 58.34 -9.51
C ILE D 553 -7.24 59.77 -10.04
N THR D 554 -7.14 59.95 -11.35
CA THR D 554 -6.91 61.29 -11.89
C THR D 554 -8.16 62.17 -11.96
N VAL D 555 -9.23 61.62 -12.52
CA VAL D 555 -10.49 62.36 -12.68
C VAL D 555 -11.32 62.18 -11.40
N ASP D 556 -11.88 60.98 -11.18
CA ASP D 556 -12.73 60.72 -10.01
C ASP D 556 -12.05 60.98 -8.65
N LYS D 557 -10.73 61.16 -8.66
CA LYS D 557 -9.92 61.43 -7.45
C LYS D 557 -10.06 60.43 -6.28
N ASN D 558 -10.56 59.23 -6.54
CA ASN D 558 -10.68 58.22 -5.48
C ASN D 558 -9.33 57.62 -5.06
N MET D 559 -8.45 58.43 -4.49
CA MET D 559 -7.15 57.94 -4.03
C MET D 559 -7.15 56.71 -3.10
N PRO D 560 -6.33 55.72 -3.43
CA PRO D 560 -6.15 54.42 -2.74
C PRO D 560 -5.67 54.49 -1.27
N LYS D 561 -5.98 53.43 -0.52
CA LYS D 561 -5.64 53.24 0.87
C LYS D 561 -4.28 52.54 0.95
N PHE D 562 -3.31 53.06 1.73
CA PHE D 562 -2.01 52.40 1.87
C PHE D 562 -2.15 50.87 1.96
N UNK D 563 -1.31 50.15 1.22
CA UNK D 563 -1.32 48.65 1.14
C UNK D 563 -1.32 47.87 2.49
N UNK D 564 -0.14 47.52 3.00
CA UNK D 564 -0.03 46.79 4.27
C UNK D 564 1.41 46.70 4.84
N UNK D 565 1.55 46.14 6.04
CA UNK D 565 2.88 45.95 6.65
C UNK D 565 2.87 44.96 7.87
N UNK D 566 3.32 43.72 7.64
CA UNK D 566 3.41 42.72 8.73
C UNK D 566 4.51 43.03 9.79
N UNK D 567 4.21 42.88 11.07
CA UNK D 567 5.17 43.19 12.13
C UNK D 567 5.05 42.30 13.39
N UNK D 568 6.14 42.10 14.11
CA UNK D 568 6.12 41.29 15.34
C UNK D 568 7.12 41.77 16.44
N UNK D 569 6.91 41.37 17.69
CA UNK D 569 7.80 41.74 18.79
C UNK D 569 7.77 40.75 20.00
N UNK D 570 8.82 40.75 20.81
CA UNK D 570 8.89 39.86 21.98
C UNK D 570 9.67 40.45 23.18
N UNK D 571 9.20 40.21 24.39
CA UNK D 571 9.88 40.72 25.61
C UNK D 571 11.09 39.84 26.06
N UNK D 572 12.08 39.66 25.18
CA UNK D 572 13.27 38.87 25.50
C UNK D 572 14.51 39.20 24.61
N UNK D 573 15.70 39.25 25.21
CA UNK D 573 16.93 39.49 24.44
C UNK D 573 17.19 38.41 23.35
N UNK D 574 16.73 37.19 23.58
CA UNK D 574 16.84 36.10 22.61
C UNK D 574 15.82 34.94 22.84
N UNK D 575 15.47 34.22 21.79
CA UNK D 575 14.51 33.09 21.90
C UNK D 575 14.66 32.02 20.78
N UNK D 576 14.38 30.76 21.09
CA UNK D 576 14.51 29.67 20.11
C UNK D 576 13.61 28.43 20.40
N UNK D 583 10.73 31.30 19.28
CA UNK D 583 9.47 30.80 18.70
C UNK D 583 8.45 31.92 18.30
N UNK D 584 8.14 32.05 17.02
CA UNK D 584 7.17 33.08 16.55
C UNK D 584 5.72 32.84 17.07
N UNK D 585 5.07 33.90 17.54
CA UNK D 585 3.68 33.80 18.05
C UNK D 585 2.83 35.08 17.80
N UNK D 586 1.51 34.94 17.79
CA UNK D 586 0.59 36.08 17.54
C UNK D 586 0.88 36.86 16.20
N UNK D 587 2.08 37.43 16.08
CA UNK D 587 2.46 38.21 14.87
C UNK D 587 1.46 39.34 14.50
N UNK D 588 0.79 39.90 15.50
CA UNK D 588 -0.19 40.97 15.27
C UNK D 588 0.40 42.29 14.70
N UNK D 589 -0.28 42.87 13.72
CA UNK D 589 0.17 44.15 13.12
C UNK D 589 -0.97 45.15 12.82
N UNK D 590 -0.81 46.40 13.24
CA UNK D 590 -1.81 47.44 12.96
C UNK D 590 -1.18 48.83 12.64
N UNK D 591 -0.38 48.90 11.58
CA UNK D 591 0.29 50.16 11.20
C UNK D 591 0.61 50.27 9.68
N UNK D 592 0.55 51.49 9.13
CA UNK D 592 0.88 51.70 7.72
C UNK D 592 2.37 51.45 7.37
N UNK D 593 2.66 51.04 6.14
CA UNK D 593 4.05 50.89 5.70
C UNK D 593 4.83 52.24 5.67
N UNK D 594 4.10 53.34 5.55
CA UNK D 594 4.69 54.68 5.56
C UNK D 594 4.99 55.22 6.99
N UNK D 595 4.70 54.44 8.01
CA UNK D 595 4.96 54.82 9.39
C UNK D 595 6.45 55.12 9.67
N UNK D 596 6.73 56.09 10.54
CA UNK D 596 8.11 56.38 10.92
C UNK D 596 8.75 55.30 11.83
N UNK D 597 7.99 54.25 12.15
CA UNK D 597 8.46 53.15 13.03
C UNK D 597 8.88 53.60 14.47
N UNK D 598 9.64 54.69 14.58
CA UNK D 598 9.99 55.25 15.89
C UNK D 598 8.75 55.63 16.75
N UNK D 599 7.71 56.14 16.12
CA UNK D 599 6.45 56.43 16.83
C UNK D 599 5.75 55.16 17.39
N UNK D 600 5.92 54.02 16.73
CA UNK D 600 5.41 52.73 17.23
C UNK D 600 6.05 52.29 18.56
N UNK D 601 7.31 52.64 18.76
CA UNK D 601 8.01 52.33 20.00
C UNK D 601 7.34 52.96 21.27
N UNK D 602 6.72 54.13 21.11
CA UNK D 602 5.97 54.76 22.21
C UNK D 602 4.75 53.91 22.68
N UNK D 603 4.11 53.21 21.76
CA UNK D 603 3.01 52.30 22.10
C UNK D 603 3.47 51.09 22.97
N UNK D 604 4.72 50.65 22.80
CA UNK D 604 5.29 49.59 23.63
C UNK D 604 5.39 49.98 25.15
N UNK D 605 5.55 51.28 25.42
CA UNK D 605 5.56 51.78 26.79
C UNK D 605 4.23 51.51 27.56
N UNK D 606 3.11 51.54 26.85
CA UNK D 606 1.81 51.20 27.46
C UNK D 606 1.73 49.71 27.94
N UNK D 607 2.42 48.81 27.26
CA UNK D 607 2.52 47.40 27.69
C UNK D 607 3.65 47.16 28.73
N UNK D 608 4.75 47.89 28.63
CA UNK D 608 5.85 47.80 29.61
C UNK D 608 5.43 48.27 31.04
N UNK D 609 4.47 49.17 31.13
CA UNK D 609 3.95 49.66 32.42
C UNK D 609 2.53 50.29 32.33
N UNK D 610 1.75 50.21 33.40
CA UNK D 610 0.38 50.78 33.42
C UNK D 610 -0.16 51.10 34.84
N UNK D 620 2.12 66.96 28.50
CA UNK D 620 0.97 66.61 29.36
C UNK D 620 0.30 65.25 29.00
N UNK D 621 0.26 64.90 27.72
CA UNK D 621 -0.32 63.63 27.27
C UNK D 621 0.48 62.94 26.13
N UNK D 622 0.17 63.26 24.88
CA UNK D 622 0.94 62.73 23.74
C UNK D 622 2.43 63.17 23.75
N UNK D 623 2.70 64.37 24.25
CA UNK D 623 4.08 64.85 24.39
C UNK D 623 4.93 64.02 25.39
N UNK D 624 4.30 63.49 26.43
CA UNK D 624 4.99 62.64 27.40
C UNK D 624 5.48 61.27 26.80
N UNK D 625 4.78 60.78 25.78
CA UNK D 625 5.18 59.53 25.11
C UNK D 625 6.57 59.62 24.41
N UNK D 626 6.94 60.81 23.96
CA UNK D 626 8.28 61.04 23.40
C UNK D 626 9.42 60.80 24.42
N UNK D 627 9.15 61.13 25.69
CA UNK D 627 10.10 60.83 26.77
C UNK D 627 10.28 59.30 27.02
N UNK D 628 9.23 58.53 26.78
CA UNK D 628 9.31 57.06 26.90
C UNK D 628 10.36 56.43 25.93
N UNK D 629 10.50 57.00 24.74
CA UNK D 629 11.54 56.57 23.80
C UNK D 629 12.97 56.87 24.32
N UNK D 630 13.20 58.06 24.86
CA UNK D 630 14.47 58.40 25.48
C UNK D 630 14.78 57.55 26.76
N UNK D 631 13.72 57.16 27.47
CA UNK D 631 13.87 56.31 28.67
C UNK D 631 14.48 54.92 28.37
N UNK D 632 14.19 54.37 27.20
CA UNK D 632 14.73 53.06 26.80
C UNK D 632 14.64 52.77 25.28
N UNK D 633 13.42 52.55 24.78
CA UNK D 633 13.20 52.17 23.37
C UNK D 633 14.13 51.00 22.90
N UNK D 634 15.26 51.35 22.29
CA UNK D 634 16.25 50.34 21.83
C UNK D 634 15.63 49.18 20.99
N UNK D 635 14.64 49.50 20.14
CA UNK D 635 14.00 48.49 19.31
C UNK D 635 14.95 47.81 18.27
N UNK D 636 16.00 47.17 18.76
CA UNK D 636 16.97 46.52 17.87
C UNK D 636 16.40 45.28 17.12
N UNK D 637 16.79 45.10 15.86
CA UNK D 637 16.36 43.94 15.07
C UNK D 637 17.45 43.43 14.10
N UNK D 638 17.39 42.16 13.72
CA UNK D 638 18.43 41.54 12.86
C UNK D 638 19.89 41.79 13.36
N UNK D 639 20.10 41.69 14.67
CA UNK D 639 21.43 41.93 15.28
C UNK D 639 22.07 43.31 14.92
N UNK D 640 21.28 44.38 14.95
CA UNK D 640 21.79 45.72 14.65
C UNK D 640 21.14 46.86 15.49
N UNK D 641 21.85 47.97 15.67
CA UNK D 641 21.32 49.10 16.44
C UNK D 641 20.04 49.74 15.82
N UNK D 642 19.03 50.02 16.65
CA UNK D 642 17.79 50.63 16.17
C UNK D 642 17.98 52.06 15.54
N UNK D 643 17.29 52.33 14.44
CA UNK D 643 17.36 53.64 13.80
C UNK D 643 15.98 54.37 13.69
N UNK D 644 15.68 55.24 14.65
CA UNK D 644 14.40 55.99 14.64
C UNK D 644 14.17 56.80 13.33
N UNK D 645 15.24 57.33 12.74
CA UNK D 645 15.14 58.07 11.48
C UNK D 645 14.66 57.20 10.27
N UNK D 646 14.99 55.91 10.28
CA UNK D 646 14.58 55.01 9.18
C UNK D 646 13.05 54.73 9.10
N UNK D 647 12.50 54.72 7.90
CA UNK D 647 11.09 54.39 7.72
C UNK D 647 10.77 52.92 8.06
N UNK D 648 9.55 52.65 8.49
CA UNK D 648 9.13 51.26 8.76
C UNK D 648 9.34 50.33 7.54
N UNK D 649 9.10 50.84 6.34
CA UNK D 649 9.35 50.08 5.11
C UNK D 649 10.86 49.73 4.89
N UNK D 650 11.76 50.63 5.27
CA UNK D 650 13.21 50.39 5.15
C UNK D 650 13.71 49.10 5.88
N UNK D 651 13.11 48.79 7.01
CA UNK D 651 13.39 47.54 7.73
C UNK D 651 13.20 46.27 6.85
N UNK D 652 12.23 46.29 5.95
CA UNK D 652 12.07 45.20 4.97
C UNK D 652 13.23 45.16 3.92
N UNK D 653 13.82 46.31 3.61
CA UNK D 653 15.01 46.35 2.72
C UNK D 653 16.36 46.10 3.45
N UNK D 654 16.35 46.09 4.79
CA UNK D 654 17.57 45.76 5.56
C UNK D 654 17.46 44.48 6.48
N UNK D 655 16.60 44.49 7.49
CA UNK D 655 16.47 43.35 8.45
C UNK D 655 16.04 41.99 7.80
N UNK D 656 14.92 41.97 7.08
CA UNK D 656 14.47 40.76 6.39
C UNK D 656 15.44 40.30 5.26
N UNK D 657 16.12 41.24 4.63
CA UNK D 657 17.11 40.92 3.57
C UNK D 657 18.39 40.22 4.10
N UNK D 658 18.72 40.44 5.37
CA UNK D 658 19.91 39.83 5.97
C UNK D 658 19.73 38.33 6.36
N UNK D 659 19.48 37.46 5.39
CA UNK D 659 19.30 36.00 5.61
C UNK D 659 18.30 35.63 6.75
N UNK D 660 17.15 36.31 6.81
CA UNK D 660 16.15 36.05 7.84
C UNK D 660 14.68 36.03 7.32
N UNK D 661 13.78 35.40 8.05
CA UNK D 661 12.37 35.34 7.65
C UNK D 661 11.68 36.73 7.54
N UNK D 662 10.78 36.88 6.58
CA UNK D 662 10.04 38.15 6.42
C UNK D 662 9.21 38.55 7.67
N UNK D 663 9.11 39.85 7.94
CA UNK D 663 8.42 40.36 9.15
C UNK D 663 8.98 39.78 10.49
N UNK D 664 10.30 39.58 10.54
CA UNK D 664 10.95 39.07 11.76
C UNK D 664 10.72 39.94 13.03
N UNK D 665 10.39 39.31 14.16
CA UNK D 665 10.13 40.05 15.40
C UNK D 665 11.33 40.89 15.94
N UNK D 666 11.08 42.15 16.30
CA UNK D 666 12.12 42.99 16.89
C UNK D 666 12.26 42.81 18.43
N UNK D 667 13.35 42.19 18.87
CA UNK D 667 13.56 41.94 20.31
C UNK D 667 13.56 43.22 21.20
N UNK D 668 12.79 43.22 22.27
CA UNK D 668 12.75 44.37 23.19
C UNK D 668 14.04 44.55 24.04
N UNK D 669 14.44 45.79 24.33
CA UNK D 669 15.64 46.06 25.14
C UNK D 669 15.55 47.35 26.00
N UNK D 670 16.17 47.34 27.18
CA UNK D 670 16.17 48.54 28.03
C UNK D 670 17.30 49.54 27.69
N UNK D 671 18.55 49.17 27.97
CA UNK D 671 19.69 50.06 27.66
C UNK D 671 20.14 50.04 26.17
N ASN E 23 29.49 -9.76 0.77
CA ASN E 23 29.10 -9.09 2.01
C ASN E 23 27.93 -8.13 1.81
N GLU E 24 27.11 -8.42 0.80
CA GLU E 24 25.91 -7.64 0.51
C GLU E 24 24.74 -7.95 1.46
N HIS E 25 23.90 -6.95 1.69
CA HIS E 25 22.60 -7.16 2.34
C HIS E 25 21.45 -6.47 1.61
N TYR E 26 20.27 -7.03 1.80
CA TYR E 26 19.01 -6.52 1.25
C TYR E 26 17.88 -6.37 2.25
N PHE E 27 17.81 -5.23 2.93
CA PHE E 27 16.78 -5.04 3.95
C PHE E 27 15.85 -3.89 3.57
N GLY E 28 14.56 -4.15 3.73
CA GLY E 28 13.51 -3.16 3.55
C GLY E 28 13.38 -2.18 4.70
N LEU E 29 12.57 -1.14 4.49
CA LEU E 29 12.35 -0.14 5.51
C LEU E 29 10.88 -0.05 5.91
N VAL E 30 10.62 0.16 7.20
CA VAL E 30 9.25 0.32 7.69
C VAL E 30 8.62 1.63 7.24
N ASN E 31 7.35 1.54 6.85
CA ASN E 31 6.57 2.70 6.45
C ASN E 31 5.89 3.30 7.69
N PHE E 32 6.15 4.57 7.96
CA PHE E 32 5.65 5.25 9.14
C PHE E 32 4.48 6.16 8.73
N GLY E 33 3.64 5.58 7.89
CA GLY E 33 2.43 6.17 7.34
C GLY E 33 2.59 6.64 5.91
N ASN E 34 3.09 7.83 5.69
CA ASN E 34 3.20 8.28 4.31
C ASN E 34 4.64 8.62 4.04
N THR E 35 5.53 7.78 4.57
CA THR E 35 6.96 7.96 4.41
C THR E 35 7.59 7.05 3.37
N CYS E 36 6.78 6.49 2.47
CA CYS E 36 7.35 5.63 1.43
C CYS E 36 8.29 6.39 0.50
N TYR E 37 8.03 7.69 0.35
CA TYR E 37 8.87 8.57 -0.48
C TYR E 37 10.28 8.69 0.10
N CYS E 38 10.31 8.64 1.43
CA CYS E 38 11.55 8.68 2.18
C CYS E 38 12.26 7.36 1.97
N ASN E 39 11.61 6.26 2.34
CA ASN E 39 12.25 4.96 2.27
C ASN E 39 12.80 4.70 0.86
N SER E 40 11.99 5.02 -0.16
CA SER E 40 12.35 4.79 -1.56
C SER E 40 13.57 5.61 -1.98
N VAL E 41 13.66 6.85 -1.49
CA VAL E 41 14.82 7.67 -1.88
C VAL E 41 16.05 7.14 -1.15
N LEU E 42 15.91 6.79 0.13
CA LEU E 42 17.01 6.22 0.88
C LEU E 42 17.54 4.95 0.21
N GLN E 43 16.63 4.12 -0.31
CA GLN E 43 17.03 2.90 -1.00
C GLN E 43 17.77 3.20 -2.29
N ALA E 44 17.27 4.16 -3.07
CA ALA E 44 17.94 4.53 -4.32
C ALA E 44 19.37 5.02 -4.04
N LEU E 45 19.51 5.85 -3.02
CA LEU E 45 20.81 6.38 -2.61
C LEU E 45 21.75 5.32 -2.04
N TYR E 46 21.20 4.36 -1.32
CA TYR E 46 21.98 3.26 -0.77
C TYR E 46 22.68 2.45 -1.83
N PHE E 47 22.07 2.28 -2.99
CA PHE E 47 22.72 1.50 -4.04
C PHE E 47 23.54 2.35 -5.00
N CYS E 48 23.81 3.58 -4.56
CA CYS E 48 24.77 4.43 -5.24
C CYS E 48 26.03 4.27 -4.43
N ARG E 49 26.85 3.29 -4.79
CA ARG E 49 28.01 2.90 -3.99
C ARG E 49 28.88 4.04 -3.47
N PRO E 50 29.31 4.99 -4.34
CA PRO E 50 30.15 6.05 -3.76
C PRO E 50 29.43 6.88 -2.69
N PHE E 51 28.12 7.03 -2.82
CA PHE E 51 27.39 7.77 -1.81
C PHE E 51 27.36 6.95 -0.52
N ARG E 52 27.03 5.67 -0.65
CA ARG E 52 26.98 4.76 0.50
C ARG E 52 28.33 4.73 1.23
N GLU E 53 29.41 4.60 0.46
CA GLU E 53 30.77 4.54 0.99
C GLU E 53 31.11 5.83 1.75
N ASN E 54 30.78 6.97 1.16
CA ASN E 54 31.06 8.25 1.81
C ASN E 54 30.25 8.41 3.09
N VAL E 55 29.03 7.89 3.08
CA VAL E 55 28.18 7.92 4.26
C VAL E 55 28.76 7.05 5.37
N LEU E 56 29.21 5.86 5.01
CA LEU E 56 29.83 4.96 5.98
C LEU E 56 31.13 5.55 6.56
N ALA E 57 31.91 6.21 5.70
CA ALA E 57 33.13 6.86 6.16
C ALA E 57 32.80 8.01 7.11
N TYR E 58 31.68 8.68 6.86
CA TYR E 58 31.21 9.73 7.77
C TYR E 58 30.78 9.15 9.10
N LYS E 59 30.09 8.02 9.06
CA LYS E 59 29.68 7.34 10.29
C LYS E 59 30.90 7.02 11.13
N ALA E 60 31.96 6.56 10.49
CA ALA E 60 33.14 6.21 11.28
C ALA E 60 33.79 7.33 12.12
N GLN E 61 33.70 8.60 11.73
CA GLN E 61 34.32 9.63 12.58
C GLN E 61 33.62 9.92 13.91
N GLN E 62 32.36 9.53 14.06
CA GLN E 62 31.63 9.66 15.33
C GLN E 62 31.69 11.05 15.99
N LYS E 63 31.16 12.10 15.37
CA LYS E 63 31.19 13.42 16.01
C LYS E 63 30.28 13.46 17.24
N LYS E 64 29.33 12.53 17.27
CA LYS E 64 28.36 12.39 18.35
C LYS E 64 27.53 13.63 18.71
N LYS E 65 26.93 14.22 17.68
CA LYS E 65 26.05 15.37 17.81
C LYS E 65 24.96 14.88 16.88
N GLU E 66 23.70 15.16 17.15
CA GLU E 66 22.73 14.62 16.21
C GLU E 66 22.25 15.59 15.15
N ASN E 67 22.18 15.06 13.92
CA ASN E 67 21.68 15.78 12.78
C ASN E 67 21.26 14.76 11.73
N LEU E 68 20.70 15.24 10.62
CA LEU E 68 20.24 14.34 9.57
C LEU E 68 21.30 13.44 8.97
N LEU E 69 22.51 13.95 8.86
CA LEU E 69 23.61 13.18 8.30
C LEU E 69 24.08 12.06 9.23
N THR E 70 24.25 12.37 10.52
CA THR E 70 24.64 11.33 11.48
C THR E 70 23.60 10.22 11.57
N CYS E 71 22.33 10.59 11.47
CA CYS E 71 21.23 9.64 11.47
C CYS E 71 21.27 8.76 10.22
N LEU E 72 21.54 9.40 9.08
CA LEU E 72 21.63 8.68 7.81
C LEU E 72 22.77 7.69 7.85
N ALA E 73 23.89 8.15 8.40
CA ALA E 73 25.08 7.32 8.54
C ALA E 73 24.81 6.15 9.46
N ASP E 74 24.10 6.40 10.56
CA ASP E 74 23.69 5.33 11.45
C ASP E 74 22.83 4.29 10.74
N LEU E 75 21.89 4.77 9.92
CA LEU E 75 21.00 3.86 9.21
C LEU E 75 21.73 3.01 8.18
N PHE E 76 22.56 3.66 7.37
CA PHE E 76 23.34 2.97 6.35
C PHE E 76 24.32 1.97 6.95
N HIS E 77 24.97 2.36 8.05
CA HIS E 77 25.86 1.46 8.75
C HIS E 77 25.11 0.26 9.29
N SER E 78 23.92 0.49 9.84
CA SER E 78 23.10 -0.62 10.32
C SER E 78 22.71 -1.57 9.21
N ILE E 79 22.34 -1.04 8.04
CA ILE E 79 22.00 -1.92 6.94
C ILE E 79 23.21 -2.75 6.48
N ALA E 80 24.34 -2.07 6.30
CA ALA E 80 25.54 -2.72 5.79
C ALA E 80 26.11 -3.75 6.76
N THR E 81 25.95 -3.49 8.05
CA THR E 81 26.54 -4.32 9.09
C THR E 81 25.49 -5.17 9.81
N GLN E 82 24.80 -6.04 9.08
CA GLN E 82 23.80 -6.90 9.69
C GLN E 82 24.13 -8.37 9.54
N LYS E 83 24.05 -9.12 10.64
CA LYS E 83 24.39 -10.54 10.64
C LYS E 83 23.66 -11.37 9.57
N LYS E 84 22.42 -11.03 9.25
CA LYS E 84 21.71 -11.80 8.24
C LYS E 84 21.90 -11.05 6.92
N LYS E 85 21.44 -11.60 5.80
CA LYS E 85 21.57 -10.89 4.52
C LYS E 85 20.26 -10.25 4.03
N VAL E 86 19.15 -10.75 4.56
CA VAL E 86 17.83 -10.27 4.15
C VAL E 86 16.90 -10.00 5.34
N GLY E 87 16.08 -8.95 5.24
CA GLY E 87 15.14 -8.63 6.30
C GLY E 87 14.50 -7.26 6.21
N VAL E 88 14.10 -6.73 7.36
CA VAL E 88 13.45 -5.42 7.43
C VAL E 88 13.97 -4.57 8.58
N ILE E 89 14.29 -3.31 8.26
CA ILE E 89 14.80 -2.38 9.25
C ILE E 89 13.91 -1.14 9.39
N PRO E 90 13.60 -0.75 10.64
CA PRO E 90 12.79 0.45 10.90
C PRO E 90 13.67 1.68 11.06
N PRO E 91 13.53 2.66 10.15
CA PRO E 91 14.25 3.93 10.19
C PRO E 91 13.65 4.96 11.14
N LYS E 92 13.37 4.53 12.36
CA LYS E 92 12.69 5.36 13.35
C LYS E 92 13.48 6.63 13.67
N LYS E 93 14.74 6.47 14.06
CA LYS E 93 15.60 7.62 14.39
C LYS E 93 15.86 8.59 13.23
N PHE E 94 15.97 8.06 12.01
CA PHE E 94 16.23 8.94 10.86
C PHE E 94 15.00 9.82 10.62
N ILE E 95 13.84 9.18 10.62
CA ILE E 95 12.55 9.85 10.40
C ILE E 95 12.30 10.86 11.53
N SER E 96 12.61 10.48 12.76
CA SER E 96 12.46 11.37 13.90
C SER E 96 13.29 12.62 13.68
N ARG E 97 14.53 12.47 13.22
CA ARG E 97 15.36 13.64 12.91
C ARG E 97 14.82 14.46 11.75
N LEU E 98 14.35 13.79 10.71
CA LEU E 98 13.80 14.49 9.55
C LEU E 98 12.61 15.35 9.96
N ARG E 99 11.73 14.80 10.79
CA ARG E 99 10.55 15.50 11.25
C ARG E 99 10.92 16.63 12.19
N LYS E 100 11.95 16.40 12.99
CA LYS E 100 12.43 17.39 13.95
C LYS E 100 13.06 18.60 13.27
N GLU E 101 13.87 18.37 12.22
CA GLU E 101 14.58 19.50 11.65
C GLU E 101 13.85 20.15 10.49
N ASN E 102 12.74 19.55 10.04
CA ASN E 102 11.99 20.14 8.95
C ASN E 102 10.48 20.08 9.19
N ASP E 103 9.84 21.22 9.41
CA ASP E 103 8.39 21.28 9.66
C ASP E 103 7.53 20.70 8.52
N LEU E 104 7.98 20.93 7.31
CA LEU E 104 7.38 20.43 6.06
C LEU E 104 7.13 18.92 6.01
N PHE E 105 8.03 18.11 6.55
CA PHE E 105 7.81 16.67 6.51
C PHE E 105 7.34 16.18 7.88
N ASP E 106 7.12 17.12 8.79
CA ASP E 106 6.64 16.80 10.14
C ASP E 106 5.14 16.59 10.13
N ASN E 107 4.70 15.56 9.42
CA ASN E 107 3.28 15.24 9.28
C ASN E 107 3.15 13.83 8.73
N TYR E 108 1.91 13.40 8.50
CA TYR E 108 1.65 12.07 7.97
C TYR E 108 1.03 12.19 6.59
N MET E 109 1.30 13.29 5.90
CA MET E 109 0.74 13.49 4.58
C MET E 109 1.71 12.95 3.51
N GLN E 110 1.17 12.67 2.33
CA GLN E 110 1.95 12.16 1.21
C GLN E 110 2.87 13.24 0.61
N GLN E 111 4.09 12.87 0.24
CA GLN E 111 5.06 13.87 -0.24
C GLN E 111 5.80 13.47 -1.51
N ASP E 112 6.54 14.42 -2.08
CA ASP E 112 7.29 14.19 -3.32
C ASP E 112 8.67 13.64 -3.04
N ALA E 113 9.06 12.59 -3.77
CA ALA E 113 10.37 11.96 -3.56
C ALA E 113 11.53 12.86 -3.97
N HIS E 114 11.35 13.65 -5.02
CA HIS E 114 12.41 14.54 -5.50
C HIS E 114 12.64 15.69 -4.52
N GLU E 115 11.56 16.21 -3.92
CA GLU E 115 11.66 17.28 -2.94
C GLU E 115 12.48 16.79 -1.75
N PHE E 116 12.23 15.54 -1.37
CA PHE E 116 12.95 14.95 -0.28
C PHE E 116 14.41 14.75 -0.65
N LEU E 117 14.66 14.18 -1.84
CA LEU E 117 16.02 13.96 -2.32
C LEU E 117 16.84 15.23 -2.26
N ASN E 118 16.30 16.28 -2.86
CA ASN E 118 17.01 17.55 -2.96
C ASN E 118 17.24 18.16 -1.58
N TYR E 119 16.23 18.05 -0.71
CA TYR E 119 16.39 18.57 0.65
C TYR E 119 17.49 17.83 1.39
N LEU E 120 17.47 16.51 1.30
CA LEU E 120 18.43 15.68 2.00
C LEU E 120 19.85 15.94 1.54
N LEU E 121 20.06 15.95 0.23
CA LEU E 121 21.38 16.16 -0.32
C LEU E 121 21.89 17.54 0.06
N ASN E 122 21.04 18.55 -0.05
CA ASN E 122 21.50 19.87 0.31
C ASN E 122 21.76 20.04 1.80
N THR E 123 20.93 19.42 2.63
CA THR E 123 21.13 19.48 4.08
C THR E 123 22.44 18.82 4.54
N ILE E 124 22.69 17.61 4.06
CA ILE E 124 23.94 16.91 4.36
C ILE E 124 25.12 17.76 3.85
N ALA E 125 25.04 18.20 2.60
CA ALA E 125 26.10 19.02 2.00
C ALA E 125 26.36 20.27 2.84
N ASP E 126 25.30 20.86 3.38
CA ASP E 126 25.42 22.06 4.22
C ASP E 126 26.13 21.73 5.52
N ILE E 127 25.80 20.57 6.10
CA ILE E 127 26.44 20.09 7.32
C ILE E 127 27.95 19.94 7.08
N LEU E 128 28.28 19.31 5.96
CA LEU E 128 29.67 19.07 5.57
C LEU E 128 30.42 20.39 5.35
N GLN E 129 29.74 21.34 4.72
CA GLN E 129 30.33 22.66 4.46
C GLN E 129 30.65 23.33 5.79
N GLU E 130 29.69 23.26 6.72
CA GLU E 130 29.89 23.84 8.05
C GLU E 130 31.05 23.15 8.78
N GLU E 131 31.30 21.89 8.47
CA GLU E 131 32.42 21.18 9.12
C GLU E 131 33.75 21.53 8.49
N LYS E 132 33.75 21.81 7.19
CA LYS E 132 35.00 22.26 6.54
C LYS E 132 35.31 23.66 7.04
N LYS E 133 34.25 24.46 7.14
CA LYS E 133 34.38 25.82 7.66
C LYS E 133 34.87 25.84 9.09
N GLN E 134 34.54 24.79 9.85
CA GLN E 134 34.99 24.73 11.24
C GLN E 134 36.26 23.89 11.49
N GLU E 135 36.83 23.27 10.45
CA GLU E 135 38.15 22.67 10.63
C GLU E 135 39.25 23.70 10.34
N LYS E 136 38.98 24.63 9.43
CA LYS E 136 39.91 25.71 9.11
C LYS E 136 40.02 26.72 10.26
N GLN E 137 38.98 26.77 11.09
CA GLN E 137 38.85 27.79 12.12
C GLN E 137 39.97 27.72 13.16
N ASN E 138 40.53 26.54 13.35
CA ASN E 138 41.60 26.34 14.31
C ASN E 138 42.97 26.27 13.64
N LYS E 154 38.09 29.74 -4.20
CA LYS E 154 37.90 30.06 -2.78
C LYS E 154 36.95 29.07 -2.09
N PRO E 155 35.64 29.05 -2.47
CA PRO E 155 34.78 28.10 -1.76
C PRO E 155 35.15 26.64 -2.01
N GLU E 156 34.95 25.78 -1.01
CA GLU E 156 35.23 24.36 -1.19
C GLU E 156 34.00 23.59 -1.66
N LEU E 157 34.19 22.31 -1.91
CA LEU E 157 33.14 21.41 -2.38
C LEU E 157 33.15 20.14 -1.55
N THR E 158 31.98 19.74 -1.07
CA THR E 158 31.84 18.50 -0.33
C THR E 158 31.71 17.31 -1.28
N TRP E 159 31.79 16.11 -0.72
CA TRP E 159 31.65 14.88 -1.51
C TRP E 159 30.25 14.68 -2.09
N VAL E 160 29.26 15.37 -1.54
CA VAL E 160 27.92 15.29 -2.09
C VAL E 160 27.94 15.90 -3.49
N HIS E 161 28.58 17.06 -3.61
CA HIS E 161 28.76 17.73 -4.89
C HIS E 161 29.66 16.90 -5.80
N GLU E 162 30.72 16.32 -5.23
CA GLU E 162 31.62 15.48 -6.00
C GLU E 162 30.90 14.30 -6.63
N ILE E 163 29.87 13.80 -5.95
CA ILE E 163 29.12 12.68 -6.48
C ILE E 163 28.04 13.12 -7.47
N PHE E 164 27.18 14.05 -7.04
CA PHE E 164 25.99 14.39 -7.84
C PHE E 164 26.04 15.68 -8.66
N GLN E 165 26.99 16.58 -8.39
CA GLN E 165 27.02 17.88 -9.06
C GLN E 165 27.57 17.87 -10.48
N GLY E 166 26.84 18.51 -11.39
CA GLY E 166 27.29 18.74 -12.74
C GLY E 166 27.26 20.23 -13.01
N THR E 167 27.70 20.67 -14.19
CA THR E 167 27.62 22.09 -14.54
C THR E 167 27.13 22.26 -15.97
N LEU E 168 26.19 23.18 -16.16
CA LEU E 168 25.70 23.56 -17.48
C LEU E 168 26.23 24.92 -17.90
N THR E 169 26.32 25.12 -19.22
CA THR E 169 26.58 26.45 -19.74
C THR E 169 25.38 26.86 -20.56
N ASN E 170 24.73 27.93 -20.13
CA ASN E 170 23.63 28.48 -20.90
C ASN E 170 24.21 29.55 -21.83
N GLU E 171 23.89 29.45 -23.12
CA GLU E 171 24.31 30.47 -24.07
C GLU E 171 23.09 31.13 -24.70
N THR E 172 23.03 32.46 -24.60
CA THR E 172 21.96 33.22 -25.23
C THR E 172 22.50 34.12 -26.33
N ARG E 173 22.02 33.91 -27.55
CA ARG E 173 22.46 34.72 -28.67
C ARG E 173 21.34 35.61 -29.19
N CYS E 174 21.55 36.91 -29.11
CA CYS E 174 20.61 37.90 -29.62
C CYS E 174 20.56 37.89 -31.15
N LEU E 175 19.38 37.74 -31.73
CA LEU E 175 19.30 37.70 -33.20
C LEU E 175 19.42 39.08 -33.85
N ASN E 176 19.39 40.13 -33.05
CA ASN E 176 19.51 41.46 -33.64
C ASN E 176 20.96 41.90 -33.81
N CYS E 177 21.77 41.75 -32.77
CA CYS E 177 23.16 42.19 -32.83
C CYS E 177 24.13 41.01 -32.91
N GLU E 178 23.59 39.81 -32.74
CA GLU E 178 24.34 38.54 -32.79
C GLU E 178 25.32 38.33 -31.64
N THR E 179 25.23 39.14 -30.60
CA THR E 179 26.10 38.95 -29.44
C THR E 179 25.68 37.73 -28.65
N VAL E 180 26.66 36.92 -28.28
CA VAL E 180 26.38 35.72 -27.50
C VAL E 180 26.84 35.95 -26.05
N SER E 181 25.94 35.64 -25.12
CA SER E 181 26.24 35.74 -23.70
C SER E 181 26.20 34.38 -23.05
N SER E 182 27.30 34.01 -22.42
CA SER E 182 27.45 32.72 -21.78
C SER E 182 27.44 32.81 -20.26
N LYS E 183 26.74 31.87 -19.62
CA LYS E 183 26.62 31.82 -18.17
C LYS E 183 26.70 30.38 -17.65
N ASP E 184 27.61 30.12 -16.71
CA ASP E 184 27.74 28.78 -16.14
C ASP E 184 26.87 28.63 -14.89
N GLU E 185 26.15 27.52 -14.82
CA GLU E 185 25.25 27.24 -13.70
C GLU E 185 25.36 25.79 -13.27
N ASP E 186 25.52 25.56 -11.97
CA ASP E 186 25.65 24.21 -11.42
C ASP E 186 24.30 23.53 -11.28
N PHE E 187 24.29 22.22 -11.10
CA PHE E 187 23.04 21.51 -10.87
C PHE E 187 23.35 20.26 -10.03
N LEU E 188 22.35 19.76 -9.31
CA LEU E 188 22.50 18.50 -8.59
C LEU E 188 21.72 17.39 -9.24
N ASP E 189 20.85 17.79 -10.15
CA ASP E 189 20.02 16.86 -10.89
C ASP E 189 19.47 17.61 -12.07
N LEU E 190 19.01 16.88 -13.08
CA LEU E 190 18.40 17.54 -14.22
C LEU E 190 16.93 17.18 -14.33
N SER E 191 16.10 18.23 -14.38
CA SER E 191 14.67 18.06 -14.55
C SER E 191 14.28 18.22 -16.01
N VAL E 192 13.91 17.11 -16.64
CA VAL E 192 13.64 17.09 -18.07
C VAL E 192 12.15 17.02 -18.42
N ASP E 193 11.75 17.77 -19.44
CA ASP E 193 10.36 17.75 -19.87
C ASP E 193 10.13 16.51 -20.72
N VAL E 194 8.90 16.04 -20.72
CA VAL E 194 8.59 14.79 -21.39
C VAL E 194 7.57 14.95 -22.53
N GLU E 195 7.45 13.90 -23.34
CA GLU E 195 6.49 13.82 -24.43
C GLU E 195 6.06 12.36 -24.53
N GLN E 196 4.93 12.12 -25.17
CA GLN E 196 4.42 10.76 -25.31
C GLN E 196 5.25 9.87 -26.23
N ASN E 197 5.49 8.65 -25.78
CA ASN E 197 6.20 7.61 -26.54
C ASN E 197 7.59 8.04 -26.99
N THR E 198 8.47 8.22 -26.03
CA THR E 198 9.85 8.64 -26.28
C THR E 198 10.86 7.96 -25.37
N SER E 199 12.13 8.34 -25.48
CA SER E 199 13.16 7.81 -24.60
C SER E 199 13.74 8.96 -23.81
N ILE E 200 14.31 8.66 -22.64
CA ILE E 200 15.04 9.66 -21.89
C ILE E 200 16.23 10.25 -22.66
N THR E 201 16.82 9.48 -23.55
CA THR E 201 17.87 10.00 -24.41
C THR E 201 17.31 11.11 -25.32
N HIS E 202 16.12 10.90 -25.85
CA HIS E 202 15.47 11.91 -26.66
C HIS E 202 15.15 13.16 -25.85
N CYS E 203 14.58 13.00 -24.66
CA CYS E 203 14.20 14.12 -23.79
C CYS E 203 15.45 14.94 -23.49
N LEU E 204 16.53 14.22 -23.23
CA LEU E 204 17.81 14.83 -22.91
C LEU E 204 18.32 15.61 -24.12
N ARG E 205 18.17 15.06 -25.32
CA ARG E 205 18.61 15.77 -26.51
C ARG E 205 17.75 17.02 -26.82
N ASP E 206 16.43 16.96 -26.60
CA ASP E 206 15.56 18.12 -26.82
C ASP E 206 15.94 19.22 -25.82
N PHE E 207 16.29 18.77 -24.62
CA PHE E 207 16.72 19.63 -23.52
C PHE E 207 17.94 20.45 -23.93
N SER E 208 18.81 19.83 -24.71
CA SER E 208 20.03 20.49 -25.12
C SER E 208 19.88 21.10 -26.50
N ASN E 209 18.66 21.07 -27.03
CA ASN E 209 18.39 21.69 -28.32
C ASN E 209 18.24 23.18 -28.15
N THR E 210 18.48 23.89 -29.23
CA THR E 210 18.37 25.32 -29.24
C THR E 210 16.90 25.71 -29.24
N GLU E 211 16.54 26.65 -28.39
CA GLU E 211 15.17 27.15 -28.36
C GLU E 211 15.19 28.61 -28.74
N THR E 212 14.19 29.03 -29.52
CA THR E 212 14.05 30.43 -29.86
C THR E 212 13.11 31.16 -28.89
N LEU E 213 13.60 32.25 -28.32
CA LEU E 213 12.83 33.10 -27.45
C LEU E 213 12.22 34.17 -28.35
N CYS E 214 10.89 34.17 -28.45
CA CYS E 214 10.15 35.11 -29.29
C CYS E 214 8.80 35.56 -28.74
N SER E 215 8.22 36.56 -29.39
CA SER E 215 6.93 37.16 -29.02
C SER E 215 6.84 37.57 -27.57
N GLU E 216 5.94 36.98 -26.80
CA GLU E 216 5.82 37.39 -25.39
C GLU E 216 7.08 37.05 -24.59
N GLN E 217 7.85 36.09 -25.08
CA GLN E 217 9.08 35.61 -24.45
C GLN E 217 10.32 36.15 -25.14
N LYS E 218 10.59 37.45 -25.02
CA LYS E 218 11.77 38.05 -25.67
C LYS E 218 12.93 38.33 -24.70
N TYR E 219 14.16 38.21 -25.19
CA TYR E 219 15.33 38.40 -24.33
C TYR E 219 15.72 39.88 -24.30
N TYR E 220 16.01 40.41 -23.11
CA TYR E 220 16.49 41.78 -23.02
C TYR E 220 17.99 41.82 -23.28
N CYS E 221 18.39 42.35 -24.44
CA CYS E 221 19.80 42.42 -24.82
C CYS E 221 20.43 43.71 -24.30
N GLU E 222 21.54 43.60 -23.58
CA GLU E 222 22.18 44.78 -23.03
C GLU E 222 22.89 45.64 -24.08
N THR E 223 23.15 45.07 -25.24
CA THR E 223 23.75 45.82 -26.36
C THR E 223 22.66 46.58 -27.11
N CYS E 224 21.58 45.87 -27.40
CA CYS E 224 20.42 46.41 -28.10
C CYS E 224 19.53 47.30 -27.21
N CYS E 225 19.74 47.20 -25.90
CA CYS E 225 18.91 47.88 -24.90
C CYS E 225 17.39 47.75 -25.14
N SER E 226 16.95 46.56 -25.56
CA SER E 226 15.54 46.30 -25.85
C SER E 226 15.24 44.80 -25.96
N LYS E 227 13.96 44.44 -25.86
CA LYS E 227 13.57 43.04 -25.95
C LYS E 227 13.64 42.56 -27.40
N GLN E 228 14.32 41.43 -27.62
CA GLN E 228 14.55 40.89 -28.95
C GLN E 228 14.41 39.37 -29.03
N GLU E 229 14.18 38.84 -30.22
CA GLU E 229 14.22 37.39 -30.39
C GLU E 229 15.64 36.92 -30.15
N ALA E 230 15.77 35.74 -29.55
CA ALA E 230 17.09 35.23 -29.23
C ALA E 230 17.13 33.72 -29.32
N GLN E 231 18.32 33.15 -29.40
CA GLN E 231 18.48 31.71 -29.41
C GLN E 231 19.15 31.25 -28.12
N LYS E 232 18.46 30.33 -27.45
CA LYS E 232 18.91 29.77 -26.19
C LYS E 232 19.23 28.28 -26.28
N ARG E 233 20.39 27.90 -25.74
CA ARG E 233 20.81 26.50 -25.75
C ARG E 233 21.55 26.16 -24.46
N MET E 234 21.18 25.05 -23.82
CA MET E 234 21.89 24.62 -22.62
C MET E 234 22.73 23.37 -22.88
N ARG E 235 24.05 23.54 -22.83
CA ARG E 235 24.97 22.42 -23.03
C ARG E 235 25.63 22.02 -21.72
N VAL E 236 25.99 20.75 -21.59
CA VAL E 236 26.68 20.27 -20.39
C VAL E 236 28.15 20.70 -20.44
N LYS E 237 28.58 21.44 -19.43
CA LYS E 237 29.97 21.88 -19.34
C LYS E 237 30.83 20.92 -18.52
N LYS E 238 30.34 20.50 -17.37
CA LYS E 238 31.06 19.58 -16.49
C LYS E 238 30.16 18.38 -16.13
N LEU E 239 30.57 17.17 -16.51
CA LEU E 239 29.76 16.00 -16.20
C LEU E 239 29.93 15.47 -14.76
N PRO E 240 28.79 15.12 -14.10
CA PRO E 240 28.82 14.61 -12.72
C PRO E 240 29.18 13.13 -12.62
N MET E 241 29.59 12.66 -11.44
CA MET E 241 29.85 11.24 -11.28
C MET E 241 28.57 10.41 -11.42
N ILE E 242 27.50 10.91 -10.81
CA ILE E 242 26.17 10.34 -10.93
C ILE E 242 25.16 11.32 -11.49
N LEU E 243 24.49 10.94 -12.57
CA LEU E 243 23.49 11.78 -13.18
C LEU E 243 22.10 11.37 -12.72
N ALA E 244 21.46 12.24 -11.95
CA ALA E 244 20.09 12.00 -11.49
C ALA E 244 19.11 12.71 -12.39
N LEU E 245 18.19 11.96 -12.97
CA LEU E 245 17.21 12.55 -13.86
C LEU E 245 15.81 12.53 -13.27
N HIS E 246 15.22 13.71 -13.21
CA HIS E 246 13.91 13.90 -12.65
C HIS E 246 12.95 14.22 -13.79
N LEU E 247 11.96 13.36 -14.00
CA LEU E 247 10.97 13.51 -15.07
C LEU E 247 9.81 14.42 -14.68
N LYS E 248 9.57 15.44 -15.50
CA LYS E 248 8.49 16.37 -15.20
C LYS E 248 7.16 15.73 -15.60
N ARG E 249 6.73 14.74 -14.82
CA ARG E 249 5.49 13.97 -15.09
C ARG E 249 4.22 14.64 -14.58
N PHE E 250 4.00 15.88 -15.00
CA PHE E 250 2.83 16.65 -14.59
C PHE E 250 2.46 17.68 -15.65
N LYS E 251 1.17 17.97 -15.73
CA LYS E 251 0.66 18.89 -16.73
C LYS E 251 -0.41 19.78 -16.13
N TYR E 252 -0.23 21.08 -16.29
CA TYR E 252 -1.20 22.06 -15.79
C TYR E 252 -2.25 22.43 -16.82
N MET E 253 -3.51 22.35 -16.41
CA MET E 253 -4.66 22.65 -17.26
C MET E 253 -5.15 24.04 -16.87
N GLU E 254 -4.62 25.07 -17.52
CA GLU E 254 -4.99 26.45 -17.23
C GLU E 254 -6.49 26.71 -17.13
N GLN E 255 -7.25 26.17 -18.08
CA GLN E 255 -8.71 26.31 -18.12
C GLN E 255 -9.45 25.60 -16.99
N LEU E 256 -8.87 24.49 -16.54
CA LEU E 256 -9.47 23.66 -15.49
C LEU E 256 -8.97 23.96 -14.08
N HIS E 257 -7.98 24.84 -13.96
CA HIS E 257 -7.39 25.18 -12.67
C HIS E 257 -6.92 24.00 -11.81
N ARG E 258 -6.32 23.00 -12.45
CA ARG E 258 -5.76 21.87 -11.73
C ARG E 258 -4.69 21.22 -12.59
N TYR E 259 -3.83 20.41 -12.00
CA TYR E 259 -2.87 19.65 -12.81
C TYR E 259 -3.04 18.14 -12.68
N THR E 260 -2.53 17.43 -13.68
CA THR E 260 -2.64 15.97 -13.78
C THR E 260 -1.27 15.32 -13.81
N LYS E 261 -1.26 14.01 -13.60
CA LYS E 261 -0.03 13.25 -13.70
C LYS E 261 0.11 12.79 -15.15
N LEU E 262 1.35 12.82 -15.64
CA LEU E 262 1.65 12.34 -16.97
C LEU E 262 2.14 10.91 -16.90
N SER E 263 1.32 10.00 -17.41
CA SER E 263 1.66 8.58 -17.36
C SER E 263 2.24 8.04 -18.66
N TYR E 264 2.83 8.93 -19.46
CA TYR E 264 3.43 8.53 -20.74
C TYR E 264 4.40 7.37 -20.69
N ARG E 265 4.50 6.67 -21.82
CA ARG E 265 5.51 5.66 -21.99
C ARG E 265 6.83 6.36 -22.27
N VAL E 266 7.77 6.23 -21.35
CA VAL E 266 9.06 6.85 -21.59
C VAL E 266 10.14 5.81 -21.33
N VAL E 267 10.62 5.18 -22.39
CA VAL E 267 11.63 4.16 -22.20
C VAL E 267 12.95 4.74 -21.68
N PHE E 268 13.52 4.08 -20.68
CA PHE E 268 14.83 4.44 -20.19
C PHE E 268 15.81 3.31 -20.50
N PRO E 269 16.90 3.62 -21.21
CA PRO E 269 17.88 2.59 -21.52
C PRO E 269 18.74 2.28 -20.30
N LEU E 270 19.36 1.11 -20.34
CA LEU E 270 20.24 0.61 -19.29
C LEU E 270 21.59 1.33 -19.22
N GLU E 271 22.02 1.86 -20.35
CA GLU E 271 23.26 2.62 -20.42
C GLU E 271 23.10 3.93 -21.19
N LEU E 272 23.92 4.92 -20.86
CA LEU E 272 23.81 6.24 -21.46
C LEU E 272 25.19 6.78 -21.72
N ARG E 273 25.35 7.35 -22.91
CA ARG E 273 26.59 8.01 -23.27
C ARG E 273 26.47 9.52 -23.43
N LEU E 274 27.28 10.25 -22.66
CA LEU E 274 27.27 11.70 -22.74
C LEU E 274 28.65 12.24 -23.13
N PHE E 275 28.66 13.37 -23.83
CA PHE E 275 29.92 13.93 -24.31
C PHE E 275 30.14 15.27 -23.60
N ASN E 276 31.38 15.64 -23.34
CA ASN E 276 31.59 16.93 -22.70
C ASN E 276 32.08 18.01 -23.65
N THR E 277 31.68 19.25 -23.38
CA THR E 277 32.15 20.41 -24.11
C THR E 277 33.46 20.96 -23.56
N SER E 278 33.35 21.56 -22.37
CA SER E 278 34.47 22.16 -21.64
C SER E 278 35.24 23.20 -22.45
N SER E 279 36.51 23.35 -22.11
CA SER E 279 37.40 24.31 -22.75
C SER E 279 37.95 23.74 -24.05
N ASP E 280 37.53 22.51 -24.36
CA ASP E 280 37.93 21.79 -25.57
C ASP E 280 39.43 21.52 -25.61
N ALA E 281 40.07 21.59 -24.46
CA ALA E 281 41.46 21.12 -24.32
C ALA E 281 41.43 19.64 -23.97
N VAL E 282 40.47 19.28 -23.12
CA VAL E 282 40.19 17.89 -22.79
C VAL E 282 38.72 17.61 -23.10
N ASN E 283 38.43 16.51 -23.79
CA ASN E 283 37.04 16.28 -24.14
C ASN E 283 36.53 14.87 -23.80
N LEU E 284 35.60 14.81 -22.85
CA LEU E 284 35.01 13.57 -22.33
C LEU E 284 33.93 12.91 -23.20
N ASP E 285 33.80 11.60 -23.02
CA ASP E 285 32.84 10.79 -23.75
C ASP E 285 32.52 9.61 -22.84
N ARG E 286 32.41 9.91 -21.55
CA ARG E 286 32.12 8.96 -20.47
C ARG E 286 30.77 8.24 -20.56
N MET E 287 30.85 6.93 -20.30
CA MET E 287 29.72 6.02 -20.22
C MET E 287 29.12 5.86 -18.82
N TYR E 288 27.79 5.84 -18.74
CA TYR E 288 27.08 5.68 -17.49
C TYR E 288 26.18 4.46 -17.56
N ASP E 289 25.96 3.85 -16.41
CA ASP E 289 24.99 2.76 -16.30
C ASP E 289 23.88 3.10 -15.31
N LEU E 290 22.66 2.74 -15.67
CA LEU E 290 21.52 2.94 -14.77
C LEU E 290 21.68 2.00 -13.56
N VAL E 291 21.58 2.55 -12.34
CA VAL E 291 21.69 1.71 -11.14
C VAL E 291 20.42 1.65 -10.31
N ALA E 292 19.59 2.68 -10.40
CA ALA E 292 18.39 2.73 -9.59
C ALA E 292 17.34 3.65 -10.17
N VAL E 293 16.08 3.33 -9.93
CA VAL E 293 14.95 4.12 -10.38
C VAL E 293 13.91 4.25 -9.28
N VAL E 294 13.60 5.48 -8.87
CA VAL E 294 12.52 5.68 -7.94
C VAL E 294 11.27 5.84 -8.82
N VAL E 295 10.30 4.96 -8.58
CA VAL E 295 9.08 4.84 -9.35
C VAL E 295 7.85 5.26 -8.56
N HIS E 296 7.03 6.13 -9.16
CA HIS E 296 5.76 6.53 -8.57
C HIS E 296 4.58 5.76 -9.16
N CYS E 297 3.82 5.15 -8.25
CA CYS E 297 2.66 4.33 -8.58
C CYS E 297 1.39 5.07 -8.17
N GLY E 298 0.49 5.30 -9.12
CA GLY E 298 -0.75 6.00 -8.85
C GLY E 298 -1.28 6.66 -10.11
N SER E 299 -2.61 6.81 -10.19
CA SER E 299 -3.21 7.44 -11.35
C SER E 299 -3.11 8.96 -11.35
N GLY E 300 -2.95 9.57 -10.19
CA GLY E 300 -2.89 11.01 -10.15
C GLY E 300 -1.70 11.53 -9.38
N PRO E 301 -1.53 12.85 -9.36
CA PRO E 301 -0.38 13.48 -8.71
C PRO E 301 -0.59 13.79 -7.23
N ASN E 302 -1.83 13.70 -6.76
CA ASN E 302 -2.12 14.09 -5.39
C ASN E 302 -1.99 12.93 -4.42
N ARG E 303 -1.97 11.71 -4.96
CA ARG E 303 -1.84 10.52 -4.13
C ARG E 303 -1.10 9.44 -4.91
N GLY E 304 -0.56 8.45 -4.19
CA GLY E 304 0.12 7.34 -4.82
C GLY E 304 1.06 6.60 -3.88
N HIS E 305 1.99 5.86 -4.46
CA HIS E 305 2.91 5.02 -3.70
C HIS E 305 4.28 4.97 -4.38
N TYR E 306 5.33 5.05 -3.59
CA TYR E 306 6.66 4.99 -4.16
C TYR E 306 7.35 3.66 -3.90
N ILE E 307 8.05 3.21 -4.93
CA ILE E 307 8.89 2.01 -4.87
C ILE E 307 10.21 2.31 -5.54
N THR E 308 11.21 1.45 -5.34
CA THR E 308 12.51 1.68 -5.97
C THR E 308 13.03 0.40 -6.62
N ILE E 309 13.60 0.51 -7.81
CA ILE E 309 14.26 -0.66 -8.38
C ILE E 309 15.75 -0.40 -8.41
N VAL E 310 16.55 -1.39 -8.04
CA VAL E 310 17.99 -1.18 -8.02
C VAL E 310 18.73 -2.34 -8.68
N LYS E 311 19.90 -2.04 -9.23
CA LYS E 311 20.73 -3.05 -9.84
C LYS E 311 21.84 -3.43 -8.89
N SER E 312 21.92 -4.72 -8.59
CA SER E 312 22.94 -5.22 -7.67
C SER E 312 23.52 -6.51 -8.20
N HIS E 313 24.84 -6.52 -8.39
CA HIS E 313 25.56 -7.67 -8.92
C HIS E 313 24.91 -8.29 -10.16
N GLY E 314 24.44 -7.43 -11.05
CA GLY E 314 23.84 -7.84 -12.32
C GLY E 314 22.36 -8.17 -12.38
N PHE E 315 21.69 -8.30 -11.24
CA PHE E 315 20.25 -8.57 -11.29
C PHE E 315 19.48 -7.41 -10.66
N TRP E 316 18.17 -7.35 -10.91
CA TRP E 316 17.35 -6.26 -10.38
C TRP E 316 16.50 -6.66 -9.17
N LEU E 317 16.44 -5.76 -8.19
CA LEU E 317 15.63 -5.93 -6.99
C LEU E 317 14.65 -4.78 -6.81
N LEU E 318 13.48 -5.13 -6.27
CA LEU E 318 12.40 -4.20 -5.97
C LEU E 318 12.16 -3.98 -4.50
N PHE E 319 12.25 -2.72 -4.10
CA PHE E 319 12.01 -2.33 -2.73
C PHE E 319 10.70 -1.56 -2.64
N ASP E 320 9.77 -2.13 -1.88
CA ASP E 320 8.46 -1.56 -1.63
C ASP E 320 8.34 -1.52 -0.13
N ASP E 321 8.75 -0.39 0.46
CA ASP E 321 8.83 -0.25 1.90
C ASP E 321 9.55 -1.46 2.52
N ASP E 322 8.82 -2.23 3.32
CA ASP E 322 9.41 -3.36 4.04
C ASP E 322 9.65 -4.60 3.18
N ILE E 323 9.12 -4.61 1.97
CA ILE E 323 9.25 -5.79 1.11
C ILE E 323 10.32 -5.63 0.02
N VAL E 324 11.16 -6.66 -0.14
CA VAL E 324 12.16 -6.68 -1.20
C VAL E 324 12.03 -7.96 -2.03
N GLU E 325 11.98 -7.85 -3.36
CA GLU E 325 11.94 -9.06 -4.20
C GLU E 325 12.80 -8.97 -5.46
N LYS E 326 13.38 -10.09 -5.87
CA LYS E 326 14.16 -10.12 -7.11
C LYS E 326 13.18 -10.11 -8.30
N ILE E 327 13.47 -9.31 -9.32
CA ILE E 327 12.62 -9.26 -10.50
C ILE E 327 13.45 -9.47 -11.77
N ASP E 328 12.85 -10.06 -12.81
CA ASP E 328 13.61 -10.26 -14.04
C ASP E 328 13.78 -8.94 -14.79
N ALA E 329 14.92 -8.81 -15.47
CA ALA E 329 15.26 -7.63 -16.26
C ALA E 329 14.28 -7.14 -17.32
N GLN E 330 13.61 -8.03 -18.03
CA GLN E 330 12.65 -7.58 -19.04
C GLN E 330 11.39 -6.87 -18.56
N ALA E 331 10.90 -7.21 -17.36
CA ALA E 331 9.69 -6.56 -16.85
C ALA E 331 9.83 -5.07 -16.52
N ILE E 332 11.06 -4.60 -16.26
CA ILE E 332 11.24 -3.20 -15.89
C ILE E 332 10.97 -2.23 -17.05
N GLU E 333 11.56 -2.47 -18.22
CA GLU E 333 11.28 -1.63 -19.37
C GLU E 333 9.80 -1.70 -19.74
N GLU E 334 9.19 -2.84 -19.46
CA GLU E 334 7.84 -3.10 -19.90
C GLU E 334 6.73 -2.59 -18.97
N PHE E 335 7.05 -2.20 -17.75
CA PHE E 335 6.01 -1.50 -16.99
C PHE E 335 6.31 -0.03 -16.70
N TYR E 336 7.57 0.36 -16.60
CA TYR E 336 7.83 1.77 -16.30
C TYR E 336 7.82 2.73 -17.49
N GLY E 337 6.68 3.40 -17.64
CA GLY E 337 6.31 4.08 -18.87
C GLY E 337 5.15 3.24 -19.39
N LEU E 338 3.96 3.50 -18.84
CA LEU E 338 2.78 2.70 -19.19
C LEU E 338 2.31 3.00 -20.61
N THR E 339 1.88 1.95 -21.32
CA THR E 339 1.33 2.07 -22.66
C THR E 339 -0.18 2.35 -22.63
N SER E 340 -0.64 3.32 -23.42
CA SER E 340 -2.05 3.68 -23.52
C SER E 340 -2.69 3.92 -22.16
N ASP E 341 -3.49 2.96 -21.68
CA ASP E 341 -4.17 3.05 -20.38
C ASP E 341 -4.24 1.66 -19.73
N ILE E 342 -4.05 0.62 -20.55
CA ILE E 342 -4.20 -0.77 -20.10
C ILE E 342 -3.19 -1.18 -19.03
N SER E 343 -3.27 -0.52 -17.87
CA SER E 343 -2.40 -0.85 -16.75
C SER E 343 -3.03 -0.40 -15.43
N LYS E 344 -2.91 -1.25 -14.42
CA LYS E 344 -3.48 -0.95 -13.11
C LYS E 344 -2.71 0.15 -12.37
N ASN E 345 -3.46 1.12 -11.87
CA ASN E 345 -2.97 2.26 -11.09
C ASN E 345 -1.67 2.95 -11.55
N SER E 346 -1.32 2.79 -12.83
CA SER E 346 -0.10 3.38 -13.43
C SER E 346 1.15 3.33 -12.54
N GLU E 347 2.16 2.58 -12.98
CA GLU E 347 3.44 2.56 -12.28
C GLU E 347 4.55 3.11 -13.17
N SER E 348 4.91 4.38 -12.94
CA SER E 348 5.85 5.04 -13.84
C SER E 348 7.11 5.61 -13.17
N GLY E 349 8.24 5.42 -13.87
CA GLY E 349 9.55 5.93 -13.48
C GLY E 349 9.58 7.44 -13.26
N TYR E 350 10.16 7.89 -12.15
CA TYR E 350 10.11 9.32 -11.85
C TYR E 350 11.50 9.90 -11.61
N ILE E 351 12.35 9.17 -10.87
CA ILE E 351 13.74 9.62 -10.71
C ILE E 351 14.70 8.49 -11.08
N LEU E 352 15.62 8.76 -12.00
CA LEU E 352 16.61 7.76 -12.41
C LEU E 352 18.01 8.15 -12.00
N PHE E 353 18.80 7.14 -11.63
CA PHE E 353 20.17 7.34 -11.18
C PHE E 353 21.15 6.60 -12.08
N TYR E 354 21.99 7.38 -12.76
CA TYR E 354 23.00 6.85 -13.65
C TYR E 354 24.37 7.01 -13.01
N GLN E 355 25.06 5.87 -12.94
CA GLN E 355 26.38 5.71 -12.35
C GLN E 355 27.46 5.67 -13.43
N SER E 356 28.49 6.51 -13.28
CA SER E 356 29.60 6.55 -14.23
C SER E 356 30.33 5.22 -14.14
N ARG E 357 30.81 4.73 -15.28
CA ARG E 357 31.55 3.47 -15.29
C ARG E 357 32.91 3.65 -14.62
N GLU E 358 33.29 2.67 -13.79
CA GLU E 358 34.50 2.78 -12.99
C GLU E 358 35.39 1.55 -13.10
N MET F 21 16.07 43.23 -13.39
CA MET F 21 16.77 42.28 -14.25
C MET F 21 15.85 41.22 -14.83
N GLN F 22 16.28 40.58 -15.92
CA GLN F 22 15.49 39.50 -16.51
C GLN F 22 16.07 38.10 -16.29
N ILE F 23 15.23 37.19 -15.79
CA ILE F 23 15.61 35.79 -15.61
C ILE F 23 14.71 34.87 -16.44
N PHE F 24 15.04 33.58 -16.47
CA PHE F 24 14.26 32.63 -17.27
C PHE F 24 13.66 31.53 -16.41
N VAL F 25 12.52 31.01 -16.84
CA VAL F 25 11.92 29.85 -16.18
C VAL F 25 11.61 28.76 -17.22
N LYS F 26 12.16 27.57 -17.03
CA LYS F 26 11.84 26.45 -17.91
C LYS F 26 10.60 25.71 -17.43
N THR F 27 9.48 25.84 -18.15
CA THR F 27 8.20 25.30 -17.69
C THR F 27 8.09 23.80 -17.95
N LEU F 28 6.92 23.24 -17.65
CA LEU F 28 6.66 21.81 -17.72
C LEU F 28 6.84 21.14 -19.08
N THR F 29 6.50 21.85 -20.14
CA THR F 29 6.66 21.33 -21.49
C THR F 29 8.05 21.58 -22.08
N GLY F 30 8.90 22.22 -21.29
CA GLY F 30 10.24 22.59 -21.75
C GLY F 30 10.30 23.99 -22.33
N LYS F 31 9.14 24.62 -22.48
CA LYS F 31 9.07 25.99 -22.97
C LYS F 31 9.69 26.95 -21.99
N THR F 32 10.51 27.87 -22.47
CA THR F 32 11.12 28.86 -21.61
C THR F 32 10.27 30.14 -21.57
N ILE F 33 10.03 30.68 -20.38
CA ILE F 33 9.35 31.96 -20.27
C ILE F 33 10.31 32.96 -19.62
N THR F 34 10.10 34.26 -19.86
CA THR F 34 10.93 35.28 -19.23
C THR F 34 10.24 35.92 -18.04
N LEU F 35 11.03 36.40 -17.08
CA LEU F 35 10.46 37.10 -15.93
C LEU F 35 11.26 38.36 -15.67
N GLU F 36 10.59 39.49 -15.49
CA GLU F 36 11.30 40.70 -15.12
C GLU F 36 11.27 40.77 -13.60
N VAL F 37 12.44 40.69 -13.00
CA VAL F 37 12.56 40.63 -11.55
C VAL F 37 13.60 41.61 -11.00
N GLU F 38 13.66 41.68 -9.67
CA GLU F 38 14.67 42.47 -8.98
C GLU F 38 15.33 41.59 -7.95
N PRO F 39 16.59 41.88 -7.61
CA PRO F 39 17.28 41.06 -6.62
C PRO F 39 16.54 41.05 -5.28
N SER F 40 15.82 42.12 -4.98
CA SER F 40 15.07 42.20 -3.74
C SER F 40 13.73 41.45 -3.74
N ASP F 41 13.32 40.97 -4.90
CA ASP F 41 12.07 40.22 -5.06
C ASP F 41 12.14 38.88 -4.31
N THR F 42 11.08 38.51 -3.60
CA THR F 42 11.10 37.22 -2.92
C THR F 42 10.68 36.08 -3.84
N ILE F 43 10.93 34.84 -3.42
CA ILE F 43 10.52 33.66 -4.17
C ILE F 43 9.00 33.51 -4.36
N GLU F 44 8.22 33.89 -3.35
CA GLU F 44 6.76 33.83 -3.48
C GLU F 44 6.29 34.76 -4.60
N ASN F 45 6.93 35.93 -4.68
CA ASN F 45 6.64 36.92 -5.71
C ASN F 45 6.98 36.39 -7.11
N VAL F 46 8.11 35.70 -7.17
CA VAL F 46 8.57 35.11 -8.43
C VAL F 46 7.55 34.06 -8.87
N LYS F 47 7.10 33.24 -7.93
CA LYS F 47 6.10 32.23 -8.23
C LYS F 47 4.80 32.89 -8.70
N ALA F 48 4.47 34.04 -8.13
CA ALA F 48 3.30 34.79 -8.57
C ALA F 48 3.44 35.26 -10.02
N LYS F 49 4.65 35.67 -10.38
CA LYS F 49 4.94 36.12 -11.74
C LYS F 49 4.88 34.96 -12.72
N ILE F 50 5.31 33.78 -12.27
CA ILE F 50 5.25 32.58 -13.09
C ILE F 50 3.78 32.23 -13.27
N GLN F 51 3.02 32.38 -12.19
CA GLN F 51 1.58 32.14 -12.18
C GLN F 51 0.87 33.04 -13.18
N ASP F 52 1.35 34.27 -13.35
CA ASP F 52 0.76 35.16 -14.34
C ASP F 52 0.86 34.66 -15.78
N LYS F 53 1.95 33.98 -16.12
CA LYS F 53 2.14 33.47 -17.48
C LYS F 53 1.61 32.04 -17.71
N GLU F 54 1.77 31.18 -16.71
CA GLU F 54 1.44 29.77 -16.85
C GLU F 54 0.15 29.42 -16.10
N GLY F 55 -0.22 30.24 -15.13
CA GLY F 55 -1.41 30.04 -14.31
C GLY F 55 -1.30 29.09 -13.12
N ILE F 56 -0.15 28.48 -12.94
CA ILE F 56 0.04 27.54 -11.83
C ILE F 56 0.14 28.28 -10.49
N PRO F 57 -0.73 27.94 -9.53
CA PRO F 57 -0.68 28.55 -8.20
C PRO F 57 0.68 28.34 -7.54
N PRO F 58 1.20 29.36 -6.85
CA PRO F 58 2.48 29.30 -6.15
C PRO F 58 2.60 28.15 -5.13
N ASP F 59 1.51 27.79 -4.47
CA ASP F 59 1.59 26.72 -3.49
C ASP F 59 1.88 25.37 -4.13
N GLN F 60 1.57 25.24 -5.41
CA GLN F 60 1.85 24.00 -6.13
C GLN F 60 3.24 24.01 -6.78
N GLN F 61 3.82 25.21 -6.89
CA GLN F 61 5.10 25.38 -7.60
C GLN F 61 6.33 25.05 -6.78
N ARG F 62 7.29 24.40 -7.42
CA ARG F 62 8.61 24.20 -6.85
C ARG F 62 9.67 24.71 -7.82
N LEU F 63 10.61 25.49 -7.32
CA LEU F 63 11.64 26.00 -8.21
C LEU F 63 13.03 25.48 -7.82
N ILE F 64 13.72 24.90 -8.81
CA ILE F 64 15.05 24.37 -8.58
C ILE F 64 16.03 25.23 -9.34
N PHE F 65 17.10 25.63 -8.67
CA PHE F 65 18.14 26.42 -9.30
C PHE F 65 19.48 26.05 -8.71
N ALA F 66 20.45 25.82 -9.58
CA ALA F 66 21.79 25.46 -9.15
C ALA F 66 21.79 24.24 -8.24
N GLY F 67 20.84 23.34 -8.47
CA GLY F 67 20.77 22.12 -7.69
C GLY F 67 20.06 22.28 -6.37
N LYS F 68 19.48 23.44 -6.11
CA LYS F 68 18.84 23.69 -4.84
C LYS F 68 17.40 24.18 -5.01
N GLN F 69 16.51 23.67 -4.16
CA GLN F 69 15.13 24.14 -4.16
C GLN F 69 14.99 25.45 -3.41
N LEU F 70 14.40 26.44 -4.08
CA LEU F 70 14.25 27.78 -3.53
C LEU F 70 13.18 27.87 -2.43
N GLU F 71 13.47 28.63 -1.40
CA GLU F 71 12.61 28.77 -0.21
C GLU F 71 11.81 30.04 -0.44
N ASP F 72 10.52 30.00 -0.13
CA ASP F 72 9.68 31.18 -0.23
C ASP F 72 10.05 32.37 0.65
N GLY F 73 10.70 32.11 1.79
CA GLY F 73 11.08 33.16 2.72
C GLY F 73 12.29 33.97 2.27
N ARG F 74 13.08 33.34 1.40
CA ARG F 74 14.30 33.92 0.85
C ARG F 74 14.06 34.73 -0.42
N THR F 75 15.05 35.56 -0.78
CA THR F 75 14.98 36.43 -1.96
C THR F 75 15.95 35.93 -3.03
N LEU F 76 15.84 36.48 -4.24
CA LEU F 76 16.80 36.15 -5.29
C LEU F 76 18.27 36.49 -5.03
N SER F 77 18.54 37.62 -4.37
CA SER F 77 19.92 37.98 -4.04
C SER F 77 20.53 36.98 -3.06
N ASP F 78 19.71 36.51 -2.14
CA ASP F 78 20.12 35.51 -1.16
C ASP F 78 20.65 34.25 -1.85
N TYR F 79 20.08 33.91 -3.00
CA TYR F 79 20.51 32.71 -3.71
C TYR F 79 21.50 33.11 -4.79
N ASN F 80 21.75 34.41 -4.86
CA ASN F 80 22.64 35.00 -5.87
C ASN F 80 22.20 34.61 -7.30
N ILE F 81 20.93 34.86 -7.58
CA ILE F 81 20.30 34.59 -8.88
C ILE F 81 20.37 35.88 -9.72
N GLN F 82 21.36 35.95 -10.60
CA GLN F 82 21.56 37.14 -11.41
C GLN F 82 20.92 36.98 -12.79
N LYS F 83 20.97 38.06 -13.58
CA LYS F 83 20.39 38.06 -14.93
C LYS F 83 20.86 36.87 -15.78
N GLU F 84 19.94 36.42 -16.64
CA GLU F 84 20.11 35.32 -17.60
C GLU F 84 20.14 33.94 -16.92
N SER F 85 19.92 33.93 -15.61
CA SER F 85 19.78 32.68 -14.85
C SER F 85 18.58 31.88 -15.33
N THR F 86 18.72 30.56 -15.40
CA THR F 86 17.59 29.72 -15.75
C THR F 86 17.12 28.93 -14.52
N LEU F 87 15.86 29.19 -14.15
CA LEU F 87 15.19 28.44 -13.09
C LEU F 87 14.41 27.26 -13.66
N HIS F 88 14.39 26.17 -12.91
CA HIS F 88 13.68 24.99 -13.35
C HIS F 88 12.39 24.84 -12.56
N LEU F 89 11.27 24.95 -13.28
CA LEU F 89 9.97 24.87 -12.64
C LEU F 89 9.51 23.43 -12.62
N VAL F 90 9.11 22.97 -11.45
CA VAL F 90 8.61 21.64 -11.32
C VAL F 90 7.44 21.64 -10.33
N LEU F 91 6.55 20.66 -10.44
CA LEU F 91 5.44 20.51 -9.50
C LEU F 91 5.66 19.29 -8.62
N ARG F 92 4.60 18.59 -8.28
CA ARG F 92 4.75 17.50 -7.35
C ARG F 92 3.99 16.24 -7.73
N LEU F 93 4.58 15.10 -7.39
CA LEU F 93 3.90 13.80 -7.45
C LEU F 93 3.91 13.22 -6.04
N ARG F 94 2.80 13.36 -5.34
CA ARG F 94 2.70 12.89 -3.97
C ARG F 94 2.49 11.38 -3.88
N GLY F 95 3.10 10.76 -2.88
CA GLY F 95 2.94 9.33 -2.65
C GLY F 95 3.11 8.99 -1.19
N GLY F 96 2.55 7.86 -0.77
CA GLY F 96 2.67 7.38 0.59
C GLY F 96 3.28 6.00 0.72
#